data_1C9H
# 
_entry.id   1C9H 
# 
_audit_conform.dict_name       mmcif_pdbx.dic 
_audit_conform.dict_version    5.385 
_audit_conform.dict_location   http://mmcif.pdb.org/dictionaries/ascii/mmcif_pdbx.dic 
# 
loop_
_database_2.database_id 
_database_2.database_code 
_database_2.pdbx_database_accession 
_database_2.pdbx_DOI 
PDB   1C9H         pdb_00001c9h 10.2210/pdb1c9h/pdb 
RCSB  RCSB009458   ?            ?                   
WWPDB D_1000009458 ?            ?                   
# 
loop_
_pdbx_audit_revision_history.ordinal 
_pdbx_audit_revision_history.data_content_type 
_pdbx_audit_revision_history.major_revision 
_pdbx_audit_revision_history.minor_revision 
_pdbx_audit_revision_history.revision_date 
1 'Structure model' 1 0 2000-08-03 
2 'Structure model' 1 1 2008-04-27 
3 'Structure model' 1 2 2011-07-13 
4 'Structure model' 1 3 2024-02-07 
# 
_pdbx_audit_revision_details.ordinal             1 
_pdbx_audit_revision_details.revision_ordinal    1 
_pdbx_audit_revision_details.data_content_type   'Structure model' 
_pdbx_audit_revision_details.provider            repository 
_pdbx_audit_revision_details.type                'Initial release' 
_pdbx_audit_revision_details.description         ? 
_pdbx_audit_revision_details.details             ? 
# 
loop_
_pdbx_audit_revision_group.ordinal 
_pdbx_audit_revision_group.revision_ordinal 
_pdbx_audit_revision_group.data_content_type 
_pdbx_audit_revision_group.group 
1 2 'Structure model' 'Version format compliance' 
2 3 'Structure model' 'Version format compliance' 
3 4 'Structure model' 'Data collection'           
4 4 'Structure model' 'Database references'       
5 4 'Structure model' 'Derived calculations'      
# 
loop_
_pdbx_audit_revision_category.ordinal 
_pdbx_audit_revision_category.revision_ordinal 
_pdbx_audit_revision_category.data_content_type 
_pdbx_audit_revision_category.category 
1 4 'Structure model' chem_comp_atom 
2 4 'Structure model' chem_comp_bond 
3 4 'Structure model' database_2     
4 4 'Structure model' struct_site    
# 
loop_
_pdbx_audit_revision_item.ordinal 
_pdbx_audit_revision_item.revision_ordinal 
_pdbx_audit_revision_item.data_content_type 
_pdbx_audit_revision_item.item 
1 4 'Structure model' '_database_2.pdbx_DOI'                
2 4 'Structure model' '_database_2.pdbx_database_accession' 
3 4 'Structure model' '_struct_site.pdbx_auth_asym_id'      
4 4 'Structure model' '_struct_site.pdbx_auth_comp_id'      
5 4 'Structure model' '_struct_site.pdbx_auth_seq_id'       
# 
_pdbx_database_status.status_code                     REL 
_pdbx_database_status.entry_id                        1C9H 
_pdbx_database_status.recvd_initial_deposition_date   1999-08-02 
_pdbx_database_status.deposit_site                    RCSB 
_pdbx_database_status.process_site                    RCSB 
_pdbx_database_status.SG_entry                        . 
_pdbx_database_status.pdb_format_compatible           Y 
_pdbx_database_status.status_code_mr                  ? 
_pdbx_database_status.status_code_sf                  ? 
_pdbx_database_status.status_code_cs                  ? 
_pdbx_database_status.status_code_nmr_data            ? 
_pdbx_database_status.methods_development_category    ? 
# 
loop_
_pdbx_database_related.db_name 
_pdbx_database_related.db_id 
_pdbx_database_related.details 
_pdbx_database_related.content_type 
PDB 1FKL 'SIMILAR PROTEIN WHICH BINDS TO RYANODINE RECEPTOR OF MUSCLE (RYR1)' unspecified 
PDB 1FAP 'SIMILAR PROTEIN WHICH BINDS TO RYANODINE RECEPTOR OF MUSCLE (RYR1)' unspecified 
# 
loop_
_audit_author.name 
_audit_author.pdbx_ordinal 
'Deivanayagam, C.C.S.' 1 
'Carson, M.'           2 
'Thotakura, A.'        3 
'Narayana, S.V.L.'     4 
'Chodavarapu, C.S.'    5 
# 
_citation.id                        primary 
_citation.title                     'Structure of FKBP12.6 in complex with rapamycin.' 
_citation.journal_abbrev            'Acta Crystallogr.,Sect.D' 
_citation.journal_volume            56 
_citation.page_first                266 
_citation.page_last                 271 
_citation.year                      2000 
_citation.journal_id_ASTM           ABCRE6 
_citation.country                   DK 
_citation.journal_id_ISSN           0907-4449 
_citation.journal_id_CSD            0766 
_citation.book_publisher            ? 
_citation.pdbx_database_id_PubMed   10713512 
_citation.pdbx_database_id_DOI      10.1107/S0907444999016571 
# 
loop_
_citation_author.citation_id 
_citation_author.name 
_citation_author.ordinal 
_citation_author.identifier_ORCID 
primary 'Deivanayagam, C.C.' 1 ? 
primary 'Carson, M.'         2 ? 
primary 'Thotakura, A.'      3 ? 
primary 'Narayana, S.V.'     4 ? 
primary 'Chodavarapu, R.S.'  5 ? 
# 
loop_
_entity.id 
_entity.type 
_entity.src_method 
_entity.pdbx_description 
_entity.formula_weight 
_entity.pdbx_number_of_molecules 
_entity.pdbx_ec 
_entity.pdbx_mutation 
_entity.pdbx_fragment 
_entity.details 
1 polymer     man FKBP12.6                           11667.305 1   ? ? FKBP12.6 ? 
2 non-polymer syn 'RAPAMYCIN IMMUNOSUPPRESSANT DRUG' 914.172   1   ? ? ?        ? 
3 water       nat water                              18.015    101 ? ? ?        ? 
# 
_entity_name_com.entity_id   1 
_entity_name_com.name        CALCINEURIN 
# 
_entity_poly.entity_id                      1 
_entity_poly.type                           'polypeptide(L)' 
_entity_poly.nstd_linkage                   no 
_entity_poly.nstd_monomer                   no 
_entity_poly.pdbx_seq_one_letter_code       
;GVEIETISPGDGRTFPKKGQTCVVHYTGMLQNGKKFDSSRDRNKPFKFRIGKQEVIKGFEEGAAQMSLGQRAKLTCTPDV
AYGATGHPGVIPPNATLIFDVELLNLE
;
_entity_poly.pdbx_seq_one_letter_code_can   
;GVEIETISPGDGRTFPKKGQTCVVHYTGMLQNGKKFDSSRDRNKPFKFRIGKQEVIKGFEEGAAQMSLGQRAKLTCTPDV
AYGATGHPGVIPPNATLIFDVELLNLE
;
_entity_poly.pdbx_strand_id                 A 
_entity_poly.pdbx_target_identifier         ? 
# 
loop_
_pdbx_entity_nonpoly.entity_id 
_pdbx_entity_nonpoly.name 
_pdbx_entity_nonpoly.comp_id 
2 'RAPAMYCIN IMMUNOSUPPRESSANT DRUG' RAP 
3 water                              HOH 
# 
loop_
_entity_poly_seq.entity_id 
_entity_poly_seq.num 
_entity_poly_seq.mon_id 
_entity_poly_seq.hetero 
1 1   GLY n 
1 2   VAL n 
1 3   GLU n 
1 4   ILE n 
1 5   GLU n 
1 6   THR n 
1 7   ILE n 
1 8   SER n 
1 9   PRO n 
1 10  GLY n 
1 11  ASP n 
1 12  GLY n 
1 13  ARG n 
1 14  THR n 
1 15  PHE n 
1 16  PRO n 
1 17  LYS n 
1 18  LYS n 
1 19  GLY n 
1 20  GLN n 
1 21  THR n 
1 22  CYS n 
1 23  VAL n 
1 24  VAL n 
1 25  HIS n 
1 26  TYR n 
1 27  THR n 
1 28  GLY n 
1 29  MET n 
1 30  LEU n 
1 31  GLN n 
1 32  ASN n 
1 33  GLY n 
1 34  LYS n 
1 35  LYS n 
1 36  PHE n 
1 37  ASP n 
1 38  SER n 
1 39  SER n 
1 40  ARG n 
1 41  ASP n 
1 42  ARG n 
1 43  ASN n 
1 44  LYS n 
1 45  PRO n 
1 46  PHE n 
1 47  LYS n 
1 48  PHE n 
1 49  ARG n 
1 50  ILE n 
1 51  GLY n 
1 52  LYS n 
1 53  GLN n 
1 54  GLU n 
1 55  VAL n 
1 56  ILE n 
1 57  LYS n 
1 58  GLY n 
1 59  PHE n 
1 60  GLU n 
1 61  GLU n 
1 62  GLY n 
1 63  ALA n 
1 64  ALA n 
1 65  GLN n 
1 66  MET n 
1 67  SER n 
1 68  LEU n 
1 69  GLY n 
1 70  GLN n 
1 71  ARG n 
1 72  ALA n 
1 73  LYS n 
1 74  LEU n 
1 75  THR n 
1 76  CYS n 
1 77  THR n 
1 78  PRO n 
1 79  ASP n 
1 80  VAL n 
1 81  ALA n 
1 82  TYR n 
1 83  GLY n 
1 84  ALA n 
1 85  THR n 
1 86  GLY n 
1 87  HIS n 
1 88  PRO n 
1 89  GLY n 
1 90  VAL n 
1 91  ILE n 
1 92  PRO n 
1 93  PRO n 
1 94  ASN n 
1 95  ALA n 
1 96  THR n 
1 97  LEU n 
1 98  ILE n 
1 99  PHE n 
1 100 ASP n 
1 101 VAL n 
1 102 GLU n 
1 103 LEU n 
1 104 LEU n 
1 105 ASN n 
1 106 LEU n 
1 107 GLU n 
# 
_entity_src_gen.entity_id                          1 
_entity_src_gen.pdbx_src_id                        1 
_entity_src_gen.pdbx_alt_source_flag               sample 
_entity_src_gen.pdbx_seq_type                      ? 
_entity_src_gen.pdbx_beg_seq_num                   ? 
_entity_src_gen.pdbx_end_seq_num                   ? 
_entity_src_gen.gene_src_common_name               human 
_entity_src_gen.gene_src_genus                     Homo 
_entity_src_gen.pdbx_gene_src_gene                 CDNA 
_entity_src_gen.gene_src_species                   ? 
_entity_src_gen.gene_src_strain                    ? 
_entity_src_gen.gene_src_tissue                    ? 
_entity_src_gen.gene_src_tissue_fraction           ? 
_entity_src_gen.gene_src_details                   ? 
_entity_src_gen.pdbx_gene_src_fragment             ? 
_entity_src_gen.pdbx_gene_src_scientific_name      'Homo sapiens' 
_entity_src_gen.pdbx_gene_src_ncbi_taxonomy_id     9606 
_entity_src_gen.pdbx_gene_src_variant              ? 
_entity_src_gen.pdbx_gene_src_cell_line            ? 
_entity_src_gen.pdbx_gene_src_atcc                 ? 
_entity_src_gen.pdbx_gene_src_organ                BRAIN 
_entity_src_gen.pdbx_gene_src_organelle            ? 
_entity_src_gen.pdbx_gene_src_cell                 ? 
_entity_src_gen.pdbx_gene_src_cellular_location    ? 
_entity_src_gen.host_org_common_name               ? 
_entity_src_gen.pdbx_host_org_scientific_name      'Escherichia coli' 
_entity_src_gen.pdbx_host_org_ncbi_taxonomy_id     562 
_entity_src_gen.host_org_genus                     Escherichia 
_entity_src_gen.pdbx_host_org_gene                 ? 
_entity_src_gen.pdbx_host_org_organ                ? 
_entity_src_gen.host_org_species                   ? 
_entity_src_gen.pdbx_host_org_tissue               ? 
_entity_src_gen.pdbx_host_org_tissue_fraction      ? 
_entity_src_gen.pdbx_host_org_strain               ? 
_entity_src_gen.pdbx_host_org_variant              ? 
_entity_src_gen.pdbx_host_org_cell_line            ? 
_entity_src_gen.pdbx_host_org_atcc                 ? 
_entity_src_gen.pdbx_host_org_culture_collection   ? 
_entity_src_gen.pdbx_host_org_cell                 ? 
_entity_src_gen.pdbx_host_org_organelle            ? 
_entity_src_gen.pdbx_host_org_cellular_location    ? 
_entity_src_gen.pdbx_host_org_vector_type          PLASMID 
_entity_src_gen.pdbx_host_org_vector               ? 
_entity_src_gen.host_org_details                   ? 
_entity_src_gen.expression_system_id               ? 
_entity_src_gen.plasmid_name                       PET23A 
_entity_src_gen.plasmid_details                    ? 
_entity_src_gen.pdbx_description                   ? 
# 
loop_
_chem_comp.id 
_chem_comp.type 
_chem_comp.mon_nstd_flag 
_chem_comp.name 
_chem_comp.pdbx_synonyms 
_chem_comp.formula 
_chem_comp.formula_weight 
ALA 'L-peptide linking' y ALANINE                            ? 'C3 H7 N O2'     89.093  
ARG 'L-peptide linking' y ARGININE                           ? 'C6 H15 N4 O2 1' 175.209 
ASN 'L-peptide linking' y ASPARAGINE                         ? 'C4 H8 N2 O3'    132.118 
ASP 'L-peptide linking' y 'ASPARTIC ACID'                    ? 'C4 H7 N O4'     133.103 
CYS 'L-peptide linking' y CYSTEINE                           ? 'C3 H7 N O2 S'   121.158 
GLN 'L-peptide linking' y GLUTAMINE                          ? 'C5 H10 N2 O3'   146.144 
GLU 'L-peptide linking' y 'GLUTAMIC ACID'                    ? 'C5 H9 N O4'     147.129 
GLY 'peptide linking'   y GLYCINE                            ? 'C2 H5 N O2'     75.067  
HIS 'L-peptide linking' y HISTIDINE                          ? 'C6 H10 N3 O2 1' 156.162 
HOH non-polymer         . WATER                              ? 'H2 O'           18.015  
ILE 'L-peptide linking' y ISOLEUCINE                         ? 'C6 H13 N O2'    131.173 
LEU 'L-peptide linking' y LEUCINE                            ? 'C6 H13 N O2'    131.173 
LYS 'L-peptide linking' y LYSINE                             ? 'C6 H15 N2 O2 1' 147.195 
MET 'L-peptide linking' y METHIONINE                         ? 'C5 H11 N O2 S'  149.211 
PHE 'L-peptide linking' y PHENYLALANINE                      ? 'C9 H11 N O2'    165.189 
PRO 'L-peptide linking' y PROLINE                            ? 'C5 H9 N O2'     115.130 
RAP non-polymer         . 'RAPAMYCIN IMMUNOSUPPRESSANT DRUG' ? 'C51 H79 N O13'  914.172 
SER 'L-peptide linking' y SERINE                             ? 'C3 H7 N O3'     105.093 
THR 'L-peptide linking' y THREONINE                          ? 'C4 H9 N O3'     119.119 
TYR 'L-peptide linking' y TYROSINE                           ? 'C9 H11 N O3'    181.189 
VAL 'L-peptide linking' y VALINE                             ? 'C5 H11 N O2'    117.146 
# 
loop_
_pdbx_poly_seq_scheme.asym_id 
_pdbx_poly_seq_scheme.entity_id 
_pdbx_poly_seq_scheme.seq_id 
_pdbx_poly_seq_scheme.mon_id 
_pdbx_poly_seq_scheme.ndb_seq_num 
_pdbx_poly_seq_scheme.pdb_seq_num 
_pdbx_poly_seq_scheme.auth_seq_num 
_pdbx_poly_seq_scheme.pdb_mon_id 
_pdbx_poly_seq_scheme.auth_mon_id 
_pdbx_poly_seq_scheme.pdb_strand_id 
_pdbx_poly_seq_scheme.pdb_ins_code 
_pdbx_poly_seq_scheme.hetero 
A 1 1   GLY 1   1   1   GLY GLY A . n 
A 1 2   VAL 2   2   2   VAL VAL A . n 
A 1 3   GLU 3   3   3   GLU GLU A . n 
A 1 4   ILE 4   4   4   ILE ILE A . n 
A 1 5   GLU 5   5   5   GLU GLU A . n 
A 1 6   THR 6   6   6   THR THR A . n 
A 1 7   ILE 7   7   7   ILE ILE A . n 
A 1 8   SER 8   8   8   SER SER A . n 
A 1 9   PRO 9   9   9   PRO PRO A . n 
A 1 10  GLY 10  10  10  GLY GLY A . n 
A 1 11  ASP 11  11  11  ASP ASP A . n 
A 1 12  GLY 12  12  12  GLY GLY A . n 
A 1 13  ARG 13  13  13  ARG ARG A . n 
A 1 14  THR 14  14  14  THR THR A . n 
A 1 15  PHE 15  15  15  PHE PHE A . n 
A 1 16  PRO 16  16  16  PRO PRO A . n 
A 1 17  LYS 17  17  17  LYS LYS A . n 
A 1 18  LYS 18  18  18  LYS LYS A . n 
A 1 19  GLY 19  19  19  GLY GLY A . n 
A 1 20  GLN 20  20  20  GLN GLN A . n 
A 1 21  THR 21  21  21  THR THR A . n 
A 1 22  CYS 22  22  22  CYS CYS A . n 
A 1 23  VAL 23  23  23  VAL VAL A . n 
A 1 24  VAL 24  24  24  VAL VAL A . n 
A 1 25  HIS 25  25  25  HIS HIS A . n 
A 1 26  TYR 26  26  26  TYR TYR A . n 
A 1 27  THR 27  27  27  THR THR A . n 
A 1 28  GLY 28  28  28  GLY GLY A . n 
A 1 29  MET 29  29  29  MET MET A . n 
A 1 30  LEU 30  30  30  LEU LEU A . n 
A 1 31  GLN 31  31  31  GLN GLN A . n 
A 1 32  ASN 32  32  32  ASN ASN A . n 
A 1 33  GLY 33  33  33  GLY GLY A . n 
A 1 34  LYS 34  34  34  LYS LYS A . n 
A 1 35  LYS 35  35  35  LYS LYS A . n 
A 1 36  PHE 36  36  36  PHE PHE A . n 
A 1 37  ASP 37  37  37  ASP ASP A . n 
A 1 38  SER 38  38  38  SER SER A . n 
A 1 39  SER 39  39  39  SER SER A . n 
A 1 40  ARG 40  40  40  ARG ARG A . n 
A 1 41  ASP 41  41  41  ASP ASP A . n 
A 1 42  ARG 42  42  42  ARG ARG A . n 
A 1 43  ASN 43  43  43  ASN ASN A . n 
A 1 44  LYS 44  44  44  LYS LYS A . n 
A 1 45  PRO 45  45  45  PRO PRO A . n 
A 1 46  PHE 46  46  46  PHE PHE A . n 
A 1 47  LYS 47  47  47  LYS LYS A . n 
A 1 48  PHE 48  48  48  PHE PHE A . n 
A 1 49  ARG 49  49  49  ARG ARG A . n 
A 1 50  ILE 50  50  50  ILE ILE A . n 
A 1 51  GLY 51  51  51  GLY GLY A . n 
A 1 52  LYS 52  52  52  LYS LYS A . n 
A 1 53  GLN 53  53  53  GLN GLN A . n 
A 1 54  GLU 54  54  54  GLU GLU A . n 
A 1 55  VAL 55  55  55  VAL VAL A . n 
A 1 56  ILE 56  56  56  ILE ILE A . n 
A 1 57  LYS 57  57  57  LYS LYS A . n 
A 1 58  GLY 58  58  58  GLY GLY A . n 
A 1 59  PHE 59  59  59  PHE PHE A . n 
A 1 60  GLU 60  60  60  GLU GLU A . n 
A 1 61  GLU 61  61  61  GLU GLU A . n 
A 1 62  GLY 62  62  62  GLY GLY A . n 
A 1 63  ALA 63  63  63  ALA ALA A . n 
A 1 64  ALA 64  64  64  ALA ALA A . n 
A 1 65  GLN 65  65  65  GLN GLN A . n 
A 1 66  MET 66  66  66  MET MET A . n 
A 1 67  SER 67  67  67  SER SER A . n 
A 1 68  LEU 68  68  68  LEU LEU A . n 
A 1 69  GLY 69  69  69  GLY GLY A . n 
A 1 70  GLN 70  70  70  GLN GLN A . n 
A 1 71  ARG 71  71  71  ARG ARG A . n 
A 1 72  ALA 72  72  72  ALA ALA A . n 
A 1 73  LYS 73  73  73  LYS LYS A . n 
A 1 74  LEU 74  74  74  LEU LEU A . n 
A 1 75  THR 75  75  75  THR THR A . n 
A 1 76  CYS 76  76  76  CYS CYS A . n 
A 1 77  THR 77  77  77  THR THR A . n 
A 1 78  PRO 78  78  78  PRO PRO A . n 
A 1 79  ASP 79  79  79  ASP ASP A . n 
A 1 80  VAL 80  80  80  VAL VAL A . n 
A 1 81  ALA 81  81  81  ALA ALA A . n 
A 1 82  TYR 82  82  82  TYR TYR A . n 
A 1 83  GLY 83  83  83  GLY GLY A . n 
A 1 84  ALA 84  84  84  ALA ALA A . n 
A 1 85  THR 85  85  85  THR THR A . n 
A 1 86  GLY 86  86  86  GLY GLY A . n 
A 1 87  HIS 87  87  87  HIS HIS A . n 
A 1 88  PRO 88  88  88  PRO PRO A . n 
A 1 89  GLY 89  89  89  GLY GLY A . n 
A 1 90  VAL 90  90  90  VAL VAL A . n 
A 1 91  ILE 91  91  91  ILE ILE A . n 
A 1 92  PRO 92  92  92  PRO PRO A . n 
A 1 93  PRO 93  93  93  PRO PRO A . n 
A 1 94  ASN 94  94  94  ASN ASN A . n 
A 1 95  ALA 95  95  95  ALA ALA A . n 
A 1 96  THR 96  96  96  THR THR A . n 
A 1 97  LEU 97  97  97  LEU LEU A . n 
A 1 98  ILE 98  98  98  ILE ILE A . n 
A 1 99  PHE 99  99  99  PHE PHE A . n 
A 1 100 ASP 100 100 100 ASP ASP A . n 
A 1 101 VAL 101 101 101 VAL VAL A . n 
A 1 102 GLU 102 102 102 GLU GLU A . n 
A 1 103 LEU 103 103 103 LEU LEU A . n 
A 1 104 LEU 104 104 104 LEU LEU A . n 
A 1 105 ASN 105 105 105 ASN ASN A . n 
A 1 106 LEU 106 106 106 LEU LEU A . n 
A 1 107 GLU 107 107 107 GLU GLU A . n 
# 
loop_
_pdbx_nonpoly_scheme.asym_id 
_pdbx_nonpoly_scheme.entity_id 
_pdbx_nonpoly_scheme.mon_id 
_pdbx_nonpoly_scheme.ndb_seq_num 
_pdbx_nonpoly_scheme.pdb_seq_num 
_pdbx_nonpoly_scheme.auth_seq_num 
_pdbx_nonpoly_scheme.pdb_mon_id 
_pdbx_nonpoly_scheme.auth_mon_id 
_pdbx_nonpoly_scheme.pdb_strand_id 
_pdbx_nonpoly_scheme.pdb_ins_code 
B 2 RAP 1   108 108 RAP RAP A . 
C 3 HOH 1   109 109 HOH HOH A . 
C 3 HOH 2   110 110 HOH HOH A . 
C 3 HOH 3   111 111 HOH HOH A . 
C 3 HOH 4   113 113 HOH HOH A . 
C 3 HOH 5   115 115 HOH HOH A . 
C 3 HOH 6   116 116 HOH HOH A . 
C 3 HOH 7   117 117 HOH HOH A . 
C 3 HOH 8   118 118 HOH HOH A . 
C 3 HOH 9   119 119 HOH HOH A . 
C 3 HOH 10  120 120 HOH HOH A . 
C 3 HOH 11  121 121 HOH HOH A . 
C 3 HOH 12  122 122 HOH HOH A . 
C 3 HOH 13  123 123 HOH HOH A . 
C 3 HOH 14  124 124 HOH HOH A . 
C 3 HOH 15  125 125 HOH HOH A . 
C 3 HOH 16  126 126 HOH HOH A . 
C 3 HOH 17  127 127 HOH HOH A . 
C 3 HOH 18  129 129 HOH HOH A . 
C 3 HOH 19  130 130 HOH HOH A . 
C 3 HOH 20  131 131 HOH HOH A . 
C 3 HOH 21  133 133 HOH HOH A . 
C 3 HOH 22  135 135 HOH HOH A . 
C 3 HOH 23  136 136 HOH HOH A . 
C 3 HOH 24  137 137 HOH HOH A . 
C 3 HOH 25  138 138 HOH HOH A . 
C 3 HOH 26  139 139 HOH HOH A . 
C 3 HOH 27  140 140 HOH HOH A . 
C 3 HOH 28  141 141 HOH HOH A . 
C 3 HOH 29  142 142 HOH HOH A . 
C 3 HOH 30  143 143 HOH HOH A . 
C 3 HOH 31  144 144 HOH HOH A . 
C 3 HOH 32  145 145 HOH HOH A . 
C 3 HOH 33  146 146 HOH HOH A . 
C 3 HOH 34  147 147 HOH HOH A . 
C 3 HOH 35  148 148 HOH HOH A . 
C 3 HOH 36  149 149 HOH HOH A . 
C 3 HOH 37  150 150 HOH HOH A . 
C 3 HOH 38  151 151 HOH HOH A . 
C 3 HOH 39  152 152 HOH HOH A . 
C 3 HOH 40  153 153 HOH HOH A . 
C 3 HOH 41  154 154 HOH HOH A . 
C 3 HOH 42  155 155 HOH HOH A . 
C 3 HOH 43  156 156 HOH HOH A . 
C 3 HOH 44  157 157 HOH HOH A . 
C 3 HOH 45  158 158 HOH HOH A . 
C 3 HOH 46  159 159 HOH HOH A . 
C 3 HOH 47  160 160 HOH HOH A . 
C 3 HOH 48  161 161 HOH HOH A . 
C 3 HOH 49  162 162 HOH HOH A . 
C 3 HOH 50  163 163 HOH HOH A . 
C 3 HOH 51  164 164 HOH HOH A . 
C 3 HOH 52  165 165 HOH HOH A . 
C 3 HOH 53  166 166 HOH HOH A . 
C 3 HOH 54  167 167 HOH HOH A . 
C 3 HOH 55  168 168 HOH HOH A . 
C 3 HOH 56  170 170 HOH HOH A . 
C 3 HOH 57  171 171 HOH HOH A . 
C 3 HOH 58  172 172 HOH HOH A . 
C 3 HOH 59  173 173 HOH HOH A . 
C 3 HOH 60  174 174 HOH HOH A . 
C 3 HOH 61  175 175 HOH HOH A . 
C 3 HOH 62  176 176 HOH HOH A . 
C 3 HOH 63  177 177 HOH HOH A . 
C 3 HOH 64  178 178 HOH HOH A . 
C 3 HOH 65  179 179 HOH HOH A . 
C 3 HOH 66  180 180 HOH HOH A . 
C 3 HOH 67  181 181 HOH HOH A . 
C 3 HOH 68  182 182 HOH HOH A . 
C 3 HOH 69  184 184 HOH HOH A . 
C 3 HOH 70  186 186 HOH HOH A . 
C 3 HOH 71  187 187 HOH HOH A . 
C 3 HOH 72  188 188 HOH HOH A . 
C 3 HOH 73  190 190 HOH HOH A . 
C 3 HOH 74  191 191 HOH HOH A . 
C 3 HOH 75  192 192 HOH HOH A . 
C 3 HOH 76  193 193 HOH HOH A . 
C 3 HOH 77  195 195 HOH HOH A . 
C 3 HOH 78  196 196 HOH HOH A . 
C 3 HOH 79  198 198 HOH HOH A . 
C 3 HOH 80  199 199 HOH HOH A . 
C 3 HOH 81  200 200 HOH HOH A . 
C 3 HOH 82  201 201 HOH HOH A . 
C 3 HOH 83  203 203 HOH HOH A . 
C 3 HOH 84  204 204 HOH HOH A . 
C 3 HOH 85  205 205 HOH HOH A . 
C 3 HOH 86  206 206 HOH HOH A . 
C 3 HOH 87  210 210 HOH HOH A . 
C 3 HOH 88  213 213 HOH HOH A . 
C 3 HOH 89  215 215 HOH HOH A . 
C 3 HOH 90  219 219 HOH HOH A . 
C 3 HOH 91  220 220 HOH HOH A . 
C 3 HOH 92  222 222 HOH HOH A . 
C 3 HOH 93  223 223 HOH HOH A . 
C 3 HOH 94  226 226 HOH HOH A . 
C 3 HOH 95  227 227 HOH HOH A . 
C 3 HOH 96  233 233 HOH HOH A . 
C 3 HOH 97  234 234 HOH HOH A . 
C 3 HOH 98  235 235 HOH HOH A . 
C 3 HOH 99  239 239 HOH HOH A . 
C 3 HOH 100 245 245 HOH HOH A . 
C 3 HOH 101 257 257 HOH HOH A . 
# 
loop_
_software.name 
_software.classification 
_software.version 
_software.citation_id 
_software.pdbx_ordinal 
X-PLOR    'model building' .   ? 1 
ARP       'model building' .   ? 2 
CNS       refinement       0.4 ? 3 
O         'model building' .   ? 4 
OOPS      refinement       .   ? 5 
DENZO     'data reduction' .   ? 6 
SCALEPACK 'data scaling'   .   ? 7 
X-PLOR    phasing          .   ? 8 
# 
_cell.entry_id           1C9H 
_cell.length_a           45.696 
_cell.length_b           49.288 
_cell.length_c           51.694 
_cell.angle_alpha        90.00 
_cell.angle_beta         90.00 
_cell.angle_gamma        90.00 
_cell.Z_PDB              4 
_cell.pdbx_unique_axis   ? 
# 
_symmetry.entry_id                         1C9H 
_symmetry.space_group_name_H-M             'P 21 21 21' 
_symmetry.pdbx_full_space_group_name_H-M   ? 
_symmetry.cell_setting                     ? 
_symmetry.Int_Tables_number                19 
# 
_exptl.entry_id          1C9H 
_exptl.method            'X-RAY DIFFRACTION' 
_exptl.crystals_number   1 
# 
_exptl_crystal.id                    1 
_exptl_crystal.density_meas          ? 
_exptl_crystal.density_Matthews      2.49 
_exptl_crystal.density_percent_sol   50.67 
_exptl_crystal.description           ? 
# 
_exptl_crystal_grow.crystal_id      1 
_exptl_crystal_grow.method          'VAPOR DIFFUSION, HANGING DROP' 
_exptl_crystal_grow.temp            298 
_exptl_crystal_grow.temp_details    ? 
_exptl_crystal_grow.pH              7.4 
_exptl_crystal_grow.pdbx_details    
'PEG 4000, LITHIUM SULFATE, HEPES BUFFER, pH 7.4, VAPOR DIFFUSION, HANGING DROP, temperature 298K' 
_exptl_crystal_grow.pdbx_pH_range   . 
# 
_diffrn.id                     1 
_diffrn.ambient_temp           100.0 
_diffrn.ambient_temp_details   ? 
_diffrn.crystal_id             1 
# 
_diffrn_detector.diffrn_id              1 
_diffrn_detector.detector               'IMAGE PLATE' 
_diffrn_detector.type                   'RIGAKU RAXIS IV' 
_diffrn_detector.pdbx_collection_date   1998-05-15 
_diffrn_detector.details                ? 
# 
_diffrn_radiation.diffrn_id                        1 
_diffrn_radiation.wavelength_id                    1 
_diffrn_radiation.pdbx_monochromatic_or_laue_m_l   M 
_diffrn_radiation.monochromator                    ? 
_diffrn_radiation.pdbx_diffrn_protocol             'SINGLE WAVELENGTH' 
_diffrn_radiation.pdbx_scattering_type             x-ray 
# 
_diffrn_radiation_wavelength.id           1 
_diffrn_radiation_wavelength.wavelength   1.5418 
_diffrn_radiation_wavelength.wt           1.0 
# 
_diffrn_source.diffrn_id                   1 
_diffrn_source.source                      'ROTATING ANODE' 
_diffrn_source.type                        'RIGAKU RUH3R' 
_diffrn_source.pdbx_synchrotron_site       ? 
_diffrn_source.pdbx_synchrotron_beamline   ? 
_diffrn_source.pdbx_wavelength             1.5418 
_diffrn_source.pdbx_wavelength_list        ? 
# 
_reflns.entry_id                     1C9H 
_reflns.observed_criterion_sigma_I   1 
_reflns.observed_criterion_sigma_F   ? 
_reflns.d_resolution_low             100 
_reflns.d_resolution_high            2.0 
_reflns.number_obs                   7941 
_reflns.number_all                   105747 
_reflns.percent_possible_obs         94.2 
_reflns.pdbx_Rmerge_I_obs            0.0650000 
_reflns.pdbx_Rsym_value              ? 
_reflns.pdbx_netI_over_sigmaI        17.8 
_reflns.B_iso_Wilson_estimate        22.7 
_reflns.pdbx_redundancy              8.5 
_reflns.R_free_details               ? 
_reflns.limit_h_max                  ? 
_reflns.limit_h_min                  ? 
_reflns.limit_k_max                  ? 
_reflns.limit_k_min                  ? 
_reflns.limit_l_max                  ? 
_reflns.limit_l_min                  ? 
_reflns.observed_criterion_F_max     ? 
_reflns.observed_criterion_F_min     ? 
_reflns.pdbx_diffrn_id               1 
_reflns.pdbx_ordinal                 1 
# 
_reflns_shell.d_res_high             1.99 
_reflns_shell.d_res_low              2.06 
_reflns_shell.percent_possible_all   86.6 
_reflns_shell.Rmerge_I_obs           0.2470000 
_reflns_shell.pdbx_Rsym_value        ? 
_reflns_shell.meanI_over_sigI_obs    ? 
_reflns_shell.pdbx_redundancy        9.9 
_reflns_shell.percent_possible_obs   ? 
_reflns_shell.number_unique_all      ? 
_reflns_shell.pdbx_diffrn_id         ? 
_reflns_shell.pdbx_ordinal           1 
# 
_refine.entry_id                                 1C9H 
_refine.ls_number_reflns_obs                     7879 
_refine.ls_number_reflns_all                     ? 
_refine.pdbx_ls_sigma_I                          2 
_refine.pdbx_ls_sigma_F                          0.0 
_refine.pdbx_data_cutoff_high_absF               783518.27 
_refine.pdbx_data_cutoff_low_absF                0.00 
_refine.pdbx_data_cutoff_high_rms_absF           ? 
_refine.ls_d_res_low                             20.00 
_refine.ls_d_res_high                            2.00 
_refine.ls_percent_reflns_obs                    94.9 
_refine.ls_R_factor_obs                          0.2050000 
_refine.ls_R_factor_all                          ? 
_refine.ls_R_factor_R_work                       0.2050000 
_refine.ls_R_factor_R_free                       0.2490000 
_refine.ls_R_factor_R_free_error                 0.010 
_refine.ls_R_factor_R_free_error_details         ? 
_refine.ls_percent_reflns_R_free                 8.4 
_refine.ls_number_reflns_R_free                  658 
_refine.ls_number_parameters                     ? 
_refine.ls_number_restraints                     ? 
_refine.occupancy_min                            ? 
_refine.occupancy_max                            ? 
_refine.B_iso_mean                               29.0 
_refine.aniso_B[1][1]                            -1.29 
_refine.aniso_B[2][2]                            -0.20 
_refine.aniso_B[3][3]                            1.49 
_refine.aniso_B[1][2]                            0.00 
_refine.aniso_B[1][3]                            0.00 
_refine.aniso_B[2][3]                            0.00 
_refine.solvent_model_details                    'FLAT MODEL' 
_refine.solvent_model_param_ksol                 0.362 
_refine.solvent_model_param_bsol                 45.39 
_refine.pdbx_ls_cross_valid_method               THROUGHOUT 
_refine.details                                  ? 
_refine.pdbx_starting_model                      ? 
_refine.pdbx_method_to_determine_struct          ? 
_refine.pdbx_isotropic_thermal_model             RESTRAINED 
_refine.pdbx_stereochemistry_target_values       ? 
_refine.pdbx_stereochem_target_val_spec_case     ? 
_refine.pdbx_R_Free_selection_details            RANDOM 
_refine.pdbx_overall_ESU_R                       ? 
_refine.pdbx_overall_ESU_R_Free                  ? 
_refine.overall_SU_ML                            ? 
_refine.overall_SU_B                             ? 
_refine.ls_redundancy_reflns_obs                 ? 
_refine.B_iso_min                                ? 
_refine.B_iso_max                                ? 
_refine.pdbx_refine_id                           'X-RAY DIFFRACTION' 
_refine.pdbx_diffrn_id                           1 
_refine.pdbx_TLS_residual_ADP_flag               ? 
_refine.correlation_coeff_Fo_to_Fc               ? 
_refine.correlation_coeff_Fo_to_Fc_free          ? 
_refine.pdbx_solvent_vdw_probe_radii             ? 
_refine.pdbx_solvent_ion_probe_radii             ? 
_refine.pdbx_solvent_shrinkage_radii             ? 
_refine.pdbx_overall_phase_error                 ? 
_refine.overall_SU_R_Cruickshank_DPI             ? 
_refine.pdbx_overall_SU_R_free_Cruickshank_DPI   ? 
_refine.pdbx_overall_SU_R_Blow_DPI               ? 
_refine.pdbx_overall_SU_R_free_Blow_DPI          ? 
# 
_refine_analyze.entry_id                        1C9H 
_refine_analyze.Luzzati_coordinate_error_obs    0.23 
_refine_analyze.Luzzati_sigma_a_obs             0.10 
_refine_analyze.Luzzati_d_res_low_obs           5.00 
_refine_analyze.Luzzati_coordinate_error_free   0.29 
_refine_analyze.Luzzati_sigma_a_free            0.13 
_refine_analyze.Luzzati_d_res_low_free          ? 
_refine_analyze.number_disordered_residues      ? 
_refine_analyze.occupancy_sum_hydrogen          ? 
_refine_analyze.occupancy_sum_non_hydrogen      ? 
_refine_analyze.pdbx_Luzzati_d_res_high_obs     ? 
_refine_analyze.pdbx_refine_id                  'X-RAY DIFFRACTION' 
# 
_refine_hist.pdbx_refine_id                   'X-RAY DIFFRACTION' 
_refine_hist.cycle_id                         LAST 
_refine_hist.pdbx_number_atoms_protein        818 
_refine_hist.pdbx_number_atoms_nucleic_acid   0 
_refine_hist.pdbx_number_atoms_ligand         65 
_refine_hist.number_atoms_solvent             101 
_refine_hist.number_atoms_total               984 
_refine_hist.d_res_high                       2.00 
_refine_hist.d_res_low                        20.00 
# 
loop_
_refine_ls_restr.type 
_refine_ls_restr.dev_ideal 
_refine_ls_restr.dev_ideal_target 
_refine_ls_restr.weight 
_refine_ls_restr.number 
_refine_ls_restr.pdbx_refine_id 
_refine_ls_restr.pdbx_restraint_function 
c_bond_d                0.007 ? ? ? 'X-RAY DIFFRACTION' ? 
c_bond_d_na             ?     ? ? ? 'X-RAY DIFFRACTION' ? 
c_bond_d_prot           ?     ? ? ? 'X-RAY DIFFRACTION' ? 
c_angle_d               ?     ? ? ? 'X-RAY DIFFRACTION' ? 
c_angle_d_na            ?     ? ? ? 'X-RAY DIFFRACTION' ? 
c_angle_d_prot          ?     ? ? ? 'X-RAY DIFFRACTION' ? 
c_angle_deg             1.4   ? ? ? 'X-RAY DIFFRACTION' ? 
c_angle_deg_na          ?     ? ? ? 'X-RAY DIFFRACTION' ? 
c_angle_deg_prot        ?     ? ? ? 'X-RAY DIFFRACTION' ? 
c_dihedral_angle_d      25.1  ? ? ? 'X-RAY DIFFRACTION' ? 
c_dihedral_angle_d_na   ?     ? ? ? 'X-RAY DIFFRACTION' ? 
c_dihedral_angle_d_prot ?     ? ? ? 'X-RAY DIFFRACTION' ? 
c_improper_angle_d      0.87  ? ? ? 'X-RAY DIFFRACTION' ? 
c_improper_angle_d_na   ?     ? ? ? 'X-RAY DIFFRACTION' ? 
c_improper_angle_d_prot ?     ? ? ? 'X-RAY DIFFRACTION' ? 
c_mcbond_it             ?     ? ? ? 'X-RAY DIFFRACTION' ? 
c_mcangle_it            ?     ? ? ? 'X-RAY DIFFRACTION' ? 
c_scbond_it             ?     ? ? ? 'X-RAY DIFFRACTION' ? 
c_scangle_it            ?     ? ? ? 'X-RAY DIFFRACTION' ? 
# 
_refine_ls_shell.pdbx_total_number_of_bins_used   6 
_refine_ls_shell.d_res_high                       2.00 
_refine_ls_shell.d_res_low                        2.13 
_refine_ls_shell.number_reflns_R_work             1163 
_refine_ls_shell.R_factor_R_work                  0.2320000 
_refine_ls_shell.percent_reflns_obs               92.6 
_refine_ls_shell.R_factor_R_free                  0.3000000 
_refine_ls_shell.R_factor_R_free_error            0.031 
_refine_ls_shell.percent_reflns_R_free            7.6 
_refine_ls_shell.number_reflns_R_free             95 
_refine_ls_shell.redundancy_reflns_obs            ? 
_refine_ls_shell.number_reflns_all                ? 
_refine_ls_shell.number_reflns_obs                ? 
_refine_ls_shell.pdbx_refine_id                   'X-RAY DIFFRACTION' 
_refine_ls_shell.R_factor_all                     ? 
# 
loop_
_pdbx_xplor_file.serial_no 
_pdbx_xplor_file.param_file 
_pdbx_xplor_file.topol_file 
_pdbx_xplor_file.pdbx_refine_id 
1 PROTEIN_REP.PA          PROTEIN.TOP             'X-RAY DIFFRACTION' 
2 WATER_REP.PARA          WATER.TOP               'X-RAY DIFFRACTION' 
3 NHETATM:RAP_XPLOR.PARAM NHETATM:RAP_XPLOR.TOPOL 'X-RAY DIFFRACTION' 
# 
_struct.entry_id                  1C9H 
_struct.title                     'CRYSTAL STRUCTURE OF FKBP12.6 IN COMPLEX WITH RAPAMYCIN' 
_struct.pdbx_model_details        ? 
_struct.pdbx_CASP_flag            ? 
_struct.pdbx_model_type_details   ? 
# 
_struct_keywords.entry_id        1C9H 
_struct_keywords.pdbx_keywords   'IMMUNE SYSTEM' 
_struct_keywords.text            'FKBP12, RAPAMYCIN, COMPLEX, RYANODINE RECEPTOR, IMMUNE SYSTEM' 
# 
loop_
_struct_asym.id 
_struct_asym.pdbx_blank_PDB_chainid_flag 
_struct_asym.pdbx_modified 
_struct_asym.entity_id 
_struct_asym.details 
A N N 1 ? 
B N N 2 ? 
C N N 3 ? 
# 
_struct_ref.id                         1 
_struct_ref.db_name                    UNP 
_struct_ref.db_code                    FKBB_HUMAN 
_struct_ref.entity_id                  1 
_struct_ref.pdbx_db_accession          P68106 
_struct_ref.pdbx_align_begin           ? 
_struct_ref.pdbx_seq_one_letter_code   ? 
_struct_ref.pdbx_db_isoform            ? 
# 
_struct_ref_seq.align_id                      1 
_struct_ref_seq.ref_id                        1 
_struct_ref_seq.pdbx_PDB_id_code              1C9H 
_struct_ref_seq.pdbx_strand_id                A 
_struct_ref_seq.seq_align_beg                 1 
_struct_ref_seq.pdbx_seq_align_beg_ins_code   ? 
_struct_ref_seq.seq_align_end                 107 
_struct_ref_seq.pdbx_seq_align_end_ins_code   ? 
_struct_ref_seq.pdbx_db_accession             P68106 
_struct_ref_seq.db_align_beg                  2 
_struct_ref_seq.pdbx_db_align_beg_ins_code    ? 
_struct_ref_seq.db_align_end                  108 
_struct_ref_seq.pdbx_db_align_end_ins_code    ? 
_struct_ref_seq.pdbx_auth_seq_align_beg       1 
_struct_ref_seq.pdbx_auth_seq_align_end       107 
# 
_pdbx_struct_assembly.id                   1 
_pdbx_struct_assembly.details              author_defined_assembly 
_pdbx_struct_assembly.method_details       ? 
_pdbx_struct_assembly.oligomeric_details   monomeric 
_pdbx_struct_assembly.oligomeric_count     1 
# 
_pdbx_struct_assembly_gen.assembly_id       1 
_pdbx_struct_assembly_gen.oper_expression   1 
_pdbx_struct_assembly_gen.asym_id_list      A,B,C 
# 
_pdbx_struct_oper_list.id                   1 
_pdbx_struct_oper_list.type                 'identity operation' 
_pdbx_struct_oper_list.name                 1_555 
_pdbx_struct_oper_list.symmetry_operation   x,y,z 
_pdbx_struct_oper_list.matrix[1][1]         1.0000000000 
_pdbx_struct_oper_list.matrix[1][2]         0.0000000000 
_pdbx_struct_oper_list.matrix[1][3]         0.0000000000 
_pdbx_struct_oper_list.vector[1]            0.0000000000 
_pdbx_struct_oper_list.matrix[2][1]         0.0000000000 
_pdbx_struct_oper_list.matrix[2][2]         1.0000000000 
_pdbx_struct_oper_list.matrix[2][3]         0.0000000000 
_pdbx_struct_oper_list.vector[2]            0.0000000000 
_pdbx_struct_oper_list.matrix[3][1]         0.0000000000 
_pdbx_struct_oper_list.matrix[3][2]         0.0000000000 
_pdbx_struct_oper_list.matrix[3][3]         1.0000000000 
_pdbx_struct_oper_list.vector[3]            0.0000000000 
# 
_struct_biol.id   1 
# 
loop_
_struct_conf.conf_type_id 
_struct_conf.id 
_struct_conf.pdbx_PDB_helix_id 
_struct_conf.beg_label_comp_id 
_struct_conf.beg_label_asym_id 
_struct_conf.beg_label_seq_id 
_struct_conf.pdbx_beg_PDB_ins_code 
_struct_conf.end_label_comp_id 
_struct_conf.end_label_asym_id 
_struct_conf.end_label_seq_id 
_struct_conf.pdbx_end_PDB_ins_code 
_struct_conf.beg_auth_comp_id 
_struct_conf.beg_auth_asym_id 
_struct_conf.beg_auth_seq_id 
_struct_conf.end_auth_comp_id 
_struct_conf.end_auth_asym_id 
_struct_conf.end_auth_seq_id 
_struct_conf.pdbx_PDB_helix_class 
_struct_conf.details 
_struct_conf.pdbx_PDB_helix_length 
HELX_P HELX_P1 1 ILE A 56 ? GLN A 65 ? ILE A 56 GLN A 65 1 ? 10 
HELX_P HELX_P2 2 PRO A 78 ? ALA A 81 ? PRO A 78 ALA A 81 5 ? 4  
# 
_struct_conf_type.id          HELX_P 
_struct_conf_type.criteria    ? 
_struct_conf_type.reference   ? 
# 
loop_
_struct_sheet.id 
_struct_sheet.type 
_struct_sheet.number_strands 
_struct_sheet.details 
A  ? 5 ? 
A1 ? 5 ? 
# 
loop_
_struct_sheet_order.sheet_id 
_struct_sheet_order.range_id_1 
_struct_sheet_order.range_id_2 
_struct_sheet_order.offset 
_struct_sheet_order.sense 
A  1 2 ? anti-parallel 
A  2 3 ? anti-parallel 
A  3 4 ? anti-parallel 
A  4 5 ? anti-parallel 
A1 1 2 ? anti-parallel 
A1 2 3 ? anti-parallel 
A1 3 4 ? anti-parallel 
A1 4 5 ? anti-parallel 
# 
loop_
_struct_sheet_range.sheet_id 
_struct_sheet_range.id 
_struct_sheet_range.beg_label_comp_id 
_struct_sheet_range.beg_label_asym_id 
_struct_sheet_range.beg_label_seq_id 
_struct_sheet_range.pdbx_beg_PDB_ins_code 
_struct_sheet_range.end_label_comp_id 
_struct_sheet_range.end_label_asym_id 
_struct_sheet_range.end_label_seq_id 
_struct_sheet_range.pdbx_end_PDB_ins_code 
_struct_sheet_range.beg_auth_comp_id 
_struct_sheet_range.beg_auth_asym_id 
_struct_sheet_range.beg_auth_seq_id 
_struct_sheet_range.end_auth_comp_id 
_struct_sheet_range.end_auth_asym_id 
_struct_sheet_range.end_auth_seq_id 
A  1 VAL A 2  ? SER A 8   ? VAL A 2  SER A 8   
A  2 ARG A 71 ? CYS A 76  ? ARG A 71 CYS A 76  
A  3 LEU A 97 ? GLU A 107 ? LEU A 97 GLU A 107 
A  4 THR A 21 ? LEU A 30  ? THR A 21 LEU A 30  
A  5 LYS A 35 ? SER A 38  ? LYS A 35 SER A 38  
A1 1 VAL A 2  ? SER A 8   ? VAL A 2  SER A 8   
A1 2 ARG A 71 ? CYS A 76  ? ARG A 71 CYS A 76  
A1 3 LEU A 97 ? GLU A 107 ? LEU A 97 GLU A 107 
A1 4 THR A 21 ? LEU A 30  ? THR A 21 LEU A 30  
A1 5 PHE A 46 ? ARG A 49  ? PHE A 46 ARG A 49  
# 
loop_
_pdbx_struct_sheet_hbond.sheet_id 
_pdbx_struct_sheet_hbond.range_id_1 
_pdbx_struct_sheet_hbond.range_id_2 
_pdbx_struct_sheet_hbond.range_1_label_atom_id 
_pdbx_struct_sheet_hbond.range_1_label_comp_id 
_pdbx_struct_sheet_hbond.range_1_label_asym_id 
_pdbx_struct_sheet_hbond.range_1_label_seq_id 
_pdbx_struct_sheet_hbond.range_1_PDB_ins_code 
_pdbx_struct_sheet_hbond.range_1_auth_atom_id 
_pdbx_struct_sheet_hbond.range_1_auth_comp_id 
_pdbx_struct_sheet_hbond.range_1_auth_asym_id 
_pdbx_struct_sheet_hbond.range_1_auth_seq_id 
_pdbx_struct_sheet_hbond.range_2_label_atom_id 
_pdbx_struct_sheet_hbond.range_2_label_comp_id 
_pdbx_struct_sheet_hbond.range_2_label_asym_id 
_pdbx_struct_sheet_hbond.range_2_label_seq_id 
_pdbx_struct_sheet_hbond.range_2_PDB_ins_code 
_pdbx_struct_sheet_hbond.range_2_auth_atom_id 
_pdbx_struct_sheet_hbond.range_2_auth_comp_id 
_pdbx_struct_sheet_hbond.range_2_auth_asym_id 
_pdbx_struct_sheet_hbond.range_2_auth_seq_id 
A  1 2 N ILE A 7   ? N ILE A 7   O ARG A 71 ? O ARG A 71 
A  2 3 N CYS A 76  ? N CYS A 76  O LEU A 97 ? O LEU A 97 
A  3 4 N GLU A 107 ? N GLU A 107 O THR A 21 ? O THR A 21 
A  4 5 O GLY A 28  ? O GLY A 28  N PHE A 36 ? N PHE A 36 
A1 1 2 N ILE A 7   ? N ILE A 7   O ARG A 71 ? O ARG A 71 
A1 2 3 N CYS A 76  ? N CYS A 76  O LEU A 97 ? O LEU A 97 
A1 3 4 N GLU A 107 ? N GLU A 107 O THR A 21 ? O THR A 21 
A1 4 5 O VAL A 24  ? O VAL A 24  N PHE A 46 ? N PHE A 46 
# 
_struct_site.id                   AC1 
_struct_site.pdbx_evidence_code   Software 
_struct_site.pdbx_auth_asym_id    A 
_struct_site.pdbx_auth_comp_id    RAP 
_struct_site.pdbx_auth_seq_id     108 
_struct_site.pdbx_auth_ins_code   ? 
_struct_site.pdbx_num_residues    18 
_struct_site.details              'BINDING SITE FOR RESIDUE RAP A 108' 
# 
loop_
_struct_site_gen.id 
_struct_site_gen.site_id 
_struct_site_gen.pdbx_num_res 
_struct_site_gen.label_comp_id 
_struct_site_gen.label_asym_id 
_struct_site_gen.label_seq_id 
_struct_site_gen.pdbx_auth_ins_code 
_struct_site_gen.auth_comp_id 
_struct_site_gen.auth_asym_id 
_struct_site_gen.auth_seq_id 
_struct_site_gen.label_atom_id 
_struct_site_gen.label_alt_id 
_struct_site_gen.symmetry 
_struct_site_gen.details 
1  AC1 18 THR A 6   ? THR A 6   . ? 3_444 ? 
2  AC1 18 TYR A 26  ? TYR A 26  . ? 1_555 ? 
3  AC1 18 THR A 27  ? THR A 27  . ? 3_444 ? 
4  AC1 18 LYS A 35  ? LYS A 35  . ? 3_444 ? 
5  AC1 18 PHE A 36  ? PHE A 36  . ? 1_555 ? 
6  AC1 18 ASP A 37  ? ASP A 37  . ? 1_555 ? 
7  AC1 18 PHE A 46  ? PHE A 46  . ? 1_555 ? 
8  AC1 18 GLN A 53  ? GLN A 53  . ? 1_555 ? 
9  AC1 18 GLU A 54  ? GLU A 54  . ? 1_555 ? 
10 AC1 18 VAL A 55  ? VAL A 55  . ? 1_555 ? 
11 AC1 18 ILE A 56  ? ILE A 56  . ? 1_555 ? 
12 AC1 18 PHE A 59  ? PHE A 59  . ? 1_555 ? 
13 AC1 18 TYR A 82  ? TYR A 82  . ? 1_555 ? 
14 AC1 18 HIS A 87  ? HIS A 87  . ? 1_555 ? 
15 AC1 18 PHE A 99  ? PHE A 99  . ? 1_555 ? 
16 AC1 18 ASP A 100 ? ASP A 100 . ? 3_444 ? 
17 AC1 18 HOH C .   ? HOH A 165 . ? 1_555 ? 
18 AC1 18 HOH C .   ? HOH A 199 . ? 1_555 ? 
# 
loop_
_pdbx_validate_torsion.id 
_pdbx_validate_torsion.PDB_model_num 
_pdbx_validate_torsion.auth_comp_id 
_pdbx_validate_torsion.auth_asym_id 
_pdbx_validate_torsion.auth_seq_id 
_pdbx_validate_torsion.PDB_ins_code 
_pdbx_validate_torsion.label_alt_id 
_pdbx_validate_torsion.phi 
_pdbx_validate_torsion.psi 
1 1 ARG A 13 ? ? -148.77 -21.66  
2 1 ALA A 81 ? ? -131.09 -113.21 
3 1 PRO A 88 ? ? -32.43  115.54  
4 1 VAL A 90 ? ? -131.80 -50.03  
# 
loop_
_chem_comp_atom.comp_id 
_chem_comp_atom.atom_id 
_chem_comp_atom.type_symbol 
_chem_comp_atom.pdbx_aromatic_flag 
_chem_comp_atom.pdbx_stereo_config 
_chem_comp_atom.pdbx_ordinal 
ALA N    N N N 1   
ALA CA   C N S 2   
ALA C    C N N 3   
ALA O    O N N 4   
ALA CB   C N N 5   
ALA OXT  O N N 6   
ALA H    H N N 7   
ALA H2   H N N 8   
ALA HA   H N N 9   
ALA HB1  H N N 10  
ALA HB2  H N N 11  
ALA HB3  H N N 12  
ALA HXT  H N N 13  
ARG N    N N N 14  
ARG CA   C N S 15  
ARG C    C N N 16  
ARG O    O N N 17  
ARG CB   C N N 18  
ARG CG   C N N 19  
ARG CD   C N N 20  
ARG NE   N N N 21  
ARG CZ   C N N 22  
ARG NH1  N N N 23  
ARG NH2  N N N 24  
ARG OXT  O N N 25  
ARG H    H N N 26  
ARG H2   H N N 27  
ARG HA   H N N 28  
ARG HB2  H N N 29  
ARG HB3  H N N 30  
ARG HG2  H N N 31  
ARG HG3  H N N 32  
ARG HD2  H N N 33  
ARG HD3  H N N 34  
ARG HE   H N N 35  
ARG HH11 H N N 36  
ARG HH12 H N N 37  
ARG HH21 H N N 38  
ARG HH22 H N N 39  
ARG HXT  H N N 40  
ASN N    N N N 41  
ASN CA   C N S 42  
ASN C    C N N 43  
ASN O    O N N 44  
ASN CB   C N N 45  
ASN CG   C N N 46  
ASN OD1  O N N 47  
ASN ND2  N N N 48  
ASN OXT  O N N 49  
ASN H    H N N 50  
ASN H2   H N N 51  
ASN HA   H N N 52  
ASN HB2  H N N 53  
ASN HB3  H N N 54  
ASN HD21 H N N 55  
ASN HD22 H N N 56  
ASN HXT  H N N 57  
ASP N    N N N 58  
ASP CA   C N S 59  
ASP C    C N N 60  
ASP O    O N N 61  
ASP CB   C N N 62  
ASP CG   C N N 63  
ASP OD1  O N N 64  
ASP OD2  O N N 65  
ASP OXT  O N N 66  
ASP H    H N N 67  
ASP H2   H N N 68  
ASP HA   H N N 69  
ASP HB2  H N N 70  
ASP HB3  H N N 71  
ASP HD2  H N N 72  
ASP HXT  H N N 73  
CYS N    N N N 74  
CYS CA   C N R 75  
CYS C    C N N 76  
CYS O    O N N 77  
CYS CB   C N N 78  
CYS SG   S N N 79  
CYS OXT  O N N 80  
CYS H    H N N 81  
CYS H2   H N N 82  
CYS HA   H N N 83  
CYS HB2  H N N 84  
CYS HB3  H N N 85  
CYS HG   H N N 86  
CYS HXT  H N N 87  
GLN N    N N N 88  
GLN CA   C N S 89  
GLN C    C N N 90  
GLN O    O N N 91  
GLN CB   C N N 92  
GLN CG   C N N 93  
GLN CD   C N N 94  
GLN OE1  O N N 95  
GLN NE2  N N N 96  
GLN OXT  O N N 97  
GLN H    H N N 98  
GLN H2   H N N 99  
GLN HA   H N N 100 
GLN HB2  H N N 101 
GLN HB3  H N N 102 
GLN HG2  H N N 103 
GLN HG3  H N N 104 
GLN HE21 H N N 105 
GLN HE22 H N N 106 
GLN HXT  H N N 107 
GLU N    N N N 108 
GLU CA   C N S 109 
GLU C    C N N 110 
GLU O    O N N 111 
GLU CB   C N N 112 
GLU CG   C N N 113 
GLU CD   C N N 114 
GLU OE1  O N N 115 
GLU OE2  O N N 116 
GLU OXT  O N N 117 
GLU H    H N N 118 
GLU H2   H N N 119 
GLU HA   H N N 120 
GLU HB2  H N N 121 
GLU HB3  H N N 122 
GLU HG2  H N N 123 
GLU HG3  H N N 124 
GLU HE2  H N N 125 
GLU HXT  H N N 126 
GLY N    N N N 127 
GLY CA   C N N 128 
GLY C    C N N 129 
GLY O    O N N 130 
GLY OXT  O N N 131 
GLY H    H N N 132 
GLY H2   H N N 133 
GLY HA2  H N N 134 
GLY HA3  H N N 135 
GLY HXT  H N N 136 
HIS N    N N N 137 
HIS CA   C N S 138 
HIS C    C N N 139 
HIS O    O N N 140 
HIS CB   C N N 141 
HIS CG   C Y N 142 
HIS ND1  N Y N 143 
HIS CD2  C Y N 144 
HIS CE1  C Y N 145 
HIS NE2  N Y N 146 
HIS OXT  O N N 147 
HIS H    H N N 148 
HIS H2   H N N 149 
HIS HA   H N N 150 
HIS HB2  H N N 151 
HIS HB3  H N N 152 
HIS HD1  H N N 153 
HIS HD2  H N N 154 
HIS HE1  H N N 155 
HIS HE2  H N N 156 
HIS HXT  H N N 157 
HOH O    O N N 158 
HOH H1   H N N 159 
HOH H2   H N N 160 
ILE N    N N N 161 
ILE CA   C N S 162 
ILE C    C N N 163 
ILE O    O N N 164 
ILE CB   C N S 165 
ILE CG1  C N N 166 
ILE CG2  C N N 167 
ILE CD1  C N N 168 
ILE OXT  O N N 169 
ILE H    H N N 170 
ILE H2   H N N 171 
ILE HA   H N N 172 
ILE HB   H N N 173 
ILE HG12 H N N 174 
ILE HG13 H N N 175 
ILE HG21 H N N 176 
ILE HG22 H N N 177 
ILE HG23 H N N 178 
ILE HD11 H N N 179 
ILE HD12 H N N 180 
ILE HD13 H N N 181 
ILE HXT  H N N 182 
LEU N    N N N 183 
LEU CA   C N S 184 
LEU C    C N N 185 
LEU O    O N N 186 
LEU CB   C N N 187 
LEU CG   C N N 188 
LEU CD1  C N N 189 
LEU CD2  C N N 190 
LEU OXT  O N N 191 
LEU H    H N N 192 
LEU H2   H N N 193 
LEU HA   H N N 194 
LEU HB2  H N N 195 
LEU HB3  H N N 196 
LEU HG   H N N 197 
LEU HD11 H N N 198 
LEU HD12 H N N 199 
LEU HD13 H N N 200 
LEU HD21 H N N 201 
LEU HD22 H N N 202 
LEU HD23 H N N 203 
LEU HXT  H N N 204 
LYS N    N N N 205 
LYS CA   C N S 206 
LYS C    C N N 207 
LYS O    O N N 208 
LYS CB   C N N 209 
LYS CG   C N N 210 
LYS CD   C N N 211 
LYS CE   C N N 212 
LYS NZ   N N N 213 
LYS OXT  O N N 214 
LYS H    H N N 215 
LYS H2   H N N 216 
LYS HA   H N N 217 
LYS HB2  H N N 218 
LYS HB3  H N N 219 
LYS HG2  H N N 220 
LYS HG3  H N N 221 
LYS HD2  H N N 222 
LYS HD3  H N N 223 
LYS HE2  H N N 224 
LYS HE3  H N N 225 
LYS HZ1  H N N 226 
LYS HZ2  H N N 227 
LYS HZ3  H N N 228 
LYS HXT  H N N 229 
MET N    N N N 230 
MET CA   C N S 231 
MET C    C N N 232 
MET O    O N N 233 
MET CB   C N N 234 
MET CG   C N N 235 
MET SD   S N N 236 
MET CE   C N N 237 
MET OXT  O N N 238 
MET H    H N N 239 
MET H2   H N N 240 
MET HA   H N N 241 
MET HB2  H N N 242 
MET HB3  H N N 243 
MET HG2  H N N 244 
MET HG3  H N N 245 
MET HE1  H N N 246 
MET HE2  H N N 247 
MET HE3  H N N 248 
MET HXT  H N N 249 
PHE N    N N N 250 
PHE CA   C N S 251 
PHE C    C N N 252 
PHE O    O N N 253 
PHE CB   C N N 254 
PHE CG   C Y N 255 
PHE CD1  C Y N 256 
PHE CD2  C Y N 257 
PHE CE1  C Y N 258 
PHE CE2  C Y N 259 
PHE CZ   C Y N 260 
PHE OXT  O N N 261 
PHE H    H N N 262 
PHE H2   H N N 263 
PHE HA   H N N 264 
PHE HB2  H N N 265 
PHE HB3  H N N 266 
PHE HD1  H N N 267 
PHE HD2  H N N 268 
PHE HE1  H N N 269 
PHE HE2  H N N 270 
PHE HZ   H N N 271 
PHE HXT  H N N 272 
PRO N    N N N 273 
PRO CA   C N S 274 
PRO C    C N N 275 
PRO O    O N N 276 
PRO CB   C N N 277 
PRO CG   C N N 278 
PRO CD   C N N 279 
PRO OXT  O N N 280 
PRO H    H N N 281 
PRO HA   H N N 282 
PRO HB2  H N N 283 
PRO HB3  H N N 284 
PRO HG2  H N N 285 
PRO HG3  H N N 286 
PRO HD2  H N N 287 
PRO HD3  H N N 288 
PRO HXT  H N N 289 
RAP C1   C N N 290 
RAP O1   O N N 291 
RAP O2   O N N 292 
RAP C2   C N S 293 
RAP C3   C N N 294 
RAP C4   C N N 295 
RAP C5   C N N 296 
RAP C6   C N N 297 
RAP N7   N N N 298 
RAP C8   C N N 299 
RAP O3   O N N 300 
RAP C9   C N N 301 
RAP O4   O N N 302 
RAP C10  C N R 303 
RAP O5   O N N 304 
RAP O6   O N N 305 
RAP C11  C N R 306 
RAP C12  C N N 307 
RAP C13  C N N 308 
RAP C14  C N S 309 
RAP C15  C N N 310 
RAP C16  C N S 311 
RAP O7   O N N 312 
RAP C17  C N N 313 
RAP C18  C N N 314 
RAP C19  C N N 315 
RAP C20  C N N 316 
RAP C21  C N N 317 
RAP C22  C N N 318 
RAP C23  C N S 319 
RAP C24  C N N 320 
RAP C25  C N R 321 
RAP C26  C N N 322 
RAP O8   O N N 323 
RAP C27  C N R 324 
RAP O9   O N N 325 
RAP C28  C N R 326 
RAP O10  O N N 327 
RAP C29  C N N 328 
RAP C30  C N N 329 
RAP C31  C N R 330 
RAP C32  C N N 331 
RAP O11  O N N 332 
RAP C33  C N N 333 
RAP C34  C N S 334 
RAP C35  C N R 335 
RAP C36  C N N 336 
RAP C37  C N S 337 
RAP C38  C N N 338 
RAP C39  C N R 339 
RAP O12  O N N 340 
RAP C40  C N R 341 
RAP O13  O N N 342 
RAP C41  C N N 343 
RAP C42  C N N 344 
RAP C43  C N N 345 
RAP C44  C N N 346 
RAP C45  C N N 347 
RAP C46  C N N 348 
RAP C47  C N N 349 
RAP C48  C N N 350 
RAP C49  C N N 351 
RAP C50  C N N 352 
RAP C51  C N N 353 
RAP C52  C N N 354 
RAP H2   H N N 355 
RAP H31A H N N 356 
RAP H32  H N N 357 
RAP H41  H N N 358 
RAP H42  H N N 359 
RAP H51  H N N 360 
RAP H52  H N N 361 
RAP H61  H N N 362 
RAP H62  H N N 363 
RAP HO6  H N N 364 
RAP H11  H N N 365 
RAP H121 H N N 366 
RAP H122 H N N 367 
RAP H131 H N N 368 
RAP H132 H N N 369 
RAP H14  H N N 370 
RAP H151 H N N 371 
RAP H152 H N N 372 
RAP H16  H N N 373 
RAP H18  H N N 374 
RAP H19  H N N 375 
RAP H20  H N N 376 
RAP H21  H N N 377 
RAP H22  H N N 378 
RAP H23  H N N 379 
RAP H241 H N N 380 
RAP H242 H N N 381 
RAP H25  H N N 382 
RAP H27  H N N 383 
RAP H28  H N N 384 
RAP HO1  H N N 385 
RAP H30  H N N 386 
RAP H31  H N N 387 
RAP H331 H N N 388 
RAP H332 H N N 389 
RAP H34  H N N 390 
RAP H35  H N N 391 
RAP H361 H N N 392 
RAP H362 H N N 393 
RAP H37  H N N 394 
RAP H381 H N N 395 
RAP H382 H N N 396 
RAP H39  H N N 397 
RAP H40  H N N 398 
RAP HO3  H N N 399 
RAP H411 H N N 400 
RAP H412 H N N 401 
RAP H421 H N N 402 
RAP H422 H N N 403 
RAP H431 H N N 404 
RAP H432 H N N 405 
RAP H433 H N N 406 
RAP H441 H N N 407 
RAP H442 H N N 408 
RAP H443 H N N 409 
RAP H451 H N N 410 
RAP H452 H N N 411 
RAP H453 H N N 412 
RAP H461 H N N 413 
RAP H462 H N N 414 
RAP H463 H N N 415 
RAP H471 H N N 416 
RAP H472 H N N 417 
RAP H473 H N N 418 
RAP H481 H N N 419 
RAP H482 H N N 420 
RAP H483 H N N 421 
RAP H491 H N N 422 
RAP H492 H N N 423 
RAP H493 H N N 424 
RAP H501 H N N 425 
RAP H502 H N N 426 
RAP H503 H N N 427 
RAP H511 H N N 428 
RAP H512 H N N 429 
RAP H513 H N N 430 
RAP H521 H N N 431 
RAP H522 H N N 432 
RAP H523 H N N 433 
SER N    N N N 434 
SER CA   C N S 435 
SER C    C N N 436 
SER O    O N N 437 
SER CB   C N N 438 
SER OG   O N N 439 
SER OXT  O N N 440 
SER H    H N N 441 
SER H2   H N N 442 
SER HA   H N N 443 
SER HB2  H N N 444 
SER HB3  H N N 445 
SER HG   H N N 446 
SER HXT  H N N 447 
THR N    N N N 448 
THR CA   C N S 449 
THR C    C N N 450 
THR O    O N N 451 
THR CB   C N R 452 
THR OG1  O N N 453 
THR CG2  C N N 454 
THR OXT  O N N 455 
THR H    H N N 456 
THR H2   H N N 457 
THR HA   H N N 458 
THR HB   H N N 459 
THR HG1  H N N 460 
THR HG21 H N N 461 
THR HG22 H N N 462 
THR HG23 H N N 463 
THR HXT  H N N 464 
TYR N    N N N 465 
TYR CA   C N S 466 
TYR C    C N N 467 
TYR O    O N N 468 
TYR CB   C N N 469 
TYR CG   C Y N 470 
TYR CD1  C Y N 471 
TYR CD2  C Y N 472 
TYR CE1  C Y N 473 
TYR CE2  C Y N 474 
TYR CZ   C Y N 475 
TYR OH   O N N 476 
TYR OXT  O N N 477 
TYR H    H N N 478 
TYR H2   H N N 479 
TYR HA   H N N 480 
TYR HB2  H N N 481 
TYR HB3  H N N 482 
TYR HD1  H N N 483 
TYR HD2  H N N 484 
TYR HE1  H N N 485 
TYR HE2  H N N 486 
TYR HH   H N N 487 
TYR HXT  H N N 488 
VAL N    N N N 489 
VAL CA   C N S 490 
VAL C    C N N 491 
VAL O    O N N 492 
VAL CB   C N N 493 
VAL CG1  C N N 494 
VAL CG2  C N N 495 
VAL OXT  O N N 496 
VAL H    H N N 497 
VAL H2   H N N 498 
VAL HA   H N N 499 
VAL HB   H N N 500 
VAL HG11 H N N 501 
VAL HG12 H N N 502 
VAL HG13 H N N 503 
VAL HG21 H N N 504 
VAL HG22 H N N 505 
VAL HG23 H N N 506 
VAL HXT  H N N 507 
# 
loop_
_chem_comp_bond.comp_id 
_chem_comp_bond.atom_id_1 
_chem_comp_bond.atom_id_2 
_chem_comp_bond.value_order 
_chem_comp_bond.pdbx_aromatic_flag 
_chem_comp_bond.pdbx_stereo_config 
_chem_comp_bond.pdbx_ordinal 
ALA N   CA   sing N N 1   
ALA N   H    sing N N 2   
ALA N   H2   sing N N 3   
ALA CA  C    sing N N 4   
ALA CA  CB   sing N N 5   
ALA CA  HA   sing N N 6   
ALA C   O    doub N N 7   
ALA C   OXT  sing N N 8   
ALA CB  HB1  sing N N 9   
ALA CB  HB2  sing N N 10  
ALA CB  HB3  sing N N 11  
ALA OXT HXT  sing N N 12  
ARG N   CA   sing N N 13  
ARG N   H    sing N N 14  
ARG N   H2   sing N N 15  
ARG CA  C    sing N N 16  
ARG CA  CB   sing N N 17  
ARG CA  HA   sing N N 18  
ARG C   O    doub N N 19  
ARG C   OXT  sing N N 20  
ARG CB  CG   sing N N 21  
ARG CB  HB2  sing N N 22  
ARG CB  HB3  sing N N 23  
ARG CG  CD   sing N N 24  
ARG CG  HG2  sing N N 25  
ARG CG  HG3  sing N N 26  
ARG CD  NE   sing N N 27  
ARG CD  HD2  sing N N 28  
ARG CD  HD3  sing N N 29  
ARG NE  CZ   sing N N 30  
ARG NE  HE   sing N N 31  
ARG CZ  NH1  sing N N 32  
ARG CZ  NH2  doub N N 33  
ARG NH1 HH11 sing N N 34  
ARG NH1 HH12 sing N N 35  
ARG NH2 HH21 sing N N 36  
ARG NH2 HH22 sing N N 37  
ARG OXT HXT  sing N N 38  
ASN N   CA   sing N N 39  
ASN N   H    sing N N 40  
ASN N   H2   sing N N 41  
ASN CA  C    sing N N 42  
ASN CA  CB   sing N N 43  
ASN CA  HA   sing N N 44  
ASN C   O    doub N N 45  
ASN C   OXT  sing N N 46  
ASN CB  CG   sing N N 47  
ASN CB  HB2  sing N N 48  
ASN CB  HB3  sing N N 49  
ASN CG  OD1  doub N N 50  
ASN CG  ND2  sing N N 51  
ASN ND2 HD21 sing N N 52  
ASN ND2 HD22 sing N N 53  
ASN OXT HXT  sing N N 54  
ASP N   CA   sing N N 55  
ASP N   H    sing N N 56  
ASP N   H2   sing N N 57  
ASP CA  C    sing N N 58  
ASP CA  CB   sing N N 59  
ASP CA  HA   sing N N 60  
ASP C   O    doub N N 61  
ASP C   OXT  sing N N 62  
ASP CB  CG   sing N N 63  
ASP CB  HB2  sing N N 64  
ASP CB  HB3  sing N N 65  
ASP CG  OD1  doub N N 66  
ASP CG  OD2  sing N N 67  
ASP OD2 HD2  sing N N 68  
ASP OXT HXT  sing N N 69  
CYS N   CA   sing N N 70  
CYS N   H    sing N N 71  
CYS N   H2   sing N N 72  
CYS CA  C    sing N N 73  
CYS CA  CB   sing N N 74  
CYS CA  HA   sing N N 75  
CYS C   O    doub N N 76  
CYS C   OXT  sing N N 77  
CYS CB  SG   sing N N 78  
CYS CB  HB2  sing N N 79  
CYS CB  HB3  sing N N 80  
CYS SG  HG   sing N N 81  
CYS OXT HXT  sing N N 82  
GLN N   CA   sing N N 83  
GLN N   H    sing N N 84  
GLN N   H2   sing N N 85  
GLN CA  C    sing N N 86  
GLN CA  CB   sing N N 87  
GLN CA  HA   sing N N 88  
GLN C   O    doub N N 89  
GLN C   OXT  sing N N 90  
GLN CB  CG   sing N N 91  
GLN CB  HB2  sing N N 92  
GLN CB  HB3  sing N N 93  
GLN CG  CD   sing N N 94  
GLN CG  HG2  sing N N 95  
GLN CG  HG3  sing N N 96  
GLN CD  OE1  doub N N 97  
GLN CD  NE2  sing N N 98  
GLN NE2 HE21 sing N N 99  
GLN NE2 HE22 sing N N 100 
GLN OXT HXT  sing N N 101 
GLU N   CA   sing N N 102 
GLU N   H    sing N N 103 
GLU N   H2   sing N N 104 
GLU CA  C    sing N N 105 
GLU CA  CB   sing N N 106 
GLU CA  HA   sing N N 107 
GLU C   O    doub N N 108 
GLU C   OXT  sing N N 109 
GLU CB  CG   sing N N 110 
GLU CB  HB2  sing N N 111 
GLU CB  HB3  sing N N 112 
GLU CG  CD   sing N N 113 
GLU CG  HG2  sing N N 114 
GLU CG  HG3  sing N N 115 
GLU CD  OE1  doub N N 116 
GLU CD  OE2  sing N N 117 
GLU OE2 HE2  sing N N 118 
GLU OXT HXT  sing N N 119 
GLY N   CA   sing N N 120 
GLY N   H    sing N N 121 
GLY N   H2   sing N N 122 
GLY CA  C    sing N N 123 
GLY CA  HA2  sing N N 124 
GLY CA  HA3  sing N N 125 
GLY C   O    doub N N 126 
GLY C   OXT  sing N N 127 
GLY OXT HXT  sing N N 128 
HIS N   CA   sing N N 129 
HIS N   H    sing N N 130 
HIS N   H2   sing N N 131 
HIS CA  C    sing N N 132 
HIS CA  CB   sing N N 133 
HIS CA  HA   sing N N 134 
HIS C   O    doub N N 135 
HIS C   OXT  sing N N 136 
HIS CB  CG   sing N N 137 
HIS CB  HB2  sing N N 138 
HIS CB  HB3  sing N N 139 
HIS CG  ND1  sing Y N 140 
HIS CG  CD2  doub Y N 141 
HIS ND1 CE1  doub Y N 142 
HIS ND1 HD1  sing N N 143 
HIS CD2 NE2  sing Y N 144 
HIS CD2 HD2  sing N N 145 
HIS CE1 NE2  sing Y N 146 
HIS CE1 HE1  sing N N 147 
HIS NE2 HE2  sing N N 148 
HIS OXT HXT  sing N N 149 
HOH O   H1   sing N N 150 
HOH O   H2   sing N N 151 
ILE N   CA   sing N N 152 
ILE N   H    sing N N 153 
ILE N   H2   sing N N 154 
ILE CA  C    sing N N 155 
ILE CA  CB   sing N N 156 
ILE CA  HA   sing N N 157 
ILE C   O    doub N N 158 
ILE C   OXT  sing N N 159 
ILE CB  CG1  sing N N 160 
ILE CB  CG2  sing N N 161 
ILE CB  HB   sing N N 162 
ILE CG1 CD1  sing N N 163 
ILE CG1 HG12 sing N N 164 
ILE CG1 HG13 sing N N 165 
ILE CG2 HG21 sing N N 166 
ILE CG2 HG22 sing N N 167 
ILE CG2 HG23 sing N N 168 
ILE CD1 HD11 sing N N 169 
ILE CD1 HD12 sing N N 170 
ILE CD1 HD13 sing N N 171 
ILE OXT HXT  sing N N 172 
LEU N   CA   sing N N 173 
LEU N   H    sing N N 174 
LEU N   H2   sing N N 175 
LEU CA  C    sing N N 176 
LEU CA  CB   sing N N 177 
LEU CA  HA   sing N N 178 
LEU C   O    doub N N 179 
LEU C   OXT  sing N N 180 
LEU CB  CG   sing N N 181 
LEU CB  HB2  sing N N 182 
LEU CB  HB3  sing N N 183 
LEU CG  CD1  sing N N 184 
LEU CG  CD2  sing N N 185 
LEU CG  HG   sing N N 186 
LEU CD1 HD11 sing N N 187 
LEU CD1 HD12 sing N N 188 
LEU CD1 HD13 sing N N 189 
LEU CD2 HD21 sing N N 190 
LEU CD2 HD22 sing N N 191 
LEU CD2 HD23 sing N N 192 
LEU OXT HXT  sing N N 193 
LYS N   CA   sing N N 194 
LYS N   H    sing N N 195 
LYS N   H2   sing N N 196 
LYS CA  C    sing N N 197 
LYS CA  CB   sing N N 198 
LYS CA  HA   sing N N 199 
LYS C   O    doub N N 200 
LYS C   OXT  sing N N 201 
LYS CB  CG   sing N N 202 
LYS CB  HB2  sing N N 203 
LYS CB  HB3  sing N N 204 
LYS CG  CD   sing N N 205 
LYS CG  HG2  sing N N 206 
LYS CG  HG3  sing N N 207 
LYS CD  CE   sing N N 208 
LYS CD  HD2  sing N N 209 
LYS CD  HD3  sing N N 210 
LYS CE  NZ   sing N N 211 
LYS CE  HE2  sing N N 212 
LYS CE  HE3  sing N N 213 
LYS NZ  HZ1  sing N N 214 
LYS NZ  HZ2  sing N N 215 
LYS NZ  HZ3  sing N N 216 
LYS OXT HXT  sing N N 217 
MET N   CA   sing N N 218 
MET N   H    sing N N 219 
MET N   H2   sing N N 220 
MET CA  C    sing N N 221 
MET CA  CB   sing N N 222 
MET CA  HA   sing N N 223 
MET C   O    doub N N 224 
MET C   OXT  sing N N 225 
MET CB  CG   sing N N 226 
MET CB  HB2  sing N N 227 
MET CB  HB3  sing N N 228 
MET CG  SD   sing N N 229 
MET CG  HG2  sing N N 230 
MET CG  HG3  sing N N 231 
MET SD  CE   sing N N 232 
MET CE  HE1  sing N N 233 
MET CE  HE2  sing N N 234 
MET CE  HE3  sing N N 235 
MET OXT HXT  sing N N 236 
PHE N   CA   sing N N 237 
PHE N   H    sing N N 238 
PHE N   H2   sing N N 239 
PHE CA  C    sing N N 240 
PHE CA  CB   sing N N 241 
PHE CA  HA   sing N N 242 
PHE C   O    doub N N 243 
PHE C   OXT  sing N N 244 
PHE CB  CG   sing N N 245 
PHE CB  HB2  sing N N 246 
PHE CB  HB3  sing N N 247 
PHE CG  CD1  doub Y N 248 
PHE CG  CD2  sing Y N 249 
PHE CD1 CE1  sing Y N 250 
PHE CD1 HD1  sing N N 251 
PHE CD2 CE2  doub Y N 252 
PHE CD2 HD2  sing N N 253 
PHE CE1 CZ   doub Y N 254 
PHE CE1 HE1  sing N N 255 
PHE CE2 CZ   sing Y N 256 
PHE CE2 HE2  sing N N 257 
PHE CZ  HZ   sing N N 258 
PHE OXT HXT  sing N N 259 
PRO N   CA   sing N N 260 
PRO N   CD   sing N N 261 
PRO N   H    sing N N 262 
PRO CA  C    sing N N 263 
PRO CA  CB   sing N N 264 
PRO CA  HA   sing N N 265 
PRO C   O    doub N N 266 
PRO C   OXT  sing N N 267 
PRO CB  CG   sing N N 268 
PRO CB  HB2  sing N N 269 
PRO CB  HB3  sing N N 270 
PRO CG  CD   sing N N 271 
PRO CG  HG2  sing N N 272 
PRO CG  HG3  sing N N 273 
PRO CD  HD2  sing N N 274 
PRO CD  HD3  sing N N 275 
PRO OXT HXT  sing N N 276 
RAP C1  O1   sing N N 277 
RAP C1  O2   doub N N 278 
RAP C1  C2   sing N N 279 
RAP O1  C34  sing N N 280 
RAP C2  C3   sing N N 281 
RAP C2  N7   sing N N 282 
RAP C2  H2   sing N N 283 
RAP C3  C4   sing N N 284 
RAP C3  H31A sing N N 285 
RAP C3  H32  sing N N 286 
RAP C4  C5   sing N N 287 
RAP C4  H41  sing N N 288 
RAP C4  H42  sing N N 289 
RAP C5  C6   sing N N 290 
RAP C5  H51  sing N N 291 
RAP C5  H52  sing N N 292 
RAP C6  N7   sing N N 293 
RAP C6  H61  sing N N 294 
RAP C6  H62  sing N N 295 
RAP N7  C8   sing N N 296 
RAP C8  O3   doub N N 297 
RAP C8  C9   sing N N 298 
RAP C9  O4   doub N N 299 
RAP C9  C10  sing N N 300 
RAP C10 O5   sing N N 301 
RAP C10 O6   sing N N 302 
RAP C10 C11  sing N N 303 
RAP O5  C14  sing N N 304 
RAP O6  HO6  sing N N 305 
RAP C11 C12  sing N N 306 
RAP C11 C43  sing N N 307 
RAP C11 H11  sing N N 308 
RAP C12 C13  sing N N 309 
RAP C12 H121 sing N N 310 
RAP C12 H122 sing N N 311 
RAP C13 C14  sing N N 312 
RAP C13 H131 sing N N 313 
RAP C13 H132 sing N N 314 
RAP C14 C15  sing N N 315 
RAP C14 H14  sing N N 316 
RAP C15 C16  sing N N 317 
RAP C15 H151 sing N N 318 
RAP C15 H152 sing N N 319 
RAP C16 O7   sing N N 320 
RAP C16 C17  sing N N 321 
RAP C16 H16  sing N N 322 
RAP O7  C50  sing N N 323 
RAP C17 C18  doub N E 324 
RAP C17 C44  sing N N 325 
RAP C18 C19  sing N N 326 
RAP C18 H18  sing N N 327 
RAP C19 C20  doub N E 328 
RAP C19 H19  sing N N 329 
RAP C20 C21  sing N N 330 
RAP C20 H20  sing N N 331 
RAP C21 C22  doub N E 332 
RAP C21 H21  sing N N 333 
RAP C22 C23  sing N N 334 
RAP C22 H22  sing N N 335 
RAP C23 C24  sing N N 336 
RAP C23 C45  sing N N 337 
RAP C23 H23  sing N N 338 
RAP C24 C25  sing N N 339 
RAP C24 H241 sing N N 340 
RAP C24 H242 sing N N 341 
RAP C25 C26  sing N N 342 
RAP C25 C46  sing N N 343 
RAP C25 H25  sing N N 344 
RAP C26 O8   doub N N 345 
RAP C26 C27  sing N N 346 
RAP C27 O9   sing N N 347 
RAP C27 C28  sing N N 348 
RAP C27 H27  sing N N 349 
RAP O9  C51  sing N N 350 
RAP C28 O10  sing N N 351 
RAP C28 C29  sing N N 352 
RAP C28 H28  sing N N 353 
RAP O10 HO1  sing N N 354 
RAP C29 C30  doub N E 355 
RAP C29 C47  sing N N 356 
RAP C30 C31  sing N N 357 
RAP C30 H30  sing N N 358 
RAP C31 C32  sing N N 359 
RAP C31 C48  sing N N 360 
RAP C31 H31  sing N N 361 
RAP C32 O11  doub N N 362 
RAP C32 C33  sing N N 363 
RAP C33 C34  sing N N 364 
RAP C33 H331 sing N N 365 
RAP C33 H332 sing N N 366 
RAP C34 C35  sing N N 367 
RAP C34 H34  sing N N 368 
RAP C35 C36  sing N N 369 
RAP C35 C49  sing N N 370 
RAP C35 H35  sing N N 371 
RAP C36 C37  sing N N 372 
RAP C36 H361 sing N N 373 
RAP C36 H362 sing N N 374 
RAP C37 C38  sing N N 375 
RAP C37 C42  sing N N 376 
RAP C37 H37  sing N N 377 
RAP C38 C39  sing N N 378 
RAP C38 H381 sing N N 379 
RAP C38 H382 sing N N 380 
RAP C39 O12  sing N N 381 
RAP C39 C40  sing N N 382 
RAP C39 H39  sing N N 383 
RAP O12 C52  sing N N 384 
RAP C40 O13  sing N N 385 
RAP C40 C41  sing N N 386 
RAP C40 H40  sing N N 387 
RAP O13 HO3  sing N N 388 
RAP C41 C42  sing N N 389 
RAP C41 H411 sing N N 390 
RAP C41 H412 sing N N 391 
RAP C42 H421 sing N N 392 
RAP C42 H422 sing N N 393 
RAP C43 H431 sing N N 394 
RAP C43 H432 sing N N 395 
RAP C43 H433 sing N N 396 
RAP C44 H441 sing N N 397 
RAP C44 H442 sing N N 398 
RAP C44 H443 sing N N 399 
RAP C45 H451 sing N N 400 
RAP C45 H452 sing N N 401 
RAP C45 H453 sing N N 402 
RAP C46 H461 sing N N 403 
RAP C46 H462 sing N N 404 
RAP C46 H463 sing N N 405 
RAP C47 H471 sing N N 406 
RAP C47 H472 sing N N 407 
RAP C47 H473 sing N N 408 
RAP C48 H481 sing N N 409 
RAP C48 H482 sing N N 410 
RAP C48 H483 sing N N 411 
RAP C49 H491 sing N N 412 
RAP C49 H492 sing N N 413 
RAP C49 H493 sing N N 414 
RAP C50 H501 sing N N 415 
RAP C50 H502 sing N N 416 
RAP C50 H503 sing N N 417 
RAP C51 H511 sing N N 418 
RAP C51 H512 sing N N 419 
RAP C51 H513 sing N N 420 
RAP C52 H521 sing N N 421 
RAP C52 H522 sing N N 422 
RAP C52 H523 sing N N 423 
SER N   CA   sing N N 424 
SER N   H    sing N N 425 
SER N   H2   sing N N 426 
SER CA  C    sing N N 427 
SER CA  CB   sing N N 428 
SER CA  HA   sing N N 429 
SER C   O    doub N N 430 
SER C   OXT  sing N N 431 
SER CB  OG   sing N N 432 
SER CB  HB2  sing N N 433 
SER CB  HB3  sing N N 434 
SER OG  HG   sing N N 435 
SER OXT HXT  sing N N 436 
THR N   CA   sing N N 437 
THR N   H    sing N N 438 
THR N   H2   sing N N 439 
THR CA  C    sing N N 440 
THR CA  CB   sing N N 441 
THR CA  HA   sing N N 442 
THR C   O    doub N N 443 
THR C   OXT  sing N N 444 
THR CB  OG1  sing N N 445 
THR CB  CG2  sing N N 446 
THR CB  HB   sing N N 447 
THR OG1 HG1  sing N N 448 
THR CG2 HG21 sing N N 449 
THR CG2 HG22 sing N N 450 
THR CG2 HG23 sing N N 451 
THR OXT HXT  sing N N 452 
TYR N   CA   sing N N 453 
TYR N   H    sing N N 454 
TYR N   H2   sing N N 455 
TYR CA  C    sing N N 456 
TYR CA  CB   sing N N 457 
TYR CA  HA   sing N N 458 
TYR C   O    doub N N 459 
TYR C   OXT  sing N N 460 
TYR CB  CG   sing N N 461 
TYR CB  HB2  sing N N 462 
TYR CB  HB3  sing N N 463 
TYR CG  CD1  doub Y N 464 
TYR CG  CD2  sing Y N 465 
TYR CD1 CE1  sing Y N 466 
TYR CD1 HD1  sing N N 467 
TYR CD2 CE2  doub Y N 468 
TYR CD2 HD2  sing N N 469 
TYR CE1 CZ   doub Y N 470 
TYR CE1 HE1  sing N N 471 
TYR CE2 CZ   sing Y N 472 
TYR CE2 HE2  sing N N 473 
TYR CZ  OH   sing N N 474 
TYR OH  HH   sing N N 475 
TYR OXT HXT  sing N N 476 
VAL N   CA   sing N N 477 
VAL N   H    sing N N 478 
VAL N   H2   sing N N 479 
VAL CA  C    sing N N 480 
VAL CA  CB   sing N N 481 
VAL CA  HA   sing N N 482 
VAL C   O    doub N N 483 
VAL C   OXT  sing N N 484 
VAL CB  CG1  sing N N 485 
VAL CB  CG2  sing N N 486 
VAL CB  HB   sing N N 487 
VAL CG1 HG11 sing N N 488 
VAL CG1 HG12 sing N N 489 
VAL CG1 HG13 sing N N 490 
VAL CG2 HG21 sing N N 491 
VAL CG2 HG22 sing N N 492 
VAL CG2 HG23 sing N N 493 
VAL OXT HXT  sing N N 494 
# 
_atom_sites.entry_id                    1C9H 
_atom_sites.fract_transf_matrix[1][1]   -0.01735554 
_atom_sites.fract_transf_matrix[1][2]   0.00400249 
_atom_sites.fract_transf_matrix[1][3]   0.01271514 
_atom_sites.fract_transf_matrix[2][1]   0.01221044 
_atom_sites.fract_transf_matrix[2][2]   0.00776159 
_atom_sites.fract_transf_matrix[2][3]   0.01422345 
_atom_sites.fract_transf_matrix[3][1]   -0.00181948 
_atom_sites.fract_transf_matrix[3][2]   0.01751982 
_atom_sites.fract_transf_matrix[3][3]   -0.00799841 
_atom_sites.fract_transf_vector[1]      -0.439151 
_atom_sites.fract_transf_vector[2]      -0.024680 
_atom_sites.fract_transf_vector[3]      -0.150529 
# 
loop_
_atom_type.symbol 
C 
N 
O 
S 
# 
loop_
_atom_site.group_PDB 
_atom_site.id 
_atom_site.type_symbol 
_atom_site.label_atom_id 
_atom_site.label_alt_id 
_atom_site.label_comp_id 
_atom_site.label_asym_id 
_atom_site.label_entity_id 
_atom_site.label_seq_id 
_atom_site.pdbx_PDB_ins_code 
_atom_site.Cartn_x 
_atom_site.Cartn_y 
_atom_site.Cartn_z 
_atom_site.occupancy 
_atom_site.B_iso_or_equiv 
_atom_site.pdbx_formal_charge 
_atom_site.auth_seq_id 
_atom_site.auth_comp_id 
_atom_site.auth_asym_id 
_atom_site.auth_atom_id 
_atom_site.pdbx_PDB_model_num 
ATOM   1   N N   . GLY A 1 1   ? -8.427  4.683   9.547   1.00 18.42 ? 1   GLY A N   1 
ATOM   2   C CA  . GLY A 1 1   ? -7.948  5.109   8.200   1.00 23.10 ? 1   GLY A CA  1 
ATOM   3   C C   . GLY A 1 1   ? -6.536  4.615   7.956   1.00 24.88 ? 1   GLY A C   1 
ATOM   4   O O   . GLY A 1 1   ? -6.143  3.569   8.472   1.00 24.38 ? 1   GLY A O   1 
ATOM   5   N N   . VAL A 1 2   ? -5.769  5.367   7.176   1.00 25.89 ? 2   VAL A N   1 
ATOM   6   C CA  . VAL A 1 2   ? -4.393  4.996   6.880   1.00 27.86 ? 2   VAL A CA  1 
ATOM   7   C C   . VAL A 1 2   ? -3.442  6.021   7.470   1.00 27.90 ? 2   VAL A C   1 
ATOM   8   O O   . VAL A 1 2   ? -3.619  7.223   7.273   1.00 27.15 ? 2   VAL A O   1 
ATOM   9   C CB  . VAL A 1 2   ? -4.120  4.961   5.366   1.00 30.24 ? 2   VAL A CB  1 
ATOM   10  C CG1 . VAL A 1 2   ? -2.836  4.193   5.090   1.00 30.86 ? 2   VAL A CG1 1 
ATOM   11  C CG2 . VAL A 1 2   ? -5.294  4.359   4.639   1.00 34.10 ? 2   VAL A CG2 1 
ATOM   12  N N   . GLU A 1 3   ? -2.440  5.542   8.199   1.00 29.13 ? 3   GLU A N   1 
ATOM   13  C CA  . GLU A 1 3   ? -1.431  6.413   8.786   1.00 30.77 ? 3   GLU A CA  1 
ATOM   14  C C   . GLU A 1 3   ? -0.123  6.128   8.065   1.00 28.96 ? 3   GLU A C   1 
ATOM   15  O O   . GLU A 1 3   ? 0.165   4.984   7.718   1.00 27.50 ? 3   GLU A O   1 
ATOM   16  C CB  . GLU A 1 3   ? -1.279  6.144   10.282  1.00 34.27 ? 3   GLU A CB  1 
ATOM   17  C CG  . GLU A 1 3   ? -2.532  6.449   11.085  1.00 42.41 ? 3   GLU A CG  1 
ATOM   18  C CD  . GLU A 1 3   ? -2.279  6.432   12.582  1.00 47.71 ? 3   GLU A CD  1 
ATOM   19  O OE1 . GLU A 1 3   ? -1.707  5.435   13.079  1.00 50.75 ? 3   GLU A OE1 1 
ATOM   20  O OE2 . GLU A 1 3   ? -2.653  7.416   13.262  1.00 50.13 ? 3   GLU A OE2 1 
ATOM   21  N N   . ILE A 1 4   ? 0.665   7.174   7.845   1.00 27.65 ? 4   ILE A N   1 
ATOM   22  C CA  . ILE A 1 4   ? 1.927   7.061   7.133   1.00 27.65 ? 4   ILE A CA  1 
ATOM   23  C C   . ILE A 1 4   ? 3.127   7.436   7.999   1.00 27.12 ? 4   ILE A C   1 
ATOM   24  O O   . ILE A 1 4   ? 3.110   8.457   8.682   1.00 21.87 ? 4   ILE A O   1 
ATOM   25  C CB  . ILE A 1 4   ? 1.953   8.006   5.892   1.00 30.47 ? 4   ILE A CB  1 
ATOM   26  C CG1 . ILE A 1 4   ? 0.734   7.759   4.997   1.00 32.63 ? 4   ILE A CG1 1 
ATOM   27  C CG2 . ILE A 1 4   ? 3.236   7.818   5.115   1.00 31.43 ? 4   ILE A CG2 1 
ATOM   28  C CD1 . ILE A 1 4   ? 0.666   6.373   4.402   1.00 35.07 ? 4   ILE A CD1 1 
ATOM   29  N N   . GLU A 1 5   ? 4.155   6.595   7.968   1.00 24.72 ? 5   GLU A N   1 
ATOM   30  C CA  . GLU A 1 5   ? 5.403   6.857   8.681   1.00 23.68 ? 5   GLU A CA  1 
ATOM   31  C C   . GLU A 1 5   ? 6.465   6.661   7.615   1.00 21.83 ? 5   GLU A C   1 
ATOM   32  O O   . GLU A 1 5   ? 6.707   5.540   7.165   1.00 20.63 ? 5   GLU A O   1 
ATOM   33  C CB  . GLU A 1 5   ? 5.630   5.868   9.829   1.00 24.86 ? 5   GLU A CB  1 
ATOM   34  C CG  . GLU A 1 5   ? 4.659   6.022   10.979  1.00 30.33 ? 5   GLU A CG  1 
ATOM   35  C CD  . GLU A 1 5   ? 4.927   5.032   12.094  1.00 34.44 ? 5   GLU A CD  1 
ATOM   36  O OE1 . GLU A 1 5   ? 5.986   5.141   12.748  1.00 37.15 ? 5   GLU A OE1 1 
ATOM   37  O OE2 . GLU A 1 5   ? 4.077   4.141   12.311  1.00 38.28 ? 5   GLU A OE2 1 
ATOM   38  N N   . THR A 1 6   ? 7.088   7.756   7.201   1.00 21.72 ? 6   THR A N   1 
ATOM   39  C CA  . THR A 1 6   ? 8.097   7.700   6.157   1.00 22.00 ? 6   THR A CA  1 
ATOM   40  C C   . THR A 1 6   ? 9.337   6.884   6.502   1.00 21.42 ? 6   THR A C   1 
ATOM   41  O O   . THR A 1 6   ? 9.898   6.995   7.595   1.00 21.60 ? 6   THR A O   1 
ATOM   42  C CB  . THR A 1 6   ? 8.520   9.119   5.744   1.00 23.62 ? 6   THR A CB  1 
ATOM   43  O OG1 . THR A 1 6   ? 7.402   9.788   5.153   1.00 26.58 ? 6   THR A OG1 1 
ATOM   44  C CG2 . THR A 1 6   ? 9.672   9.069   4.747   1.00 22.24 ? 6   THR A CG2 1 
ATOM   45  N N   . ILE A 1 7   ? 9.742   6.050   5.552   1.00 20.67 ? 7   ILE A N   1 
ATOM   46  C CA  . ILE A 1 7   ? 10.924  5.210   5.691   1.00 20.90 ? 7   ILE A CA  1 
ATOM   47  C C   . ILE A 1 7   ? 12.068  5.936   4.985   1.00 20.91 ? 7   ILE A C   1 
ATOM   48  O O   . ILE A 1 7   ? 13.180  6.051   5.507   1.00 20.88 ? 7   ILE A O   1 
ATOM   49  C CB  . ILE A 1 7   ? 10.682  3.831   5.041   1.00 22.37 ? 7   ILE A CB  1 
ATOM   50  C CG1 . ILE A 1 7   ? 9.670   3.047   5.887   1.00 24.14 ? 7   ILE A CG1 1 
ATOM   51  C CG2 . ILE A 1 7   ? 11.998  3.063   4.904   1.00 20.55 ? 7   ILE A CG2 1 
ATOM   52  C CD1 . ILE A 1 7   ? 9.245   1.717   5.284   1.00 24.37 ? 7   ILE A CD1 1 
ATOM   53  N N   . SER A 1 8   ? 11.774  6.419   3.783   1.00 20.58 ? 8   SER A N   1 
ATOM   54  C CA  . SER A 1 8   ? 12.722  7.176   2.970   1.00 20.23 ? 8   SER A CA  1 
ATOM   55  C C   . SER A 1 8   ? 11.884  8.240   2.282   1.00 20.11 ? 8   SER A C   1 
ATOM   56  O O   . SER A 1 8   ? 10.834  7.939   1.723   1.00 23.49 ? 8   SER A O   1 
ATOM   57  C CB  . SER A 1 8   ? 13.393  6.285   1.923   1.00 19.77 ? 8   SER A CB  1 
ATOM   58  O OG  . SER A 1 8   ? 14.388  5.463   2.507   1.00 19.92 ? 8   SER A OG  1 
ATOM   59  N N   . PRO A 1 9   ? 12.338  9.501   2.309   1.00 21.73 ? 9   PRO A N   1 
ATOM   60  C CA  . PRO A 1 9   ? 11.576  10.581  1.675   1.00 21.51 ? 9   PRO A CA  1 
ATOM   61  C C   . PRO A 1 9   ? 11.562  10.544  0.152   1.00 20.84 ? 9   PRO A C   1 
ATOM   62  O O   . PRO A 1 9   ? 12.484  10.030  -0.474  1.00 19.04 ? 9   PRO A O   1 
ATOM   63  C CB  . PRO A 1 9   ? 12.247  11.839  2.227   1.00 20.85 ? 9   PRO A CB  1 
ATOM   64  C CG  . PRO A 1 9   ? 13.687  11.411  2.337   1.00 23.72 ? 9   PRO A CG  1 
ATOM   65  C CD  . PRO A 1 9   ? 13.573  10.013  2.930   1.00 21.25 ? 9   PRO A CD  1 
ATOM   66  N N   . GLY A 1 10  ? 10.496  11.080  -0.435  1.00 21.50 ? 10  GLY A N   1 
ATOM   67  C CA  . GLY A 1 10  ? 10.389  11.128  -1.883  1.00 22.18 ? 10  GLY A CA  1 
ATOM   68  C C   . GLY A 1 10  ? 10.905  12.481  -2.337  1.00 22.76 ? 10  GLY A C   1 
ATOM   69  O O   . GLY A 1 10  ? 11.573  13.171  -1.568  1.00 20.90 ? 10  GLY A O   1 
ATOM   70  N N   . ASP A 1 11  ? 10.609  12.882  -3.568  1.00 22.76 ? 11  ASP A N   1 
ATOM   71  C CA  . ASP A 1 11  ? 11.089  14.181  -4.022  1.00 25.52 ? 11  ASP A CA  1 
ATOM   72  C C   . ASP A 1 11  ? 10.232  15.288  -3.403  1.00 26.19 ? 11  ASP A C   1 
ATOM   73  O O   . ASP A 1 11  ? 10.566  16.469  -3.489  1.00 23.70 ? 11  ASP A O   1 
ATOM   74  C CB  . ASP A 1 11  ? 11.076  14.267  -5.554  1.00 26.95 ? 11  ASP A CB  1 
ATOM   75  C CG  . ASP A 1 11  ? 9.678   14.185  -6.142  1.00 29.34 ? 11  ASP A CG  1 
ATOM   76  O OD1 . ASP A 1 11  ? 8.689   14.199  -5.376  1.00 28.48 ? 11  ASP A OD1 1 
ATOM   77  O OD2 . ASP A 1 11  ? 9.578   14.118  -7.386  1.00 29.32 ? 11  ASP A OD2 1 
ATOM   78  N N   . GLY A 1 12  ? 9.129   14.888  -2.773  1.00 24.92 ? 12  GLY A N   1 
ATOM   79  C CA  . GLY A 1 12  ? 8.242   15.837  -2.123  1.00 27.19 ? 12  GLY A CA  1 
ATOM   80  C C   . GLY A 1 12  ? 7.400   16.727  -3.020  1.00 28.51 ? 12  GLY A C   1 
ATOM   81  O O   . GLY A 1 12  ? 6.851   17.732  -2.556  1.00 28.32 ? 12  GLY A O   1 
ATOM   82  N N   . ARG A 1 13  ? 7.273   16.372  -4.292  1.00 28.10 ? 13  ARG A N   1 
ATOM   83  C CA  . ARG A 1 13  ? 6.483   17.193  -5.197  1.00 30.80 ? 13  ARG A CA  1 
ATOM   84  C C   . ARG A 1 13  ? 5.793   16.421  -6.313  1.00 29.97 ? 13  ARG A C   1 
ATOM   85  O O   . ARG A 1 13  ? 4.805   16.893  -6.872  1.00 30.75 ? 13  ARG A O   1 
ATOM   86  C CB  . ARG A 1 13  ? 7.359   18.305  -5.789  1.00 33.76 ? 13  ARG A CB  1 
ATOM   87  C CG  . ARG A 1 13  ? 8.661   17.827  -6.404  1.00 35.40 ? 13  ARG A CG  1 
ATOM   88  C CD  . ARG A 1 13  ? 9.589   19.011  -6.678  1.00 41.13 ? 13  ARG A CD  1 
ATOM   89  N NE  . ARG A 1 13  ? 10.905  18.586  -7.147  1.00 43.29 ? 13  ARG A NE  1 
ATOM   90  C CZ  . ARG A 1 13  ? 11.126  17.983  -8.310  1.00 45.80 ? 13  ARG A CZ  1 
ATOM   91  N NH1 . ARG A 1 13  ? 10.115  17.733  -9.133  1.00 47.58 ? 13  ARG A NH1 1 
ATOM   92  N NH2 . ARG A 1 13  ? 12.356  17.623  -8.650  1.00 47.45 ? 13  ARG A NH2 1 
ATOM   93  N N   . THR A 1 14  ? 6.297   15.234  -6.627  1.00 28.53 ? 14  THR A N   1 
ATOM   94  C CA  . THR A 1 14  ? 5.705   14.425  -7.688  1.00 27.90 ? 14  THR A CA  1 
ATOM   95  C C   . THR A 1 14  ? 4.798   13.337  -7.122  1.00 27.67 ? 14  THR A C   1 
ATOM   96  O O   . THR A 1 14  ? 5.264   12.253  -6.767  1.00 28.61 ? 14  THR A O   1 
ATOM   97  C CB  . THR A 1 14  ? 6.793   13.768  -8.555  1.00 27.97 ? 14  THR A CB  1 
ATOM   98  O OG1 . THR A 1 14  ? 7.711   14.772  -9.014  1.00 30.80 ? 14  THR A OG1 1 
ATOM   99  C CG2 . THR A 1 14  ? 6.167   13.079  -9.759  1.00 28.05 ? 14  THR A CG2 1 
ATOM   100 N N   . PHE A 1 15  ? 3.501   13.633  -7.047  1.00 24.97 ? 15  PHE A N   1 
ATOM   101 C CA  . PHE A 1 15  ? 2.517   12.696  -6.515  1.00 25.35 ? 15  PHE A CA  1 
ATOM   102 C C   . PHE A 1 15  ? 1.711   12.029  -7.624  1.00 27.65 ? 15  PHE A C   1 
ATOM   103 O O   . PHE A 1 15  ? 1.633   12.537  -8.746  1.00 26.28 ? 15  PHE A O   1 
ATOM   104 C CB  . PHE A 1 15  ? 1.547   13.412  -5.565  1.00 24.11 ? 15  PHE A CB  1 
ATOM   105 C CG  . PHE A 1 15  ? 2.215   14.061  -4.385  1.00 22.96 ? 15  PHE A CG  1 
ATOM   106 C CD1 . PHE A 1 15  ? 2.875   15.278  -4.525  1.00 22.58 ? 15  PHE A CD1 1 
ATOM   107 C CD2 . PHE A 1 15  ? 2.200   13.447  -3.138  1.00 20.75 ? 15  PHE A CD2 1 
ATOM   108 C CE1 . PHE A 1 15  ? 3.511   15.879  -3.434  1.00 22.41 ? 15  PHE A CE1 1 
ATOM   109 C CE2 . PHE A 1 15  ? 2.834   14.037  -2.040  1.00 21.06 ? 15  PHE A CE2 1 
ATOM   110 C CZ  . PHE A 1 15  ? 3.490   15.257  -2.192  1.00 21.16 ? 15  PHE A CZ  1 
ATOM   111 N N   . PRO A 1 16  ? 1.093   10.878  -7.320  1.00 28.85 ? 16  PRO A N   1 
ATOM   112 C CA  . PRO A 1 16  ? 0.292   10.161  -8.316  1.00 30.95 ? 16  PRO A CA  1 
ATOM   113 C C   . PRO A 1 16  ? -0.890  11.000  -8.803  1.00 33.99 ? 16  PRO A C   1 
ATOM   114 O O   . PRO A 1 16  ? -1.657  11.527  -7.997  1.00 32.82 ? 16  PRO A O   1 
ATOM   115 C CB  . PRO A 1 16  ? -0.168  8.915   -7.557  1.00 31.50 ? 16  PRO A CB  1 
ATOM   116 C CG  . PRO A 1 16  ? 0.961   8.678   -6.592  1.00 29.77 ? 16  PRO A CG  1 
ATOM   117 C CD  . PRO A 1 16  ? 1.237   10.078  -6.091  1.00 29.60 ? 16  PRO A CD  1 
ATOM   118 N N   . LYS A 1 17  ? -1.021  11.129  -10.120 1.00 36.45 ? 17  LYS A N   1 
ATOM   119 C CA  . LYS A 1 17  ? -2.119  11.890  -10.710 1.00 38.52 ? 17  LYS A CA  1 
ATOM   120 C C   . LYS A 1 17  ? -3.226  10.926  -11.131 1.00 39.33 ? 17  LYS A C   1 
ATOM   121 O O   . LYS A 1 17  ? -3.000  9.723   -11.252 1.00 37.42 ? 17  LYS A O   1 
ATOM   122 C CB  . LYS A 1 17  ? -1.642  12.667  -11.940 1.00 39.94 ? 17  LYS A CB  1 
ATOM   123 C CG  . LYS A 1 17  ? -0.570  13.709  -11.675 1.00 44.00 ? 17  LYS A CG  1 
ATOM   124 C CD  . LYS A 1 17  ? -0.239  14.461  -12.960 1.00 46.38 ? 17  LYS A CD  1 
ATOM   125 C CE  . LYS A 1 17  ? 0.818   15.532  -12.731 1.00 49.06 ? 17  LYS A CE  1 
ATOM   126 N NZ  . LYS A 1 17  ? 1.096   16.322  -13.970 1.00 51.00 ? 17  LYS A NZ  1 
ATOM   127 N N   . LYS A 1 18  ? -4.418  11.460  -11.367 1.00 41.71 ? 18  LYS A N   1 
ATOM   128 C CA  . LYS A 1 18  ? -5.549  10.636  -11.779 1.00 43.46 ? 18  LYS A CA  1 
ATOM   129 C C   . LYS A 1 18  ? -5.227  9.867   -13.059 1.00 42.40 ? 18  LYS A C   1 
ATOM   130 O O   . LYS A 1 18  ? -4.688  10.427  -14.011 1.00 42.28 ? 18  LYS A O   1 
ATOM   131 C CB  . LYS A 1 18  ? -6.781  11.513  -12.006 1.00 45.53 ? 18  LYS A CB  1 
ATOM   132 C CG  . LYS A 1 18  ? -7.193  12.329  -10.793 1.00 48.87 ? 18  LYS A CG  1 
ATOM   133 C CD  . LYS A 1 18  ? -8.408  13.194  -11.098 1.00 52.71 ? 18  LYS A CD  1 
ATOM   134 C CE  . LYS A 1 18  ? -8.809  14.037  -9.895  1.00 53.21 ? 18  LYS A CE  1 
ATOM   135 N NZ  . LYS A 1 18  ? -10.003 14.874  -10.191 1.00 54.33 ? 18  LYS A NZ  1 
ATOM   136 N N   . GLY A 1 19  ? -5.547  8.578   -13.068 1.00 43.63 ? 19  GLY A N   1 
ATOM   137 C CA  . GLY A 1 19  ? -5.293  7.763   -14.245 1.00 43.90 ? 19  GLY A CA  1 
ATOM   138 C C   . GLY A 1 19  ? -3.902  7.165   -14.353 1.00 44.04 ? 19  GLY A C   1 
ATOM   139 O O   . GLY A 1 19  ? -3.706  6.177   -15.065 1.00 43.81 ? 19  GLY A O   1 
ATOM   140 N N   . GLN A 1 20  ? -2.930  7.754   -13.660 1.00 42.75 ? 20  GLN A N   1 
ATOM   141 C CA  . GLN A 1 20  ? -1.564  7.248   -13.704 1.00 40.20 ? 20  GLN A CA  1 
ATOM   142 C C   . GLN A 1 20  ? -1.472  5.849   -13.120 1.00 38.98 ? 20  GLN A C   1 
ATOM   143 O O   . GLN A 1 20  ? -2.341  5.420   -12.359 1.00 38.22 ? 20  GLN A O   1 
ATOM   144 C CB  . GLN A 1 20  ? -0.612  8.163   -12.931 1.00 41.76 ? 20  GLN A CB  1 
ATOM   145 C CG  . GLN A 1 20  ? -0.292  9.471   -13.622 1.00 43.89 ? 20  GLN A CG  1 
ATOM   146 C CD  . GLN A 1 20  ? 0.940   10.138  -13.040 1.00 44.26 ? 20  GLN A CD  1 
ATOM   147 O OE1 . GLN A 1 20  ? 0.952   10.546  -11.879 1.00 43.70 ? 20  GLN A OE1 1 
ATOM   148 N NE2 . GLN A 1 20  ? 1.992   10.241  -13.845 1.00 44.65 ? 20  GLN A NE2 1 
ATOM   149 N N   . THR A 1 21  ? -0.410  5.142   -13.486 1.00 36.54 ? 21  THR A N   1 
ATOM   150 C CA  . THR A 1 21  ? -0.183  3.796   -12.986 1.00 36.39 ? 21  THR A CA  1 
ATOM   151 C C   . THR A 1 21  ? 0.978   3.854   -12.007 1.00 34.52 ? 21  THR A C   1 
ATOM   152 O O   . THR A 1 21  ? 2.086   4.255   -12.369 1.00 33.99 ? 21  THR A O   1 
ATOM   153 C CB  . THR A 1 21  ? 0.175   2.816   -14.122 1.00 35.83 ? 21  THR A CB  1 
ATOM   154 O OG1 . THR A 1 21  ? -0.898  2.770   -15.072 1.00 36.92 ? 21  THR A OG1 1 
ATOM   155 C CG2 . THR A 1 21  ? 0.406   1.424   -13.563 1.00 37.09 ? 21  THR A CG2 1 
ATOM   156 N N   . CYS A 1 22  ? 0.713   3.476   -10.762 1.00 33.46 ? 22  CYS A N   1 
ATOM   157 C CA  . CYS A 1 22  ? 1.750   3.481   -9.743  1.00 30.37 ? 22  CYS A CA  1 
ATOM   158 C C   . CYS A 1 22  ? 2.569   2.202   -9.816  1.00 29.65 ? 22  CYS A C   1 
ATOM   159 O O   . CYS A 1 22  ? 2.018   1.106   -9.925  1.00 27.53 ? 22  CYS A O   1 
ATOM   160 C CB  . CYS A 1 22  ? 1.129   3.603   -8.350  1.00 31.90 ? 22  CYS A CB  1 
ATOM   161 S SG  . CYS A 1 22  ? 0.366   5.203   -8.004  1.00 33.69 ? 22  CYS A SG  1 
ATOM   162 N N   . VAL A 1 23  ? 3.888   2.352   -9.783  1.00 28.42 ? 23  VAL A N   1 
ATOM   163 C CA  . VAL A 1 23  ? 4.784   1.204   -9.790  1.00 27.66 ? 23  VAL A CA  1 
ATOM   164 C C   . VAL A 1 23  ? 5.350   1.196   -8.381  1.00 28.17 ? 23  VAL A C   1 
ATOM   165 O O   . VAL A 1 23  ? 6.062   2.117   -7.975  1.00 26.83 ? 23  VAL A O   1 
ATOM   166 C CB  . VAL A 1 23  ? 5.924   1.357   -10.810 1.00 27.73 ? 23  VAL A CB  1 
ATOM   167 C CG1 . VAL A 1 23  ? 6.767   0.087   -10.830 1.00 25.39 ? 23  VAL A CG1 1 
ATOM   168 C CG2 . VAL A 1 23  ? 5.350   1.638   -12.197 1.00 27.41 ? 23  VAL A CG2 1 
ATOM   169 N N   . VAL A 1 24  ? 5.021   0.153   -7.636  1.00 27.57 ? 24  VAL A N   1 
ATOM   170 C CA  . VAL A 1 24  ? 5.439   0.049   -6.249  1.00 29.44 ? 24  VAL A CA  1 
ATOM   171 C C   . VAL A 1 24  ? 6.026   -1.302  -5.858  1.00 28.94 ? 24  VAL A C   1 
ATOM   172 O O   . VAL A 1 24  ? 5.832   -2.308  -6.540  1.00 28.56 ? 24  VAL A O   1 
ATOM   173 C CB  . VAL A 1 24  ? 4.220   0.307   -5.320  1.00 29.21 ? 24  VAL A CB  1 
ATOM   174 C CG1 . VAL A 1 24  ? 4.546   -0.074  -3.887  1.00 32.59 ? 24  VAL A CG1 1 
ATOM   175 C CG2 . VAL A 1 24  ? 3.798   1.763   -5.405  1.00 26.32 ? 24  VAL A CG2 1 
ATOM   176 N N   . HIS A 1 25  ? 6.764   -1.294  -4.753  1.00 27.99 ? 25  HIS A N   1 
ATOM   177 C CA  . HIS A 1 25  ? 7.296   -2.510  -4.173  1.00 27.11 ? 25  HIS A CA  1 
ATOM   178 C C   . HIS A 1 25  ? 6.630   -2.501  -2.801  1.00 26.48 ? 25  HIS A C   1 
ATOM   179 O O   . HIS A 1 25  ? 6.537   -1.453  -2.165  1.00 25.41 ? 25  HIS A O   1 
ATOM   180 C CB  . HIS A 1 25  ? 8.811   -2.455  -4.022  1.00 30.82 ? 25  HIS A CB  1 
ATOM   181 C CG  . HIS A 1 25  ? 9.532   -3.425  -4.903  1.00 34.02 ? 25  HIS A CG  1 
ATOM   182 N ND1 . HIS A 1 25  ? 9.131   -4.737  -5.045  1.00 34.99 ? 25  HIS A ND1 1 
ATOM   183 C CD2 . HIS A 1 25  ? 10.628  -3.280  -5.685  1.00 34.85 ? 25  HIS A CD2 1 
ATOM   184 C CE1 . HIS A 1 25  ? 9.947   -5.356  -5.877  1.00 35.13 ? 25  HIS A CE1 1 
ATOM   185 N NE2 . HIS A 1 25  ? 10.864  -4.496  -6.280  1.00 34.54 ? 25  HIS A NE2 1 
ATOM   186 N N   . TYR A 1 26  ? 6.142   -3.645  -2.344  1.00 23.51 ? 26  TYR A N   1 
ATOM   187 C CA  . TYR A 1 26  ? 5.487   -3.672  -1.049  1.00 21.96 ? 26  TYR A CA  1 
ATOM   188 C C   . TYR A 1 26  ? 5.671   -4.992  -0.319  1.00 22.17 ? 26  TYR A C   1 
ATOM   189 O O   . TYR A 1 26  ? 6.029   -6.010  -0.910  1.00 22.73 ? 26  TYR A O   1 
ATOM   190 C CB  . TYR A 1 26  ? 3.986   -3.391  -1.220  1.00 20.13 ? 26  TYR A CB  1 
ATOM   191 C CG  . TYR A 1 26  ? 3.212   -4.565  -1.785  1.00 20.04 ? 26  TYR A CG  1 
ATOM   192 C CD1 . TYR A 1 26  ? 2.745   -5.584  -0.951  1.00 19.93 ? 26  TYR A CD1 1 
ATOM   193 C CD2 . TYR A 1 26  ? 2.992   -4.687  -3.158  1.00 19.72 ? 26  TYR A CD2 1 
ATOM   194 C CE1 . TYR A 1 26  ? 2.077   -6.692  -1.467  1.00 19.47 ? 26  TYR A CE1 1 
ATOM   195 C CE2 . TYR A 1 26  ? 2.330   -5.797  -3.688  1.00 21.41 ? 26  TYR A CE2 1 
ATOM   196 C CZ  . TYR A 1 26  ? 1.877   -6.797  -2.833  1.00 22.07 ? 26  TYR A CZ  1 
ATOM   197 O OH  . TYR A 1 26  ? 1.234   -7.902  -3.344  1.00 21.92 ? 26  TYR A OH  1 
ATOM   198 N N   . THR A 1 27  ? 5.417   -4.944  0.981   1.00 22.68 ? 27  THR A N   1 
ATOM   199 C CA  . THR A 1 27  ? 5.482   -6.096  1.860   1.00 23.03 ? 27  THR A CA  1 
ATOM   200 C C   . THR A 1 27  ? 4.284   -5.888  2.778   1.00 24.23 ? 27  THR A C   1 
ATOM   201 O O   . THR A 1 27  ? 4.150   -4.833  3.405   1.00 23.75 ? 27  THR A O   1 
ATOM   202 C CB  . THR A 1 27  ? 6.778   -6.114  2.699   1.00 23.08 ? 27  THR A CB  1 
ATOM   203 O OG1 . THR A 1 27  ? 7.912   -6.235  1.828   1.00 22.55 ? 27  THR A OG1 1 
ATOM   204 C CG2 . THR A 1 27  ? 6.762   -7.284  3.679   1.00 24.02 ? 27  THR A CG2 1 
ATOM   205 N N   . GLY A 1 28  ? 3.402   -6.881  2.826   1.00 22.81 ? 28  GLY A N   1 
ATOM   206 C CA  . GLY A 1 28  ? 2.214   -6.777  3.655   1.00 22.99 ? 28  GLY A CA  1 
ATOM   207 C C   . GLY A 1 28  ? 2.317   -7.658  4.876   1.00 24.27 ? 28  GLY A C   1 
ATOM   208 O O   . GLY A 1 28  ? 2.793   -8.794  4.803   1.00 24.56 ? 28  GLY A O   1 
ATOM   209 N N   . MET A 1 29  ? 1.848   -7.145  6.003   1.00 23.52 ? 29  MET A N   1 
ATOM   210 C CA  . MET A 1 29  ? 1.927   -7.885  7.249   1.00 24.93 ? 29  MET A CA  1 
ATOM   211 C C   . MET A 1 29  ? 0.734   -7.581  8.146   1.00 23.98 ? 29  MET A C   1 
ATOM   212 O O   . MET A 1 29  ? 0.246   -6.450  8.179   1.00 20.82 ? 29  MET A O   1 
ATOM   213 C CB  . MET A 1 29  ? 3.233   -7.499  7.948   1.00 27.99 ? 29  MET A CB  1 
ATOM   214 C CG  . MET A 1 29  ? 3.447   -8.045  9.335   1.00 31.43 ? 29  MET A CG  1 
ATOM   215 S SD  . MET A 1 29  ? 4.970   -7.319  10.009  1.00 35.86 ? 29  MET A SD  1 
ATOM   216 C CE  . MET A 1 29  ? 4.348   -5.836  10.773  1.00 33.75 ? 29  MET A CE  1 
ATOM   217 N N   . LEU A 1 30  ? 0.252   -8.590  8.861   1.00 21.67 ? 30  LEU A N   1 
ATOM   218 C CA  . LEU A 1 30  ? -0.861  -8.390  9.782   1.00 26.49 ? 30  LEU A CA  1 
ATOM   219 C C   . LEU A 1 30  ? -0.284  -7.688  11.006  1.00 28.21 ? 30  LEU A C   1 
ATOM   220 O O   . LEU A 1 30  ? 0.814   -8.023  11.447  1.00 27.65 ? 30  LEU A O   1 
ATOM   221 C CB  . LEU A 1 30  ? -1.461  -9.736  10.201  1.00 26.47 ? 30  LEU A CB  1 
ATOM   222 C CG  . LEU A 1 30  ? -2.086  -10.585 9.098   1.00 26.28 ? 30  LEU A CG  1 
ATOM   223 C CD1 . LEU A 1 30  ? -2.454  -11.958 9.652   1.00 28.08 ? 30  LEU A CD1 1 
ATOM   224 C CD2 . LEU A 1 30  ? -3.313  -9.872  8.554   1.00 26.82 ? 30  LEU A CD2 1 
ATOM   225 N N   . GLN A 1 31  ? -1.000  -6.712  11.554  1.00 30.89 ? 31  GLN A N   1 
ATOM   226 C CA  . GLN A 1 31  ? -0.493  -6.002  12.724  1.00 34.39 ? 31  GLN A CA  1 
ATOM   227 C C   . GLN A 1 31  ? -0.264  -7.035  13.818  1.00 35.92 ? 31  GLN A C   1 
ATOM   228 O O   . GLN A 1 31  ? -1.181  -7.772  14.170  1.00 36.61 ? 31  GLN A O   1 
ATOM   229 C CB  . GLN A 1 31  ? -1.499  -4.959  13.215  1.00 35.52 ? 31  GLN A CB  1 
ATOM   230 C CG  . GLN A 1 31  ? -0.923  -4.008  14.250  1.00 37.83 ? 31  GLN A CG  1 
ATOM   231 C CD  . GLN A 1 31  ? -1.983  -3.292  15.055  1.00 38.53 ? 31  GLN A CD  1 
ATOM   232 O OE1 . GLN A 1 31  ? -2.987  -2.838  14.518  1.00 35.96 ? 31  GLN A OE1 1 
ATOM   233 N NE2 . GLN A 1 31  ? -1.747  -3.166  16.360  1.00 45.31 ? 31  GLN A NE2 1 
ATOM   234 N N   . ASN A 1 32  ? 0.955   -7.092  14.350  1.00 36.30 ? 32  ASN A N   1 
ATOM   235 C CA  . ASN A 1 32  ? 1.281   -8.055  15.398  1.00 37.64 ? 32  ASN A CA  1 
ATOM   236 C C   . ASN A 1 32  ? 1.051   -9.481  14.882  1.00 38.25 ? 32  ASN A C   1 
ATOM   237 O O   . ASN A 1 32  ? 0.732   -10.391 15.647  1.00 38.95 ? 32  ASN A O   1 
ATOM   238 C CB  . ASN A 1 32  ? 0.417   -7.793  16.638  1.00 39.43 ? 32  ASN A CB  1 
ATOM   239 C CG  . ASN A 1 32  ? 0.608   -6.388  17.201  1.00 40.50 ? 32  ASN A CG  1 
ATOM   240 O OD1 . ASN A 1 32  ? -0.281  -5.849  17.862  1.00 40.45 ? 32  ASN A OD1 1 
ATOM   241 N ND2 . ASN A 1 32  ? 1.775   -5.798  16.947  1.00 40.94 ? 32  ASN A ND2 1 
ATOM   242 N N   . GLY A 1 33  ? 1.211   -9.666  13.576  1.00 37.90 ? 33  GLY A N   1 
ATOM   243 C CA  . GLY A 1 33  ? 1.025   -10.976 12.977  1.00 35.16 ? 33  GLY A CA  1 
ATOM   244 C C   . GLY A 1 33  ? 2.131   -11.269 11.979  1.00 34.25 ? 33  GLY A C   1 
ATOM   245 O O   . GLY A 1 33  ? 3.189   -10.638 12.006  1.00 34.52 ? 33  GLY A O   1 
ATOM   246 N N   . LYS A 1 34  ? 1.883   -12.214 11.082  1.00 31.97 ? 34  LYS A N   1 
ATOM   247 C CA  . LYS A 1 34  ? 2.871   -12.598 10.082  1.00 30.39 ? 34  LYS A CA  1 
ATOM   248 C C   . LYS A 1 34  ? 2.784   -11.802 8.784   1.00 28.69 ? 34  LYS A C   1 
ATOM   249 O O   . LYS A 1 34  ? 1.756   -11.196 8.469   1.00 24.47 ? 34  LYS A O   1 
ATOM   250 C CB  . LYS A 1 34  ? 2.714   -14.081 9.741   1.00 33.74 ? 34  LYS A CB  1 
ATOM   251 C CG  . LYS A 1 34  ? 1.333   -14.436 9.210   1.00 36.40 ? 34  LYS A CG  1 
ATOM   252 C CD  . LYS A 1 34  ? 1.319   -15.782 8.495   1.00 40.38 ? 34  LYS A CD  1 
ATOM   253 C CE  . LYS A 1 34  ? 2.117   -15.726 7.194   1.00 40.75 ? 34  LYS A CE  1 
ATOM   254 N NZ  . LYS A 1 34  ? 2.047   -17.006 6.433   1.00 43.06 ? 34  LYS A NZ  1 
ATOM   255 N N   . LYS A 1 35  ? 3.879   -11.817 8.032   1.00 28.66 ? 35  LYS A N   1 
ATOM   256 C CA  . LYS A 1 35  ? 3.934   -11.152 6.739   1.00 29.05 ? 35  LYS A CA  1 
ATOM   257 C C   . LYS A 1 35  ? 3.152   -12.094 5.830   1.00 28.31 ? 35  LYS A C   1 
ATOM   258 O O   . LYS A 1 35  ? 3.311   -13.309 5.927   1.00 29.00 ? 35  LYS A O   1 
ATOM   259 C CB  . LYS A 1 35  ? 5.382   -11.038 6.262   1.00 30.08 ? 35  LYS A CB  1 
ATOM   260 C CG  . LYS A 1 35  ? 6.258   -10.148 7.144   1.00 32.70 ? 35  LYS A CG  1 
ATOM   261 C CD  . LYS A 1 35  ? 7.717   -10.161 6.698   1.00 33.75 ? 35  LYS A CD  1 
ATOM   262 C CE  . LYS A 1 35  ? 8.331   -11.547 6.883   1.00 36.51 ? 35  LYS A CE  1 
ATOM   263 N NZ  . LYS A 1 35  ? 9.789   -11.580 6.575   1.00 38.61 ? 35  LYS A NZ  1 
ATOM   264 N N   . PHE A 1 36  ? 2.308   -11.551 4.960   1.00 25.55 ? 36  PHE A N   1 
ATOM   265 C CA  . PHE A 1 36  ? 1.508   -12.400 4.084   1.00 24.50 ? 36  PHE A CA  1 
ATOM   266 C C   . PHE A 1 36  ? 1.817   -12.229 2.604   1.00 24.80 ? 36  PHE A C   1 
ATOM   267 O O   . PHE A 1 36  ? 1.377   -13.028 1.779   1.00 24.80 ? 36  PHE A O   1 
ATOM   268 C CB  . PHE A 1 36  ? 0.013   -12.161 4.345   1.00 24.31 ? 36  PHE A CB  1 
ATOM   269 C CG  . PHE A 1 36  ? -0.403  -10.715 4.260   1.00 23.53 ? 36  PHE A CG  1 
ATOM   270 C CD1 . PHE A 1 36  ? -0.556  -10.089 3.029   1.00 22.39 ? 36  PHE A CD1 1 
ATOM   271 C CD2 . PHE A 1 36  ? -0.639  -9.978  5.421   1.00 23.69 ? 36  PHE A CD2 1 
ATOM   272 C CE1 . PHE A 1 36  ? -0.939  -8.745  2.954   1.00 22.59 ? 36  PHE A CE1 1 
ATOM   273 C CE2 . PHE A 1 36  ? -1.020  -8.639  5.357   1.00 20.71 ? 36  PHE A CE2 1 
ATOM   274 C CZ  . PHE A 1 36  ? -1.171  -8.023  4.119   1.00 22.41 ? 36  PHE A CZ  1 
ATOM   275 N N   . ASP A 1 37  ? 2.579   -11.197 2.260   1.00 24.02 ? 37  ASP A N   1 
ATOM   276 C CA  . ASP A 1 37  ? 2.919   -10.973 0.863   1.00 24.50 ? 37  ASP A CA  1 
ATOM   277 C C   . ASP A 1 37  ? 4.105   -10.026 0.738   1.00 26.02 ? 37  ASP A C   1 
ATOM   278 O O   . ASP A 1 37  ? 4.312   -9.151  1.581   1.00 25.02 ? 37  ASP A O   1 
ATOM   279 C CB  . ASP A 1 37  ? 1.713   -10.402 0.110   1.00 23.83 ? 37  ASP A CB  1 
ATOM   280 C CG  . ASP A 1 37  ? 1.854   -10.526 -1.398  1.00 25.17 ? 37  ASP A CG  1 
ATOM   281 O OD1 . ASP A 1 37  ? 2.870   -11.091 -1.852  1.00 28.91 ? 37  ASP A OD1 1 
ATOM   282 O OD2 . ASP A 1 37  ? 0.954   -10.069 -2.129  1.00 26.32 ? 37  ASP A OD2 1 
ATOM   283 N N   . SER A 1 38  ? 4.889   -10.212 -0.318  1.00 26.51 ? 38  SER A N   1 
ATOM   284 C CA  . SER A 1 38  ? 6.050   -9.366  -0.556  1.00 28.37 ? 38  SER A CA  1 
ATOM   285 C C   . SER A 1 38  ? 6.422   -9.349  -2.030  1.00 29.50 ? 38  SER A C   1 
ATOM   286 O O   . SER A 1 38  ? 6.832   -10.368 -2.589  1.00 29.62 ? 38  SER A O   1 
ATOM   287 C CB  . SER A 1 38  ? 7.246   -9.860  0.267   1.00 30.28 ? 38  SER A CB  1 
ATOM   288 O OG  . SER A 1 38  ? 8.435   -9.178  -0.099  1.00 31.80 ? 38  SER A OG  1 
ATOM   289 N N   . SER A 1 39  ? 6.265   -8.188  -2.658  1.00 30.14 ? 39  SER A N   1 
ATOM   290 C CA  . SER A 1 39  ? 6.615   -8.038  -4.064  1.00 29.80 ? 39  SER A CA  1 
ATOM   291 C C   . SER A 1 39  ? 8.139   -8.048  -4.154  1.00 31.32 ? 39  SER A C   1 
ATOM   292 O O   . SER A 1 39  ? 8.709   -8.391  -5.188  1.00 30.77 ? 39  SER A O   1 
ATOM   293 C CB  . SER A 1 39  ? 6.077   -6.714  -4.615  1.00 30.20 ? 39  SER A CB  1 
ATOM   294 O OG  . SER A 1 39  ? 6.713   -5.608  -3.990  1.00 25.49 ? 39  SER A OG  1 
ATOM   295 N N   . ARG A 1 40  ? 8.792   -7.669  -3.059  1.00 33.29 ? 40  ARG A N   1 
ATOM   296 C CA  . ARG A 1 40  ? 10.252  -7.633  -3.006  1.00 34.99 ? 40  ARG A CA  1 
ATOM   297 C C   . ARG A 1 40  ? 10.842  -9.042  -2.971  1.00 36.17 ? 40  ARG A C   1 
ATOM   298 O O   . ARG A 1 40  ? 11.887  -9.292  -3.570  1.00 33.93 ? 40  ARG A O   1 
ATOM   299 C CB  . ARG A 1 40  ? 10.729  -6.852  -1.774  1.00 36.17 ? 40  ARG A CB  1 
ATOM   300 C CG  . ARG A 1 40  ? 10.248  -5.400  -1.702  1.00 37.00 ? 40  ARG A CG  1 
ATOM   301 C CD  . ARG A 1 40  ? 10.986  -4.620  -0.611  1.00 37.61 ? 40  ARG A CD  1 
ATOM   302 N NE  . ARG A 1 40  ? 10.525  -3.236  -0.504  1.00 36.10 ? 40  ARG A NE  1 
ATOM   303 C CZ  . ARG A 1 40  ? 9.475   -2.846  0.215   1.00 36.56 ? 40  ARG A CZ  1 
ATOM   304 N NH1 . ARG A 1 40  ? 8.767   -3.734  0.904   1.00 30.48 ? 40  ARG A NH1 1 
ATOM   305 N NH2 . ARG A 1 40  ? 9.121   -1.563  0.237   1.00 33.36 ? 40  ARG A NH2 1 
ATOM   306 N N   . ASP A 1 41  ? 10.176  -9.957  -2.268  1.00 37.76 ? 41  ASP A N   1 
ATOM   307 C CA  . ASP A 1 41  ? 10.653  -11.336 -2.166  1.00 39.97 ? 41  ASP A CA  1 
ATOM   308 C C   . ASP A 1 41  ? 10.631  -12.080 -3.496  1.00 41.05 ? 41  ASP A C   1 
ATOM   309 O O   . ASP A 1 41  ? 11.390  -13.032 -3.694  1.00 40.15 ? 41  ASP A O   1 
ATOM   310 C CB  . ASP A 1 41  ? 9.837   -12.124 -1.136  1.00 40.68 ? 41  ASP A CB  1 
ATOM   311 C CG  . ASP A 1 41  ? 10.216  -11.781 0.298   1.00 42.54 ? 41  ASP A CG  1 
ATOM   312 O OD1 . ASP A 1 41  ? 11.390  -11.416 0.536   1.00 43.11 ? 41  ASP A OD1 1 
ATOM   313 O OD2 . ASP A 1 41  ? 9.346   -11.895 1.189   1.00 42.40 ? 41  ASP A OD2 1 
ATOM   314 N N   . ARG A 1 42  ? 9.750   -11.665 -4.399  1.00 41.57 ? 42  ARG A N   1 
ATOM   315 C CA  . ARG A 1 42  ? 9.668   -12.299 -5.711  1.00 42.93 ? 42  ARG A CA  1 
ATOM   316 C C   . ARG A 1 42  ? 10.289  -11.392 -6.765  1.00 43.49 ? 42  ARG A C   1 
ATOM   317 O O   . ARG A 1 42  ? 10.171  -11.644 -7.965  1.00 43.80 ? 42  ARG A O   1 
ATOM   318 C CB  . ARG A 1 42  ? 8.213   -12.607 -6.076  1.00 43.79 ? 42  ARG A CB  1 
ATOM   319 C CG  . ARG A 1 42  ? 7.252   -11.469 -5.819  1.00 43.86 ? 42  ARG A CG  1 
ATOM   320 C CD  . ARG A 1 42  ? 5.909   -11.716 -6.488  1.00 45.65 ? 42  ARG A CD  1 
ATOM   321 N NE  . ARG A 1 42  ? 4.920   -10.720 -6.083  1.00 45.99 ? 42  ARG A NE  1 
ATOM   322 C CZ  . ARG A 1 42  ? 4.293   -10.725 -4.912  1.00 46.03 ? 42  ARG A CZ  1 
ATOM   323 N NH1 . ARG A 1 42  ? 4.546   -11.679 -4.024  1.00 44.68 ? 42  ARG A NH1 1 
ATOM   324 N NH2 . ARG A 1 42  ? 3.417   -9.771  -4.623  1.00 46.09 ? 42  ARG A NH2 1 
ATOM   325 N N   . ASN A 1 43  ? 10.970  -10.346 -6.299  1.00 43.81 ? 43  ASN A N   1 
ATOM   326 C CA  . ASN A 1 43  ? 11.634  -9.380  -7.169  1.00 44.71 ? 43  ASN A CA  1 
ATOM   327 C C   . ASN A 1 43  ? 10.747  -8.997  -8.350  1.00 44.31 ? 43  ASN A C   1 
ATOM   328 O O   . ASN A 1 43  ? 11.110  -9.213  -9.505  1.00 45.08 ? 43  ASN A O   1 
ATOM   329 C CB  . ASN A 1 43  ? 12.956  -9.953  -7.695  1.00 45.69 ? 43  ASN A CB  1 
ATOM   330 C CG  . ASN A 1 43  ? 13.934  -10.301 -6.581  1.00 47.80 ? 43  ASN A CG  1 
ATOM   331 O OD1 . ASN A 1 43  ? 13.765  -11.297 -5.873  1.00 46.39 ? 43  ASN A OD1 1 
ATOM   332 N ND2 . ASN A 1 43  ? 14.964  -9.476  -6.423  1.00 49.39 ? 43  ASN A ND2 1 
ATOM   333 N N   . LYS A 1 44  ? 9.585   -8.427  -8.060  1.00 42.74 ? 44  LYS A N   1 
ATOM   334 C CA  . LYS A 1 44  ? 8.662   -8.034  -9.116  1.00 41.83 ? 44  LYS A CA  1 
ATOM   335 C C   . LYS A 1 44  ? 7.754   -6.892  -8.675  1.00 39.44 ? 44  LYS A C   1 
ATOM   336 O O   . LYS A 1 44  ? 6.811   -7.097  -7.909  1.00 40.88 ? 44  LYS A O   1 
ATOM   337 C CB  . LYS A 1 44  ? 7.817   -9.242  -9.541  1.00 43.11 ? 44  LYS A CB  1 
ATOM   338 C CG  . LYS A 1 44  ? 6.891   -8.992  -10.724 1.00 45.35 ? 44  LYS A CG  1 
ATOM   339 C CD  . LYS A 1 44  ? 6.261   -10.297 -11.205 1.00 47.88 ? 44  LYS A CD  1 
ATOM   340 C CE  . LYS A 1 44  ? 5.313   -10.080 -12.380 1.00 48.43 ? 44  LYS A CE  1 
ATOM   341 N NZ  . LYS A 1 44  ? 4.078   -9.341  -11.994 1.00 49.81 ? 44  LYS A NZ  1 
ATOM   342 N N   . PRO A 1 45  ? 8.038   -5.668  -9.147  1.00 37.98 ? 45  PRO A N   1 
ATOM   343 C CA  . PRO A 1 45  ? 7.235   -4.492  -8.797  1.00 36.36 ? 45  PRO A CA  1 
ATOM   344 C C   . PRO A 1 45  ? 5.753   -4.717  -9.086  1.00 35.13 ? 45  PRO A C   1 
ATOM   345 O O   . PRO A 1 45  ? 5.392   -5.430  -10.026 1.00 36.30 ? 45  PRO A O   1 
ATOM   346 C CB  . PRO A 1 45  ? 7.837   -3.398  -9.670  1.00 36.41 ? 45  PRO A CB  1 
ATOM   347 C CG  . PRO A 1 45  ? 9.284   -3.783  -9.709  1.00 37.45 ? 45  PRO A CG  1 
ATOM   348 C CD  . PRO A 1 45  ? 9.209   -5.275  -9.952  1.00 38.47 ? 45  PRO A CD  1 
ATOM   349 N N   . PHE A 1 46  ? 4.909   -4.101  -8.267  1.00 31.87 ? 46  PHE A N   1 
ATOM   350 C CA  . PHE A 1 46  ? 3.459   -4.204  -8.382  1.00 29.84 ? 46  PHE A CA  1 
ATOM   351 C C   . PHE A 1 46  ? 2.905   -2.919  -9.010  1.00 30.51 ? 46  PHE A C   1 
ATOM   352 O O   . PHE A 1 46  ? 3.303   -1.816  -8.627  1.00 29.81 ? 46  PHE A O   1 
ATOM   353 C CB  . PHE A 1 46  ? 2.866   -4.393  -6.983  1.00 28.55 ? 46  PHE A CB  1 
ATOM   354 C CG  . PHE A 1 46  ? 1.369   -4.471  -6.956  1.00 27.51 ? 46  PHE A CG  1 
ATOM   355 C CD1 . PHE A 1 46  ? 0.710   -5.631  -7.353  1.00 26.97 ? 46  PHE A CD1 1 
ATOM   356 C CD2 . PHE A 1 46  ? 0.613   -3.390  -6.503  1.00 26.68 ? 46  PHE A CD2 1 
ATOM   357 C CE1 . PHE A 1 46  ? -0.688  -5.716  -7.295  1.00 26.11 ? 46  PHE A CE1 1 
ATOM   358 C CE2 . PHE A 1 46  ? -0.782  -3.461  -6.442  1.00 24.76 ? 46  PHE A CE2 1 
ATOM   359 C CZ  . PHE A 1 46  ? -1.435  -4.624  -6.836  1.00 24.99 ? 46  PHE A CZ  1 
ATOM   360 N N   . LYS A 1 47  ? 1.992   -3.058  -9.966  1.00 29.26 ? 47  LYS A N   1 
ATOM   361 C CA  . LYS A 1 47  ? 1.404   -1.891  -10.620 1.00 29.98 ? 47  LYS A CA  1 
ATOM   362 C C   . LYS A 1 47  ? -0.111  -1.852  -10.461 1.00 30.08 ? 47  LYS A C   1 
ATOM   363 O O   . LYS A 1 47  ? -0.771  -2.893  -10.441 1.00 29.81 ? 47  LYS A O   1 
ATOM   364 C CB  . LYS A 1 47  ? 1.737   -1.885  -12.120 1.00 30.20 ? 47  LYS A CB  1 
ATOM   365 C CG  . LYS A 1 47  ? 3.228   -1.885  -12.454 1.00 31.05 ? 47  LYS A CG  1 
ATOM   366 C CD  . LYS A 1 47  ? 3.452   -1.773  -13.967 1.00 32.32 ? 47  LYS A CD  1 
ATOM   367 C CE  . LYS A 1 47  ? 4.926   -1.873  -14.325 1.00 32.46 ? 47  LYS A CE  1 
ATOM   368 N NZ  . LYS A 1 47  ? 5.167   -1.687  -15.783 1.00 34.18 ? 47  LYS A NZ  1 
ATOM   369 N N   . PHE A 1 48  ? -0.657  -0.648  -10.339 1.00 28.83 ? 48  PHE A N   1 
ATOM   370 C CA  . PHE A 1 48  ? -2.100  -0.470  -10.226 1.00 30.02 ? 48  PHE A CA  1 
ATOM   371 C C   . PHE A 1 48  ? -2.466  0.947   -10.634 1.00 31.58 ? 48  PHE A C   1 
ATOM   372 O O   . PHE A 1 48  ? -1.666  1.872   -10.481 1.00 31.22 ? 48  PHE A O   1 
ATOM   373 C CB  . PHE A 1 48  ? -2.600  -0.748  -8.801  1.00 28.91 ? 48  PHE A CB  1 
ATOM   374 C CG  . PHE A 1 48  ? -2.182  0.285   -7.787  1.00 28.13 ? 48  PHE A CG  1 
ATOM   375 C CD1 . PHE A 1 48  ? -0.891  0.295   -7.273  1.00 30.67 ? 48  PHE A CD1 1 
ATOM   376 C CD2 . PHE A 1 48  ? -3.090  1.240   -7.337  1.00 29.16 ? 48  PHE A CD2 1 
ATOM   377 C CE1 . PHE A 1 48  ? -0.507  1.246   -6.312  1.00 29.97 ? 48  PHE A CE1 1 
ATOM   378 C CE2 . PHE A 1 48  ? -2.720  2.193   -6.383  1.00 27.57 ? 48  PHE A CE2 1 
ATOM   379 C CZ  . PHE A 1 48  ? -1.425  2.194   -5.871  1.00 27.74 ? 48  PHE A CZ  1 
ATOM   380 N N   . ARG A 1 49  ? -3.679  1.102   -11.155 1.00 35.82 ? 49  ARG A N   1 
ATOM   381 C CA  . ARG A 1 49  ? -4.189  2.391   -11.619 1.00 39.06 ? 49  ARG A CA  1 
ATOM   382 C C   . ARG A 1 49  ? -4.860  3.191   -10.507 1.00 39.82 ? 49  ARG A C   1 
ATOM   383 O O   . ARG A 1 49  ? -5.749  2.690   -9.811  1.00 38.86 ? 49  ARG A O   1 
ATOM   384 C CB  . ARG A 1 49  ? -5.201  2.169   -12.745 1.00 41.83 ? 49  ARG A CB  1 
ATOM   385 C CG  . ARG A 1 49  ? -4.702  1.299   -13.889 1.00 47.13 ? 49  ARG A CG  1 
ATOM   386 C CD  . ARG A 1 49  ? -5.853  0.513   -14.516 1.00 50.00 ? 49  ARG A CD  1 
ATOM   387 N NE  . ARG A 1 49  ? -6.944  1.374   -14.970 1.00 52.37 ? 49  ARG A NE  1 
ATOM   388 C CZ  . ARG A 1 49  ? -8.134  0.930   -15.365 1.00 54.67 ? 49  ARG A CZ  1 
ATOM   389 N NH1 . ARG A 1 49  ? -8.395  -0.371  -15.364 1.00 54.69 ? 49  ARG A NH1 1 
ATOM   390 N NH2 . ARG A 1 49  ? -9.067  1.786   -15.762 1.00 56.11 ? 49  ARG A NH2 1 
ATOM   391 N N   . ILE A 1 50  ? -4.438  4.441   -10.360 1.00 39.37 ? 50  ILE A N   1 
ATOM   392 C CA  . ILE A 1 50  ? -4.995  5.341   -9.358  1.00 40.37 ? 50  ILE A CA  1 
ATOM   393 C C   . ILE A 1 50  ? -6.456  5.673   -9.651  1.00 39.48 ? 50  ILE A C   1 
ATOM   394 O O   . ILE A 1 50  ? -6.806  6.010   -10.777 1.00 41.13 ? 50  ILE A O   1 
ATOM   395 C CB  . ILE A 1 50  ? -4.201  6.674   -9.311  1.00 41.57 ? 50  ILE A CB  1 
ATOM   396 C CG1 . ILE A 1 50  ? -2.920  6.493   -8.494  1.00 41.31 ? 50  ILE A CG1 1 
ATOM   397 C CG2 . ILE A 1 50  ? -5.071  7.788   -8.737  1.00 42.71 ? 50  ILE A CG2 1 
ATOM   398 C CD1 . ILE A 1 50  ? -3.170  6.208   -7.023  1.00 41.63 ? 50  ILE A CD1 1 
ATOM   399 N N   . GLY A 1 51  ? -7.302  5.573   -8.632  1.00 39.36 ? 51  GLY A N   1 
ATOM   400 C CA  . GLY A 1 51  ? -8.708  5.906   -8.791  1.00 38.85 ? 51  GLY A CA  1 
ATOM   401 C C   . GLY A 1 51  ? -9.587  4.911   -9.525  1.00 39.09 ? 51  GLY A C   1 
ATOM   402 O O   . GLY A 1 51  ? -10.730 5.230   -9.868  1.00 38.63 ? 51  GLY A O   1 
ATOM   403 N N   . LYS A 1 52  ? -9.073  3.710   -9.771  1.00 37.59 ? 52  LYS A N   1 
ATOM   404 C CA  . LYS A 1 52  ? -9.847  2.694   -10.471 1.00 37.60 ? 52  LYS A CA  1 
ATOM   405 C C   . LYS A 1 52  ? -10.368 1.612   -9.531  1.00 36.89 ? 52  LYS A C   1 
ATOM   406 O O   . LYS A 1 52  ? -10.887 0.590   -9.980  1.00 36.06 ? 52  LYS A O   1 
ATOM   407 C CB  . LYS A 1 52  ? -9.004  2.059   -11.579 1.00 40.28 ? 52  LYS A CB  1 
ATOM   408 C CG  . LYS A 1 52  ? -8.655  3.015   -12.710 1.00 43.12 ? 52  LYS A CG  1 
ATOM   409 C CD  . LYS A 1 52  ? -9.913  3.547   -13.385 1.00 46.19 ? 52  LYS A CD  1 
ATOM   410 C CE  . LYS A 1 52  ? -9.580  4.465   -14.550 1.00 47.02 ? 52  LYS A CE  1 
ATOM   411 N NZ  . LYS A 1 52  ? -10.810 4.951   -15.239 1.00 49.89 ? 52  LYS A NZ  1 
ATOM   412 N N   . GLN A 1 53  ? -10.225 1.842   -8.230  1.00 35.13 ? 53  GLN A N   1 
ATOM   413 C CA  . GLN A 1 53  ? -10.691 0.886   -7.230  1.00 34.23 ? 53  GLN A CA  1 
ATOM   414 C C   . GLN A 1 53  ? -10.140 -0.517  -7.458  1.00 33.03 ? 53  GLN A C   1 
ATOM   415 O O   . GLN A 1 53  ? -10.860 -1.504  -7.302  1.00 32.15 ? 53  GLN A O   1 
ATOM   416 C CB  . GLN A 1 53  ? -12.217 0.829   -7.238  1.00 36.12 ? 53  GLN A CB  1 
ATOM   417 C CG  . GLN A 1 53  ? -12.877 2.162   -6.952  1.00 41.68 ? 53  GLN A CG  1 
ATOM   418 C CD  . GLN A 1 53  ? -14.356 2.144   -7.251  1.00 43.85 ? 53  GLN A CD  1 
ATOM   419 O OE1 . GLN A 1 53  ? -14.767 1.904   -8.387  1.00 46.61 ? 53  GLN A OE1 1 
ATOM   420 N NE2 . GLN A 1 53  ? -15.169 2.402   -6.233  1.00 45.82 ? 53  GLN A NE2 1 
ATOM   421 N N   . GLU A 1 54  ? -8.867  -0.613  -7.822  1.00 29.96 ? 54  GLU A N   1 
ATOM   422 C CA  . GLU A 1 54  ? -8.264  -1.922  -8.051  1.00 29.39 ? 54  GLU A CA  1 
ATOM   423 C C   . GLU A 1 54  ? -7.687  -2.510  -6.768  1.00 26.31 ? 54  GLU A C   1 
ATOM   424 O O   . GLU A 1 54  ? -7.562  -3.728  -6.637  1.00 26.34 ? 54  GLU A O   1 
ATOM   425 C CB  . GLU A 1 54  ? -7.153  -1.823  -9.095  1.00 30.55 ? 54  GLU A CB  1 
ATOM   426 C CG  . GLU A 1 54  ? -7.578  -1.163  -10.390 1.00 33.73 ? 54  GLU A CG  1 
ATOM   427 C CD  . GLU A 1 54  ? -6.516  -1.268  -11.452 1.00 35.40 ? 54  GLU A CD  1 
ATOM   428 O OE1 . GLU A 1 54  ? -5.327  -1.072  -11.119 1.00 31.93 ? 54  GLU A OE1 1 
ATOM   429 O OE2 . GLU A 1 54  ? -6.870  -1.540  -12.618 1.00 40.07 ? 54  GLU A OE2 1 
ATOM   430 N N   . VAL A 1 55  ? -7.335  -1.643  -5.822  1.00 24.37 ? 55  VAL A N   1 
ATOM   431 C CA  . VAL A 1 55  ? -6.754  -2.088  -4.559  1.00 21.31 ? 55  VAL A CA  1 
ATOM   432 C C   . VAL A 1 55  ? -7.515  -1.506  -3.369  1.00 22.12 ? 55  VAL A C   1 
ATOM   433 O O   . VAL A 1 55  ? -8.231  -0.514  -3.510  1.00 20.34 ? 55  VAL A O   1 
ATOM   434 C CB  . VAL A 1 55  ? -5.271  -1.670  -4.468  1.00 21.17 ? 55  VAL A CB  1 
ATOM   435 C CG1 . VAL A 1 55  ? -4.505  -2.206  -5.683  1.00 21.82 ? 55  VAL A CG1 1 
ATOM   436 C CG2 . VAL A 1 55  ? -5.159  -0.151  -4.401  1.00 20.42 ? 55  VAL A CG2 1 
ATOM   437 N N   . ILE A 1 56  ? -7.362  -2.120  -2.198  1.00 19.07 ? 56  ILE A N   1 
ATOM   438 C CA  . ILE A 1 56  ? -8.053  -1.638  -1.005  1.00 21.38 ? 56  ILE A CA  1 
ATOM   439 C C   . ILE A 1 56  ? -7.796  -0.148  -0.796  1.00 21.99 ? 56  ILE A C   1 
ATOM   440 O O   . ILE A 1 56  ? -6.716  0.353   -1.110  1.00 21.69 ? 56  ILE A O   1 
ATOM   441 C CB  . ILE A 1 56  ? -7.631  -2.432  0.264   1.00 21.56 ? 56  ILE A CB  1 
ATOM   442 C CG1 . ILE A 1 56  ? -6.107  -2.461  0.403   1.00 21.49 ? 56  ILE A CG1 1 
ATOM   443 C CG2 . ILE A 1 56  ? -8.179  -3.853  0.178   1.00 21.60 ? 56  ILE A CG2 1 
ATOM   444 C CD1 . ILE A 1 56  ? -5.623  -3.145  1.674   1.00 21.07 ? 56  ILE A CD1 1 
ATOM   445 N N   . LYS A 1 57  ? -8.796  0.551   -0.265  1.00 20.69 ? 57  LYS A N   1 
ATOM   446 C CA  . LYS A 1 57  ? -8.705  1.995   -0.044  1.00 23.73 ? 57  LYS A CA  1 
ATOM   447 C C   . LYS A 1 57  ? -7.454  2.480   0.666   1.00 22.25 ? 57  LYS A C   1 
ATOM   448 O O   . LYS A 1 57  ? -6.832  3.452   0.238   1.00 18.72 ? 57  LYS A O   1 
ATOM   449 C CB  . LYS A 1 57  ? -9.932  2.497   0.724   1.00 26.33 ? 57  LYS A CB  1 
ATOM   450 C CG  . LYS A 1 57  ? -11.188 2.592   -0.115  1.00 33.82 ? 57  LYS A CG  1 
ATOM   451 C CD  . LYS A 1 57  ? -12.310 3.281   0.655   1.00 37.67 ? 57  LYS A CD  1 
ATOM   452 C CE  . LYS A 1 57  ? -13.533 3.500   -0.225  1.00 41.24 ? 57  LYS A CE  1 
ATOM   453 N NZ  . LYS A 1 57  ? -14.638 4.186   0.513   1.00 42.10 ? 57  LYS A NZ  1 
ATOM   454 N N   . GLY A 1 58  ? -7.102  1.814   1.761   1.00 21.93 ? 58  GLY A N   1 
ATOM   455 C CA  . GLY A 1 58  ? -5.934  2.210   2.521   1.00 20.22 ? 58  GLY A CA  1 
ATOM   456 C C   . GLY A 1 58  ? -4.625  2.193   1.754   1.00 20.26 ? 58  GLY A C   1 
ATOM   457 O O   . GLY A 1 58  ? -3.765  3.054   1.958   1.00 19.69 ? 58  GLY A O   1 
ATOM   458 N N   . PHE A 1 59  ? -4.464  1.213   0.874   1.00 20.82 ? 59  PHE A N   1 
ATOM   459 C CA  . PHE A 1 59  ? -3.244  1.090   0.092   1.00 19.90 ? 59  PHE A CA  1 
ATOM   460 C C   . PHE A 1 59  ? -3.194  2.216   -0.937  1.00 21.79 ? 59  PHE A C   1 
ATOM   461 O O   . PHE A 1 59  ? -2.166  2.875   -1.099  1.00 20.75 ? 59  PHE A O   1 
ATOM   462 C CB  . PHE A 1 59  ? -3.207  -0.286  -0.583  1.00 20.03 ? 59  PHE A CB  1 
ATOM   463 C CG  . PHE A 1 59  ? -1.866  -0.646  -1.179  1.00 20.07 ? 59  PHE A CG  1 
ATOM   464 C CD1 . PHE A 1 59  ? -1.496  -0.171  -2.437  1.00 18.57 ? 59  PHE A CD1 1 
ATOM   465 C CD2 . PHE A 1 59  ? -0.990  -1.484  -0.493  1.00 18.70 ? 59  PHE A CD2 1 
ATOM   466 C CE1 . PHE A 1 59  ? -0.275  -0.528  -3.007  1.00 18.79 ? 59  PHE A CE1 1 
ATOM   467 C CE2 . PHE A 1 59  ? 0.238   -1.849  -1.050  1.00 21.14 ? 59  PHE A CE2 1 
ATOM   468 C CZ  . PHE A 1 59  ? 0.598   -1.371  -2.313  1.00 19.26 ? 59  PHE A CZ  1 
ATOM   469 N N   . GLU A 1 60  ? -4.314  2.460   -1.611  1.00 21.03 ? 60  GLU A N   1 
ATOM   470 C CA  . GLU A 1 60  ? -4.359  3.519   -2.610  1.00 21.68 ? 60  GLU A CA  1 
ATOM   471 C C   . GLU A 1 60  ? -4.247  4.907   -1.980  1.00 21.07 ? 60  GLU A C   1 
ATOM   472 O O   . GLU A 1 60  ? -3.545  5.768   -2.498  1.00 19.63 ? 60  GLU A O   1 
ATOM   473 C CB  . GLU A 1 60  ? -5.645  3.447   -3.439  1.00 24.26 ? 60  GLU A CB  1 
ATOM   474 C CG  . GLU A 1 60  ? -5.549  4.295   -4.704  1.00 30.58 ? 60  GLU A CG  1 
ATOM   475 C CD  . GLU A 1 60  ? -6.787  4.235   -5.567  1.00 33.80 ? 60  GLU A CD  1 
ATOM   476 O OE1 . GLU A 1 60  ? -7.403  3.151   -5.657  1.00 35.75 ? 60  GLU A OE1 1 
ATOM   477 O OE2 . GLU A 1 60  ? -7.131  5.273   -6.175  1.00 36.85 ? 60  GLU A OE2 1 
ATOM   478 N N   . GLU A 1 61  ? -4.943  5.131   -0.868  1.00 21.10 ? 61  GLU A N   1 
ATOM   479 C CA  . GLU A 1 61  ? -4.876  6.432   -0.212  1.00 22.22 ? 61  GLU A CA  1 
ATOM   480 C C   . GLU A 1 61  ? -3.463  6.694   0.298   1.00 21.15 ? 61  GLU A C   1 
ATOM   481 O O   . GLU A 1 61  ? -3.004  7.837   0.328   1.00 19.48 ? 61  GLU A O   1 
ATOM   482 C CB  . GLU A 1 61  ? -5.876  6.504   0.944   1.00 23.93 ? 61  GLU A CB  1 
ATOM   483 C CG  . GLU A 1 61  ? -7.318  6.328   0.502   1.00 27.09 ? 61  GLU A CG  1 
ATOM   484 C CD  . GLU A 1 61  ? -8.301  6.478   1.642   1.00 31.12 ? 61  GLU A CD  1 
ATOM   485 O OE1 . GLU A 1 61  ? -7.917  6.205   2.800   1.00 33.98 ? 61  GLU A OE1 1 
ATOM   486 O OE2 . GLU A 1 61  ? -9.462  6.852   1.377   1.00 32.43 ? 61  GLU A OE2 1 
ATOM   487 N N   . GLY A 1 62  ? -2.775  5.633   0.701   1.00 20.13 ? 62  GLY A N   1 
ATOM   488 C CA  . GLY A 1 62  ? -1.417  5.794   1.179   1.00 19.21 ? 62  GLY A CA  1 
ATOM   489 C C   . GLY A 1 62  ? -0.516  6.224   0.032   1.00 19.79 ? 62  GLY A C   1 
ATOM   490 O O   . GLY A 1 62  ? 0.226   7.204   0.133   1.00 19.40 ? 62  GLY A O   1 
ATOM   491 N N   . ALA A 1 63  ? -0.598  5.493   -1.074  1.00 19.96 ? 63  ALA A N   1 
ATOM   492 C CA  . ALA A 1 63  ? 0.218   5.784   -2.246  1.00 21.46 ? 63  ALA A CA  1 
ATOM   493 C C   . ALA A 1 63  ? -0.075  7.163   -2.816  1.00 21.90 ? 63  ALA A C   1 
ATOM   494 O O   . ALA A 1 63  ? 0.835   7.872   -3.254  1.00 20.84 ? 63  ALA A O   1 
ATOM   495 C CB  . ALA A 1 63  ? -0.017  4.724   -3.313  1.00 22.06 ? 63  ALA A CB  1 
ATOM   496 N N   . ALA A 1 64  ? -1.351  7.539   -2.814  1.00 21.50 ? 64  ALA A N   1 
ATOM   497 C CA  . ALA A 1 64  ? -1.765  8.826   -3.352  1.00 22.29 ? 64  ALA A CA  1 
ATOM   498 C C   . ALA A 1 64  ? -1.102  10.008  -2.649  1.00 22.31 ? 64  ALA A C   1 
ATOM   499 O O   . ALA A 1 64  ? -0.884  11.052  -3.266  1.00 22.97 ? 64  ALA A O   1 
ATOM   500 C CB  . ALA A 1 64  ? -3.285  8.956   -3.283  1.00 21.24 ? 64  ALA A CB  1 
ATOM   501 N N   . GLN A 1 65  ? -0.769  9.851   -1.370  1.00 21.33 ? 65  GLN A N   1 
ATOM   502 C CA  . GLN A 1 65  ? -0.140  10.948  -0.632  1.00 20.83 ? 65  GLN A CA  1 
ATOM   503 C C   . GLN A 1 65  ? 1.379   10.844  -0.536  1.00 20.04 ? 65  GLN A C   1 
ATOM   504 O O   . GLN A 1 65  ? 2.010   11.559  0.247   1.00 18.30 ? 65  GLN A O   1 
ATOM   505 C CB  . GLN A 1 65  ? -0.738  11.056  0.773   1.00 21.57 ? 65  GLN A CB  1 
ATOM   506 C CG  . GLN A 1 65  ? -0.524  9.839   1.646   1.00 20.71 ? 65  GLN A CG  1 
ATOM   507 C CD  . GLN A 1 65  ? -1.220  9.976   2.982   1.00 20.74 ? 65  GLN A CD  1 
ATOM   508 O OE1 . GLN A 1 65  ? -0.780  10.730  3.855   1.00 22.56 ? 65  GLN A OE1 1 
ATOM   509 N NE2 . GLN A 1 65  ? -2.321  9.264   3.144   1.00 17.76 ? 65  GLN A NE2 1 
ATOM   510 N N   . MET A 1 66  ? 1.959   9.953   -1.331  1.00 20.62 ? 66  MET A N   1 
ATOM   511 C CA  . MET A 1 66  ? 3.407   9.761   -1.351  1.00 20.97 ? 66  MET A CA  1 
ATOM   512 C C   . MET A 1 66  ? 3.988   10.372  -2.624  1.00 21.12 ? 66  MET A C   1 
ATOM   513 O O   . MET A 1 66  ? 3.339   10.365  -3.669  1.00 21.92 ? 66  MET A O   1 
ATOM   514 C CB  . MET A 1 66  ? 3.741   8.268   -1.301  1.00 18.59 ? 66  MET A CB  1 
ATOM   515 C CG  . MET A 1 66  ? 3.415   7.610   0.041   1.00 20.26 ? 66  MET A CG  1 
ATOM   516 S SD  . MET A 1 66  ? 3.510   5.810   -0.024  1.00 21.86 ? 66  MET A SD  1 
ATOM   517 C CE  . MET A 1 66  ? 5.284   5.578   -0.254  1.00 19.73 ? 66  MET A CE  1 
ATOM   518 N N   . SER A 1 67  ? 5.202   10.905  -2.538  1.00 21.02 ? 67  SER A N   1 
ATOM   519 C CA  . SER A 1 67  ? 5.840   11.494  -3.711  1.00 21.45 ? 67  SER A CA  1 
ATOM   520 C C   . SER A 1 67  ? 6.806   10.483  -4.333  1.00 23.23 ? 67  SER A C   1 
ATOM   521 O O   . SER A 1 67  ? 7.185   9.494   -3.694  1.00 22.07 ? 67  SER A O   1 
ATOM   522 C CB  . SER A 1 67  ? 6.569   12.798  -3.344  1.00 21.90 ? 67  SER A CB  1 
ATOM   523 O OG  . SER A 1 67  ? 7.517   12.619  -2.305  1.00 22.30 ? 67  SER A OG  1 
ATOM   524 N N   . LEU A 1 68  ? 7.190   10.726  -5.583  1.00 23.68 ? 68  LEU A N   1 
ATOM   525 C CA  . LEU A 1 68  ? 8.085   9.822   -6.300  1.00 24.60 ? 68  LEU A CA  1 
ATOM   526 C C   . LEU A 1 68  ? 9.331   9.460   -5.502  1.00 22.07 ? 68  LEU A C   1 
ATOM   527 O O   . LEU A 1 68  ? 10.022  10.335  -4.985  1.00 20.07 ? 68  LEU A O   1 
ATOM   528 C CB  . LEU A 1 68  ? 8.498   10.439  -7.642  1.00 26.11 ? 68  LEU A CB  1 
ATOM   529 C CG  . LEU A 1 68  ? 9.290   9.521   -8.577  1.00 28.82 ? 68  LEU A CG  1 
ATOM   530 C CD1 . LEU A 1 68  ? 8.490   8.255   -8.860  1.00 28.11 ? 68  LEU A CD1 1 
ATOM   531 C CD2 . LEU A 1 68  ? 9.594   10.256  -9.878  1.00 31.25 ? 68  LEU A CD2 1 
ATOM   532 N N   . GLY A 1 69  ? 9.603   8.160   -5.404  1.00 23.27 ? 69  GLY A N   1 
ATOM   533 C CA  . GLY A 1 69  ? 10.767  7.682   -4.670  1.00 21.97 ? 69  GLY A CA  1 
ATOM   534 C C   . GLY A 1 69  ? 10.548  7.488   -3.178  1.00 22.75 ? 69  GLY A C   1 
ATOM   535 O O   . GLY A 1 69  ? 11.389  6.906   -2.489  1.00 21.67 ? 69  GLY A O   1 
ATOM   536 N N   . GLN A 1 70  ? 9.419   7.969   -2.666  1.00 20.88 ? 70  GLN A N   1 
ATOM   537 C CA  . GLN A 1 70  ? 9.147   7.833   -1.244  1.00 19.41 ? 70  GLN A CA  1 
ATOM   538 C C   . GLN A 1 70  ? 8.844   6.395   -0.864  1.00 19.21 ? 70  GLN A C   1 
ATOM   539 O O   . GLN A 1 70  ? 8.283   5.637   -1.657  1.00 19.64 ? 70  GLN A O   1 
ATOM   540 C CB  . GLN A 1 70  ? 7.958   8.709   -0.831  1.00 19.77 ? 70  GLN A CB  1 
ATOM   541 C CG  . GLN A 1 70  ? 7.741   8.772   0.672   1.00 21.48 ? 70  GLN A CG  1 
ATOM   542 C CD  . GLN A 1 70  ? 6.565   9.665   1.057   1.00 24.91 ? 70  GLN A CD  1 
ATOM   543 O OE1 . GLN A 1 70  ? 6.054   10.425  0.235   1.00 23.53 ? 70  GLN A OE1 1 
ATOM   544 N NE2 . GLN A 1 70  ? 6.144   9.581   2.317   1.00 21.19 ? 70  GLN A NE2 1 
ATOM   545 N N   . ARG A 1 71  ? 9.235   6.032   0.356   1.00 19.42 ? 71  ARG A N   1 
ATOM   546 C CA  . ARG A 1 71  ? 8.985   4.709   0.912   1.00 19.35 ? 71  ARG A CA  1 
ATOM   547 C C   . ARG A 1 71  ? 8.409   4.958   2.293   1.00 20.79 ? 71  ARG A C   1 
ATOM   548 O O   . ARG A 1 71  ? 8.934   5.772   3.059   1.00 20.84 ? 71  ARG A O   1 
ATOM   549 C CB  . ARG A 1 71  ? 10.279  3.900   1.039   1.00 20.74 ? 71  ARG A CB  1 
ATOM   550 C CG  . ARG A 1 71  ? 10.079  2.557   1.726   1.00 20.82 ? 71  ARG A CG  1 
ATOM   551 C CD  . ARG A 1 71  ? 11.383  1.776   1.791   1.00 25.86 ? 71  ARG A CD  1 
ATOM   552 N NE  . ARG A 1 71  ? 11.222  0.465   2.412   1.00 25.80 ? 71  ARG A NE  1 
ATOM   553 C CZ  . ARG A 1 71  ? 12.240  -0.343  2.704   1.00 29.62 ? 71  ARG A CZ  1 
ATOM   554 N NH1 . ARG A 1 71  ? 13.485  0.037   2.430   1.00 24.97 ? 71  ARG A NH1 1 
ATOM   555 N NH2 . ARG A 1 71  ? 12.019  -1.528  3.262   1.00 27.29 ? 71  ARG A NH2 1 
ATOM   556 N N   . ALA A 1 72  ? 7.328   4.265   2.623   1.00 18.48 ? 72  ALA A N   1 
ATOM   557 C CA  . ALA A 1 72  ? 6.716   4.486   3.912   1.00 18.42 ? 72  ALA A CA  1 
ATOM   558 C C   . ALA A 1 72  ? 5.999   3.267   4.448   1.00 19.65 ? 72  ALA A C   1 
ATOM   559 O O   . ALA A 1 72  ? 5.664   2.343   3.710   1.00 19.39 ? 72  ALA A O   1 
ATOM   560 C CB  . ALA A 1 72  ? 5.743   5.654   3.823   1.00 19.88 ? 72  ALA A CB  1 
ATOM   561 N N   . LYS A 1 73  ? 5.779   3.286   5.754   1.00 20.45 ? 73  LYS A N   1 
ATOM   562 C CA  . LYS A 1 73  ? 5.067   2.225   6.444   1.00 22.69 ? 73  LYS A CA  1 
ATOM   563 C C   . LYS A 1 73  ? 3.613   2.682   6.512   1.00 23.41 ? 73  LYS A C   1 
ATOM   564 O O   . LYS A 1 73  ? 3.321   3.755   7.051   1.00 23.05 ? 73  LYS A O   1 
ATOM   565 C CB  . LYS A 1 73  ? 5.630   2.066   7.858   1.00 21.40 ? 73  LYS A CB  1 
ATOM   566 C CG  . LYS A 1 73  ? 4.820   1.171   8.782   1.00 26.28 ? 73  LYS A CG  1 
ATOM   567 C CD  . LYS A 1 73  ? 5.371   1.255   10.203  1.00 30.90 ? 73  LYS A CD  1 
ATOM   568 C CE  . LYS A 1 73  ? 4.687   0.280   11.141  1.00 34.29 ? 73  LYS A CE  1 
ATOM   569 N NZ  . LYS A 1 73  ? 3.221   0.504   11.186  1.00 40.62 ? 73  LYS A NZ  1 
ATOM   570 N N   . LEU A 1 74  ? 2.699   1.894   5.949   1.00 23.59 ? 74  LEU A N   1 
ATOM   571 C CA  . LEU A 1 74  ? 1.291   2.268   5.991   1.00 22.99 ? 74  LEU A CA  1 
ATOM   572 C C   . LEU A 1 74  ? 0.560   1.382   6.985   1.00 23.35 ? 74  LEU A C   1 
ATOM   573 O O   . LEU A 1 74  ? 0.688   0.156   6.950   1.00 19.42 ? 74  LEU A O   1 
ATOM   574 C CB  . LEU A 1 74  ? 0.618   2.105   4.622   1.00 24.81 ? 74  LEU A CB  1 
ATOM   575 C CG  . LEU A 1 74  ? 1.334   2.426   3.309   1.00 29.27 ? 74  LEU A CG  1 
ATOM   576 C CD1 . LEU A 1 74  ? 0.296   2.455   2.198   1.00 26.10 ? 74  LEU A CD1 1 
ATOM   577 C CD2 . LEU A 1 74  ? 2.056   3.747   3.386   1.00 27.62 ? 74  LEU A CD2 1 
ATOM   578 N N   . THR A 1 75  ? -0.195  2.002   7.882   1.00 20.87 ? 75  THR A N   1 
ATOM   579 C CA  . THR A 1 75  ? -0.974  1.238   8.835   1.00 21.45 ? 75  THR A CA  1 
ATOM   580 C C   . THR A 1 75  ? -2.420  1.473   8.428   1.00 21.92 ? 75  THR A C   1 
ATOM   581 O O   . THR A 1 75  ? -2.916  2.601   8.480   1.00 22.70 ? 75  THR A O   1 
ATOM   582 C CB  . THR A 1 75  ? -0.741  1.713   10.276  1.00 20.72 ? 75  THR A CB  1 
ATOM   583 O OG1 . THR A 1 75  ? 0.659   1.626   10.582  1.00 22.76 ? 75  THR A OG1 1 
ATOM   584 C CG2 . THR A 1 75  ? -1.519  0.834   11.254  1.00 22.16 ? 75  THR A CG2 1 
ATOM   585 N N   . CYS A 1 76  ? -3.083  0.403   8.006   1.00 20.11 ? 76  CYS A N   1 
ATOM   586 C CA  . CYS A 1 76  ? -4.459  0.480   7.539   1.00 20.55 ? 76  CYS A CA  1 
ATOM   587 C C   . CYS A 1 76  ? -5.448  -0.227  8.460   1.00 21.10 ? 76  CYS A C   1 
ATOM   588 O O   . CYS A 1 76  ? -5.325  -1.427  8.710   1.00 19.82 ? 76  CYS A O   1 
ATOM   589 C CB  . CYS A 1 76  ? -4.559  -0.138  6.141   1.00 19.33 ? 76  CYS A CB  1 
ATOM   590 S SG  . CYS A 1 76  ? -3.335  0.474   4.935   1.00 23.83 ? 76  CYS A SG  1 
ATOM   591 N N   . THR A 1 77  ? -6.428  0.519   8.960   1.00 21.30 ? 77  THR A N   1 
ATOM   592 C CA  . THR A 1 77  ? -7.448  -0.069  9.820   1.00 21.38 ? 77  THR A CA  1 
ATOM   593 C C   . THR A 1 77  ? -8.354  -0.920  8.924   1.00 20.02 ? 77  THR A C   1 
ATOM   594 O O   . THR A 1 77  ? -8.388  -0.738  7.702   1.00 17.42 ? 77  THR A O   1 
ATOM   595 C CB  . THR A 1 77  ? -8.285  1.021   10.537  1.00 23.01 ? 77  THR A CB  1 
ATOM   596 O OG1 . THR A 1 77  ? -8.725  1.995   9.583   1.00 23.53 ? 77  THR A OG1 1 
ATOM   597 C CG2 . THR A 1 77  ? -7.453  1.708   11.615  1.00 24.53 ? 77  THR A CG2 1 
ATOM   598 N N   . PRO A 1 78  ? -9.096  -1.866  9.519   1.00 20.01 ? 78  PRO A N   1 
ATOM   599 C CA  . PRO A 1 78  ? -9.995  -2.747  8.766   1.00 20.96 ? 78  PRO A CA  1 
ATOM   600 C C   . PRO A 1 78  ? -10.934 -2.048  7.776   1.00 22.13 ? 78  PRO A C   1 
ATOM   601 O O   . PRO A 1 78  ? -11.111 -2.517  6.649   1.00 21.98 ? 78  PRO A O   1 
ATOM   602 C CB  . PRO A 1 78  ? -10.767 -3.475  9.865   1.00 20.33 ? 78  PRO A CB  1 
ATOM   603 C CG  . PRO A 1 78  ? -9.793  -3.511  11.000  1.00 21.77 ? 78  PRO A CG  1 
ATOM   604 C CD  . PRO A 1 78  ? -9.202  -2.123  10.968  1.00 19.39 ? 78  PRO A CD  1 
ATOM   605 N N   . ASP A 1 79  ? -11.530 -0.931  8.189   1.00 21.54 ? 79  ASP A N   1 
ATOM   606 C CA  . ASP A 1 79  ? -12.469 -0.221  7.322   1.00 22.62 ? 79  ASP A CA  1 
ATOM   607 C C   . ASP A 1 79  ? -11.871 0.253   5.994   1.00 23.73 ? 79  ASP A C   1 
ATOM   608 O O   . ASP A 1 79  ? -12.607 0.499   5.038   1.00 24.76 ? 79  ASP A O   1 
ATOM   609 C CB  . ASP A 1 79  ? -13.101 0.961   8.068   1.00 26.86 ? 79  ASP A CB  1 
ATOM   610 C CG  . ASP A 1 79  ? -12.075 1.932   8.585   1.00 26.44 ? 79  ASP A CG  1 
ATOM   611 O OD1 . ASP A 1 79  ? -11.206 1.511   9.371   1.00 35.25 ? 79  ASP A OD1 1 
ATOM   612 O OD2 . ASP A 1 79  ? -12.138 3.116   8.210   1.00 33.08 ? 79  ASP A OD2 1 
ATOM   613 N N   . VAL A 1 80  ? -10.547 0.394   5.933   1.00 21.14 ? 80  VAL A N   1 
ATOM   614 C CA  . VAL A 1 80  ? -9.896  0.797   4.689   1.00 18.82 ? 80  VAL A CA  1 
ATOM   615 C C   . VAL A 1 80  ? -9.055  -0.363  4.142   1.00 19.94 ? 80  VAL A C   1 
ATOM   616 O O   . VAL A 1 80  ? -8.148  -0.166  3.335   1.00 19.91 ? 80  VAL A O   1 
ATOM   617 C CB  . VAL A 1 80  ? -9.007  2.061   4.873   1.00 18.95 ? 80  VAL A CB  1 
ATOM   618 C CG1 . VAL A 1 80  ? -9.894  3.291   5.101   1.00 20.02 ? 80  VAL A CG1 1 
ATOM   619 C CG2 . VAL A 1 80  ? -8.048  1.873   6.041   1.00 20.01 ? 80  VAL A CG2 1 
ATOM   620 N N   . ALA A 1 81  ? -9.371  -1.575  4.598   1.00 18.30 ? 81  ALA A N   1 
ATOM   621 C CA  . ALA A 1 81  ? -8.688  -2.780  4.146   1.00 18.51 ? 81  ALA A CA  1 
ATOM   622 C C   . ALA A 1 81  ? -9.743  -3.825  3.762   1.00 19.93 ? 81  ALA A C   1 
ATOM   623 O O   . ALA A 1 81  ? -10.494 -3.621  2.805   1.00 20.27 ? 81  ALA A O   1 
ATOM   624 C CB  . ALA A 1 81  ? -7.769  -3.321  5.245   1.00 17.22 ? 81  ALA A CB  1 
ATOM   625 N N   . TYR A 1 82  ? -9.823  -4.921  4.512   1.00 19.09 ? 82  TYR A N   1 
ATOM   626 C CA  . TYR A 1 82  ? -10.793 -5.973  4.205   1.00 19.80 ? 82  TYR A CA  1 
ATOM   627 C C   . TYR A 1 82  ? -12.004 -6.039  5.142   1.00 21.00 ? 82  TYR A C   1 
ATOM   628 O O   . TYR A 1 82  ? -12.832 -6.948  5.042   1.00 20.16 ? 82  TYR A O   1 
ATOM   629 C CB  . TYR A 1 82  ? -10.067 -7.325  4.136   1.00 19.17 ? 82  TYR A CB  1 
ATOM   630 C CG  . TYR A 1 82  ? -9.069  -7.374  2.993   1.00 17.42 ? 82  TYR A CG  1 
ATOM   631 C CD1 . TYR A 1 82  ? -9.495  -7.565  1.676   1.00 20.59 ? 82  TYR A CD1 1 
ATOM   632 C CD2 . TYR A 1 82  ? -7.709  -7.158  3.218   1.00 19.89 ? 82  TYR A CD2 1 
ATOM   633 C CE1 . TYR A 1 82  ? -8.589  -7.532  0.608   1.00 19.47 ? 82  TYR A CE1 1 
ATOM   634 C CE2 . TYR A 1 82  ? -6.792  -7.128  2.158   1.00 18.83 ? 82  TYR A CE2 1 
ATOM   635 C CZ  . TYR A 1 82  ? -7.242  -7.311  0.858   1.00 20.46 ? 82  TYR A CZ  1 
ATOM   636 O OH  . TYR A 1 82  ? -6.348  -7.244  -0.186  1.00 19.34 ? 82  TYR A OH  1 
ATOM   637 N N   . GLY A 1 83  ? -12.099 -5.073  6.049   1.00 21.50 ? 83  GLY A N   1 
ATOM   638 C CA  . GLY A 1 83  ? -13.228 -4.999  6.964   1.00 22.55 ? 83  GLY A CA  1 
ATOM   639 C C   . GLY A 1 83  ? -13.587 -6.214  7.802   1.00 23.44 ? 83  GLY A C   1 
ATOM   640 O O   . GLY A 1 83  ? -12.723 -6.988  8.208   1.00 21.84 ? 83  GLY A O   1 
ATOM   641 N N   . ALA A 1 84  ? -14.882 -6.372  8.062   1.00 24.08 ? 84  ALA A N   1 
ATOM   642 C CA  . ALA A 1 84  ? -15.379 -7.476  8.877   1.00 26.30 ? 84  ALA A CA  1 
ATOM   643 C C   . ALA A 1 84  ? -15.336 -8.796  8.126   1.00 26.84 ? 84  ALA A C   1 
ATOM   644 O O   . ALA A 1 84  ? -15.356 -9.865  8.735   1.00 29.10 ? 84  ALA A O   1 
ATOM   645 C CB  . ALA A 1 84  ? -16.802 -7.188  9.329   1.00 25.16 ? 84  ALA A CB  1 
ATOM   646 N N   . THR A 1 85  ? -15.272 -8.712  6.803   1.00 26.60 ? 85  THR A N   1 
ATOM   647 C CA  . THR A 1 85  ? -15.240 -9.899  5.958   1.00 26.28 ? 85  THR A CA  1 
ATOM   648 C C   . THR A 1 85  ? -13.857 -10.529 5.868   1.00 25.12 ? 85  THR A C   1 
ATOM   649 O O   . THR A 1 85  ? -13.737 -11.753 5.815   1.00 27.04 ? 85  THR A O   1 
ATOM   650 C CB  . THR A 1 85  ? -15.695 -9.573  4.519   1.00 26.37 ? 85  THR A CB  1 
ATOM   651 O OG1 . THR A 1 85  ? -17.005 -9.001  4.549   1.00 27.14 ? 85  THR A OG1 1 
ATOM   652 C CG2 . THR A 1 85  ? -15.714 -10.838 3.663   1.00 29.82 ? 85  THR A CG2 1 
ATOM   653 N N   . GLY A 1 86  ? -12.821 -9.693  5.846   1.00 22.24 ? 86  GLY A N   1 
ATOM   654 C CA  . GLY A 1 86  ? -11.464 -10.193 5.723   1.00 22.11 ? 86  GLY A CA  1 
ATOM   655 C C   . GLY A 1 86  ? -11.262 -10.695 4.300   1.00 22.84 ? 86  GLY A C   1 
ATOM   656 O O   . GLY A 1 86  ? -12.146 -10.533 3.464   1.00 21.20 ? 86  GLY A O   1 
ATOM   657 N N   . HIS A 1 87  ? -10.101 -11.277 4.014   1.00 21.41 ? 87  HIS A N   1 
ATOM   658 C CA  . HIS A 1 87  ? -9.834  -11.826 2.685   1.00 22.94 ? 87  HIS A CA  1 
ATOM   659 C C   . HIS A 1 87  ? -9.722  -13.343 2.839   1.00 22.73 ? 87  HIS A C   1 
ATOM   660 O O   . HIS A 1 87  ? -8.821  -13.839 3.516   1.00 22.60 ? 87  HIS A O   1 
ATOM   661 C CB  . HIS A 1 87  ? -8.528  -11.269 2.110   1.00 20.43 ? 87  HIS A CB  1 
ATOM   662 C CG  . HIS A 1 87  ? -8.205  -11.795 0.747   1.00 21.01 ? 87  HIS A CG  1 
ATOM   663 N ND1 . HIS A 1 87  ? -8.895  -11.408 -0.383  1.00 19.70 ? 87  HIS A ND1 1 
ATOM   664 C CD2 . HIS A 1 87  ? -7.298  -12.712 0.340   1.00 18.36 ? 87  HIS A CD2 1 
ATOM   665 C CE1 . HIS A 1 87  ? -8.423  -12.064 -1.429  1.00 22.63 ? 87  HIS A CE1 1 
ATOM   666 N NE2 . HIS A 1 87  ? -7.454  -12.863 -1.018  1.00 20.48 ? 87  HIS A NE2 1 
ATOM   667 N N   . PRO A 1 88  ? -10.637 -14.097 2.207   1.00 22.39 ? 88  PRO A N   1 
ATOM   668 C CA  . PRO A 1 88  ? -10.655 -15.560 2.277   1.00 23.62 ? 88  PRO A CA  1 
ATOM   669 C C   . PRO A 1 88  ? -9.313  -16.268 2.404   1.00 22.00 ? 88  PRO A C   1 
ATOM   670 O O   . PRO A 1 88  ? -8.472  -16.198 1.507   1.00 21.79 ? 88  PRO A O   1 
ATOM   671 C CB  . PRO A 1 88  ? -11.405 -15.950 1.007   1.00 25.31 ? 88  PRO A CB  1 
ATOM   672 C CG  . PRO A 1 88  ? -12.464 -14.878 0.953   1.00 25.89 ? 88  PRO A CG  1 
ATOM   673 C CD  . PRO A 1 88  ? -11.661 -13.611 1.260   1.00 24.28 ? 88  PRO A CD  1 
ATOM   674 N N   . GLY A 1 89  ? -9.127  -16.938 3.539   1.00 21.50 ? 89  GLY A N   1 
ATOM   675 C CA  . GLY A 1 89  ? -7.917  -17.702 3.797   1.00 20.52 ? 89  GLY A CA  1 
ATOM   676 C C   . GLY A 1 89  ? -6.594  -16.978 3.976   1.00 22.58 ? 89  GLY A C   1 
ATOM   677 O O   . GLY A 1 89  ? -5.563  -17.631 4.112   1.00 20.78 ? 89  GLY A O   1 
ATOM   678 N N   . VAL A 1 90  ? -6.598  -15.648 3.990   1.00 22.69 ? 90  VAL A N   1 
ATOM   679 C CA  . VAL A 1 90  ? -5.349  -14.904 4.150   1.00 23.74 ? 90  VAL A CA  1 
ATOM   680 C C   . VAL A 1 90  ? -5.436  -13.801 5.209   1.00 22.18 ? 90  VAL A C   1 
ATOM   681 O O   . VAL A 1 90  ? -4.579  -13.704 6.090   1.00 21.12 ? 90  VAL A O   1 
ATOM   682 C CB  . VAL A 1 90  ? -4.910  -14.258 2.812   1.00 23.41 ? 90  VAL A CB  1 
ATOM   683 C CG1 . VAL A 1 90  ? -3.530  -13.643 2.962   1.00 24.74 ? 90  VAL A CG1 1 
ATOM   684 C CG2 . VAL A 1 90  ? -4.915  -15.302 1.702   1.00 26.03 ? 90  VAL A CG2 1 
ATOM   685 N N   . ILE A 1 91  ? -6.472  -12.972 5.111   1.00 19.69 ? 91  ILE A N   1 
ATOM   686 C CA  . ILE A 1 91  ? -6.676  -11.872 6.053   1.00 17.98 ? 91  ILE A CA  1 
ATOM   687 C C   . ILE A 1 91  ? -7.959  -12.121 6.846   1.00 19.36 ? 91  ILE A C   1 
ATOM   688 O O   . ILE A 1 91  ? -9.047  -12.212 6.270   1.00 18.53 ? 91  ILE A O   1 
ATOM   689 C CB  . ILE A 1 91  ? -6.851  -10.520 5.320   1.00 18.12 ? 91  ILE A CB  1 
ATOM   690 C CG1 . ILE A 1 91  ? -5.695  -10.287 4.336   1.00 14.95 ? 91  ILE A CG1 1 
ATOM   691 C CG2 . ILE A 1 91  ? -6.975  -9.384  6.351   1.00 15.89 ? 91  ILE A CG2 1 
ATOM   692 C CD1 . ILE A 1 91  ? -4.312  -10.207 4.980   1.00 19.64 ? 91  ILE A CD1 1 
ATOM   693 N N   . PRO A 1 92  ? -7.854  -12.229 8.182   1.00 19.33 ? 92  PRO A N   1 
ATOM   694 C CA  . PRO A 1 92  ? -9.054  -12.464 8.993   1.00 19.52 ? 92  PRO A CA  1 
ATOM   695 C C   . PRO A 1 92  ? -9.903  -11.214 9.182   1.00 20.32 ? 92  PRO A C   1 
ATOM   696 O O   . PRO A 1 92  ? -9.471  -10.101 8.871   1.00 18.75 ? 92  PRO A O   1 
ATOM   697 C CB  . PRO A 1 92  ? -8.480  -12.957 10.320  1.00 21.62 ? 92  PRO A CB  1 
ATOM   698 C CG  . PRO A 1 92  ? -7.195  -12.197 10.417  1.00 21.60 ? 92  PRO A CG  1 
ATOM   699 C CD  . PRO A 1 92  ? -6.637  -12.312 9.006   1.00 19.93 ? 92  PRO A CD  1 
ATOM   700 N N   . PRO A 1 93  ? -11.137 -11.387 9.683   1.00 20.50 ? 93  PRO A N   1 
ATOM   701 C CA  . PRO A 1 93  ? -12.036 -10.256 9.917   1.00 20.31 ? 93  PRO A CA  1 
ATOM   702 C C   . PRO A 1 93  ? -11.389 -9.240  10.867  1.00 21.72 ? 93  PRO A C   1 
ATOM   703 O O   . PRO A 1 93  ? -10.599 -9.612  11.743  1.00 21.40 ? 93  PRO A O   1 
ATOM   704 C CB  . PRO A 1 93  ? -13.258 -10.918 10.539  1.00 19.34 ? 93  PRO A CB  1 
ATOM   705 C CG  . PRO A 1 93  ? -13.292 -12.254 9.848   1.00 20.61 ? 93  PRO A CG  1 
ATOM   706 C CD  . PRO A 1 93  ? -11.841 -12.669 9.883   1.00 19.81 ? 93  PRO A CD  1 
ATOM   707 N N   . ASN A 1 94  ? -11.720 -7.965  10.670  1.00 21.31 ? 94  ASN A N   1 
ATOM   708 C CA  . ASN A 1 94  ? -11.224 -6.860  11.497  1.00 22.46 ? 94  ASN A CA  1 
ATOM   709 C C   . ASN A 1 94  ? -9.710  -6.770  11.621  1.00 22.16 ? 94  ASN A C   1 
ATOM   710 O O   . ASN A 1 94  ? -9.188  -6.432  12.686  1.00 22.96 ? 94  ASN A O   1 
ATOM   711 C CB  . ASN A 1 94  ? -11.813 -6.944  12.906  1.00 24.30 ? 94  ASN A CB  1 
ATOM   712 C CG  . ASN A 1 94  ? -11.881 -5.584  13.577  1.00 24.87 ? 94  ASN A CG  1 
ATOM   713 O OD1 . ASN A 1 94  ? -12.538 -4.678  13.073  1.00 27.26 ? 94  ASN A OD1 1 
ATOM   714 N ND2 . ASN A 1 94  ? -11.205 -5.435  14.707  1.00 23.42 ? 94  ASN A ND2 1 
ATOM   715 N N   . ALA A 1 95  ? -9.002  -7.042  10.538  1.00 20.93 ? 95  ALA A N   1 
ATOM   716 C CA  . ALA A 1 95  ? -7.556  -6.995  10.595  1.00 22.83 ? 95  ALA A CA  1 
ATOM   717 C C   . ALA A 1 95  ? -6.950  -5.663  10.189  1.00 21.74 ? 95  ALA A C   1 
ATOM   718 O O   . ALA A 1 95  ? -7.251  -5.126  9.119   1.00 21.64 ? 95  ALA A O   1 
ATOM   719 C CB  . ALA A 1 95  ? -6.965  -8.107  9.736   1.00 19.83 ? 95  ALA A CB  1 
ATOM   720 N N   . THR A 1 96  ? -6.104  -5.126  11.062  1.00 19.02 ? 96  THR A N   1 
ATOM   721 C CA  . THR A 1 96  ? -5.384  -3.897  10.757  1.00 19.66 ? 96  THR A CA  1 
ATOM   722 C C   . THR A 1 96  ? -4.151  -4.392  9.998   1.00 20.72 ? 96  THR A C   1 
ATOM   723 O O   . THR A 1 96  ? -3.456  -5.314  10.448  1.00 19.17 ? 96  THR A O   1 
ATOM   724 C CB  . THR A 1 96  ? -4.973  -3.151  12.047  1.00 20.68 ? 96  THR A CB  1 
ATOM   725 O OG1 . THR A 1 96  ? -6.141  -2.562  12.642  1.00 20.07 ? 96  THR A OG1 1 
ATOM   726 C CG2 . THR A 1 96  ? -3.947  -2.070  11.744  1.00 19.77 ? 96  THR A CG2 1 
ATOM   727 N N   . LEU A 1 97  ? -3.886  -3.797  8.841   1.00 20.31 ? 97  LEU A N   1 
ATOM   728 C CA  . LEU A 1 97  ? -2.763  -4.237  8.018   1.00 19.90 ? 97  LEU A CA  1 
ATOM   729 C C   . LEU A 1 97  ? -1.614  -3.250  7.953   1.00 19.98 ? 97  LEU A C   1 
ATOM   730 O O   . LEU A 1 97  ? -1.821  -2.036  7.964   1.00 19.00 ? 97  LEU A O   1 
ATOM   731 C CB  . LEU A 1 97  ? -3.261  -4.526  6.601   1.00 19.60 ? 97  LEU A CB  1 
ATOM   732 C CG  . LEU A 1 97  ? -4.475  -5.460  6.514   1.00 19.77 ? 97  LEU A CG  1 
ATOM   733 C CD1 . LEU A 1 97  ? -4.912  -5.611  5.064   1.00 18.17 ? 97  LEU A CD1 1 
ATOM   734 C CD2 . LEU A 1 97  ? -4.120  -6.814  7.118   1.00 16.79 ? 97  LEU A CD2 1 
ATOM   735 N N   . ILE A 1 98  ? -0.400  -3.784  7.878   1.00 18.08 ? 98  ILE A N   1 
ATOM   736 C CA  . ILE A 1 98  ? 0.795   -2.960  7.778   1.00 20.63 ? 98  ILE A CA  1 
ATOM   737 C C   . ILE A 1 98  ? 1.411   -3.214  6.416   1.00 22.25 ? 98  ILE A C   1 
ATOM   738 O O   . ILE A 1 98  ? 1.670   -4.366  6.065   1.00 21.63 ? 98  ILE A O   1 
ATOM   739 C CB  . ILE A 1 98  ? 1.856   -3.332  8.839   1.00 23.59 ? 98  ILE A CB  1 
ATOM   740 C CG1 . ILE A 1 98  ? 1.279   -3.194  10.249  1.00 24.55 ? 98  ILE A CG1 1 
ATOM   741 C CG2 . ILE A 1 98  ? 3.085   -2.440  8.659   1.00 23.94 ? 98  ILE A CG2 1 
ATOM   742 C CD1 . ILE A 1 98  ? 0.906   -1.778  10.628  1.00 27.19 ? 98  ILE A CD1 1 
ATOM   743 N N   . PHE A 1 99  ? 1.645   -2.143  5.659   1.00 20.50 ? 99  PHE A N   1 
ATOM   744 C CA  . PHE A 1 99  ? 2.243   -2.244  4.329   1.00 20.70 ? 99  PHE A CA  1 
ATOM   745 C C   . PHE A 1 99  ? 3.469   -1.344  4.209   1.00 22.56 ? 99  PHE A C   1 
ATOM   746 O O   . PHE A 1 99  ? 3.375   -0.137  4.434   1.00 24.37 ? 99  PHE A O   1 
ATOM   747 C CB  . PHE A 1 99  ? 1.244   -1.813  3.245   1.00 22.01 ? 99  PHE A CB  1 
ATOM   748 C CG  . PHE A 1 99  ? 0.211   -2.855  2.893   1.00 21.34 ? 99  PHE A CG  1 
ATOM   749 C CD1 . PHE A 1 99  ? 0.535   -3.921  2.056   1.00 20.88 ? 99  PHE A CD1 1 
ATOM   750 C CD2 . PHE A 1 99  ? -1.092  -2.744  3.363   1.00 19.93 ? 99  PHE A CD2 1 
ATOM   751 C CE1 . PHE A 1 99  ? -0.434  -4.860  1.690   1.00 22.75 ? 99  PHE A CE1 1 
ATOM   752 C CE2 . PHE A 1 99  ? -2.066  -3.673  3.007   1.00 22.13 ? 99  PHE A CE2 1 
ATOM   753 C CZ  . PHE A 1 99  ? -1.738  -4.734  2.167   1.00 20.89 ? 99  PHE A CZ  1 
ATOM   754 N N   . ASP A 1 100 ? 4.613   -1.935  3.868   1.00 20.69 ? 100 ASP A N   1 
ATOM   755 C CA  . ASP A 1 100 ? 5.854   -1.187  3.658   1.00 20.82 ? 100 ASP A CA  1 
ATOM   756 C C   . ASP A 1 100 ? 5.805   -0.944  2.152   1.00 19.65 ? 100 ASP A C   1 
ATOM   757 O O   . ASP A 1 100 ? 5.998   -1.874  1.369   1.00 20.04 ? 100 ASP A O   1 
ATOM   758 C CB  . ASP A 1 100 ? 7.071   -2.054  4.005   1.00 20.70 ? 100 ASP A CB  1 
ATOM   759 C CG  . ASP A 1 100 ? 8.395   -1.328  3.796   1.00 22.87 ? 100 ASP A CG  1 
ATOM   760 O OD1 . ASP A 1 100 ? 8.468   -0.427  2.929   1.00 20.43 ? 100 ASP A OD1 1 
ATOM   761 O OD2 . ASP A 1 100 ? 9.373   -1.679  4.491   1.00 24.10 ? 100 ASP A OD2 1 
ATOM   762 N N   . VAL A 1 101 ? 5.539   0.296   1.757   1.00 19.13 ? 101 VAL A N   1 
ATOM   763 C CA  . VAL A 1 101 ? 5.399   0.643   0.344   1.00 17.62 ? 101 VAL A CA  1 
ATOM   764 C C   . VAL A 1 101 ? 6.431   1.639   -0.179  1.00 19.43 ? 101 VAL A C   1 
ATOM   765 O O   . VAL A 1 101 ? 6.733   2.639   0.479   1.00 20.94 ? 101 VAL A O   1 
ATOM   766 C CB  . VAL A 1 101 ? 3.983   1.240   0.085   1.00 16.70 ? 101 VAL A CB  1 
ATOM   767 C CG1 . VAL A 1 101 ? 3.867   1.748   -1.354  1.00 19.20 ? 101 VAL A CG1 1 
ATOM   768 C CG2 . VAL A 1 101 ? 2.913   0.186   0.368   1.00 17.41 ? 101 VAL A CG2 1 
ATOM   769 N N   . GLU A 1 102 ? 6.960   1.364   -1.368  1.00 19.33 ? 102 GLU A N   1 
ATOM   770 C CA  . GLU A 1 102 ? 7.928   2.262   -1.999  1.00 20.93 ? 102 GLU A CA  1 
ATOM   771 C C   . GLU A 1 102 ? 7.418   2.653   -3.391  1.00 22.22 ? 102 GLU A C   1 
ATOM   772 O O   . GLU A 1 102 ? 7.241   1.793   -4.255  1.00 22.30 ? 102 GLU A O   1 
ATOM   773 C CB  . GLU A 1 102 ? 9.305   1.593   -2.125  1.00 19.78 ? 102 GLU A CB  1 
ATOM   774 C CG  . GLU A 1 102 ? 10.322  2.498   -2.819  1.00 25.08 ? 102 GLU A CG  1 
ATOM   775 C CD  . GLU A 1 102 ? 11.702  1.878   -2.962  1.00 29.11 ? 102 GLU A CD  1 
ATOM   776 O OE1 . GLU A 1 102 ? 11.844  0.650   -2.756  1.00 28.87 ? 102 GLU A OE1 1 
ATOM   777 O OE2 . GLU A 1 102 ? 12.644  2.630   -3.300  1.00 29.21 ? 102 GLU A OE2 1 
ATOM   778 N N   . LEU A 1 103 ? 7.167   3.950   -3.594  1.00 20.78 ? 103 LEU A N   1 
ATOM   779 C CA  . LEU A 1 103 ? 6.675   4.447   -4.875  1.00 21.06 ? 103 LEU A CA  1 
ATOM   780 C C   . LEU A 1 103 ? 7.866   4.599   -5.813  1.00 22.53 ? 103 LEU A C   1 
ATOM   781 O O   . LEU A 1 103 ? 8.553   5.619   -5.811  1.00 23.49 ? 103 LEU A O   1 
ATOM   782 C CB  . LEU A 1 103 ? 5.971   5.794   -4.691  1.00 20.29 ? 103 LEU A CB  1 
ATOM   783 C CG  . LEU A 1 103 ? 5.371   6.427   -5.951  1.00 21.28 ? 103 LEU A CG  1 
ATOM   784 C CD1 . LEU A 1 103 ? 4.383   5.472   -6.609  1.00 21.44 ? 103 LEU A CD1 1 
ATOM   785 C CD2 . LEU A 1 103 ? 4.687   7.728   -5.574  1.00 21.16 ? 103 LEU A CD2 1 
ATOM   786 N N   . LEU A 1 104 ? 8.088   3.572   -6.620  1.00 23.29 ? 104 LEU A N   1 
ATOM   787 C CA  . LEU A 1 104 ? 9.215   3.531   -7.542  1.00 25.79 ? 104 LEU A CA  1 
ATOM   788 C C   . LEU A 1 104 ? 9.082   4.387   -8.792  1.00 28.18 ? 104 LEU A C   1 
ATOM   789 O O   . LEU A 1 104 ? 10.025  5.076   -9.185  1.00 28.01 ? 104 LEU A O   1 
ATOM   790 C CB  . LEU A 1 104 ? 9.464   2.087   -7.960  1.00 24.09 ? 104 LEU A CB  1 
ATOM   791 C CG  . LEU A 1 104 ? 9.654   1.107   -6.801  1.00 23.61 ? 104 LEU A CG  1 
ATOM   792 C CD1 . LEU A 1 104 ? 9.539   -0.326  -7.315  1.00 23.87 ? 104 LEU A CD1 1 
ATOM   793 C CD2 . LEU A 1 104 ? 11.005  1.356   -6.149  1.00 23.52 ? 104 LEU A CD2 1 
ATOM   794 N N   . ASN A 1 105 ? 7.914   4.350   -9.420  1.00 28.71 ? 105 ASN A N   1 
ATOM   795 C CA  . ASN A 1 105 ? 7.729   5.105   -10.646 1.00 31.38 ? 105 ASN A CA  1 
ATOM   796 C C   . ASN A 1 105 ? 6.256   5.376   -10.898 1.00 32.38 ? 105 ASN A C   1 
ATOM   797 O O   . ASN A 1 105 ? 5.385   4.767   -10.272 1.00 31.29 ? 105 ASN A O   1 
ATOM   798 C CB  . ASN A 1 105 ? 8.330   4.296   -11.804 1.00 34.46 ? 105 ASN A CB  1 
ATOM   799 C CG  . ASN A 1 105 ? 8.465   5.098   -13.081 1.00 37.74 ? 105 ASN A CG  1 
ATOM   800 O OD1 . ASN A 1 105 ? 8.633   6.316   -13.051 1.00 37.87 ? 105 ASN A OD1 1 
ATOM   801 N ND2 . ASN A 1 105 ? 8.416   4.409   -14.216 1.00 39.75 ? 105 ASN A ND2 1 
ATOM   802 N N   . LEU A 1 106 ? 5.987   6.304   -11.810 1.00 31.19 ? 106 LEU A N   1 
ATOM   803 C CA  . LEU A 1 106 ? 4.626   6.661   -12.189 1.00 33.94 ? 106 LEU A CA  1 
ATOM   804 C C   . LEU A 1 106 ? 4.534   6.564   -13.707 1.00 35.94 ? 106 LEU A C   1 
ATOM   805 O O   . LEU A 1 106 ? 5.293   7.222   -14.420 1.00 36.95 ? 106 LEU A O   1 
ATOM   806 C CB  . LEU A 1 106 ? 4.302   8.082   -11.723 1.00 30.90 ? 106 LEU A CB  1 
ATOM   807 C CG  . LEU A 1 106 ? 4.000   8.196   -10.227 1.00 31.90 ? 106 LEU A CG  1 
ATOM   808 C CD1 . LEU A 1 106 ? 3.999   9.651   -9.793  1.00 28.04 ? 106 LEU A CD1 1 
ATOM   809 C CD2 . LEU A 1 106 ? 2.643   7.543   -9.947  1.00 27.29 ? 106 LEU A CD2 1 
ATOM   810 N N   . GLU A 1 107 ? 3.613   5.738   -14.198 1.00 37.42 ? 107 GLU A N   1 
ATOM   811 C CA  . GLU A 1 107 ? 3.451   5.546   -15.637 1.00 38.39 ? 107 GLU A CA  1 
ATOM   812 C C   . GLU A 1 107 ? 2.055   5.930   -16.120 1.00 39.13 ? 107 GLU A C   1 
ATOM   813 O O   . GLU A 1 107 ? 1.244   6.461   -15.364 1.00 40.22 ? 107 GLU A O   1 
ATOM   814 C CB  . GLU A 1 107 ? 3.727   4.086   -15.998 1.00 39.03 ? 107 GLU A CB  1 
ATOM   815 C CG  . GLU A 1 107 ? 4.957   3.505   -15.324 1.00 39.94 ? 107 GLU A CG  1 
ATOM   816 C CD  . GLU A 1 107 ? 5.182   2.048   -15.674 1.00 40.14 ? 107 GLU A CD  1 
ATOM   817 O OE1 . GLU A 1 107 ? 4.214   1.387   -16.100 1.00 41.34 ? 107 GLU A OE1 1 
ATOM   818 O OE2 . GLU A 1 107 ? 6.321   1.562   -15.509 1.00 41.01 ? 107 GLU A OE2 1 
HETATM 819 C C1  . RAP B 2 .   ? -5.089  -5.334  -2.588  1.00 21.31 ? 108 RAP A C1  1 
HETATM 820 O O1  . RAP B 2 .   ? -5.310  -6.555  -3.294  1.00 20.24 ? 108 RAP A O1  1 
HETATM 821 O O2  . RAP B 2 .   ? -5.880  -4.402  -2.771  1.00 19.71 ? 108 RAP A O2  1 
HETATM 822 C C2  . RAP B 2 .   ? -3.906  -5.158  -1.625  1.00 19.67 ? 108 RAP A C2  1 
HETATM 823 C C3  . RAP B 2 .   ? -3.140  -3.850  -1.888  1.00 18.83 ? 108 RAP A C3  1 
HETATM 824 C C4  . RAP B 2 .   ? -2.265  -3.868  -3.152  1.00 18.19 ? 108 RAP A C4  1 
HETATM 825 C C5  . RAP B 2 .   ? -1.309  -5.063  -3.085  1.00 22.38 ? 108 RAP A C5  1 
HETATM 826 C C6  . RAP B 2 .   ? -2.077  -6.354  -2.937  1.00 19.46 ? 108 RAP A C6  1 
HETATM 827 N N7  . RAP B 2 .   ? -2.894  -6.262  -1.679  1.00 18.33 ? 108 RAP A N7  1 
HETATM 828 C C8  . RAP B 2 .   ? -2.861  -7.194  -0.686  1.00 20.53 ? 108 RAP A C8  1 
HETATM 829 O O3  . RAP B 2 .   ? -3.699  -7.115  0.240   1.00 20.06 ? 108 RAP A O3  1 
HETATM 830 C C9  . RAP B 2 .   ? -1.925  -8.266  -0.639  1.00 20.28 ? 108 RAP A C9  1 
HETATM 831 O O4  . RAP B 2 .   ? -0.792  -8.061  -0.175  1.00 20.16 ? 108 RAP A O4  1 
HETATM 832 C C10 . RAP B 2 .   ? -2.280  -9.684  -1.154  1.00 19.31 ? 108 RAP A C10 1 
HETATM 833 O O5  . RAP B 2 .   ? -2.247  -9.586  -2.578  1.00 21.12 ? 108 RAP A O5  1 
HETATM 834 O O6  . RAP B 2 .   ? -1.274  -10.609 -0.702  1.00 20.17 ? 108 RAP A O6  1 
HETATM 835 C C11 . RAP B 2 .   ? -3.725  -10.198 -0.705  1.00 20.46 ? 108 RAP A C11 1 
HETATM 836 C C12 . RAP B 2 .   ? -4.071  -11.525 -1.426  1.00 22.03 ? 108 RAP A C12 1 
HETATM 837 C C13 . RAP B 2 .   ? -3.903  -11.356 -2.947  1.00 21.56 ? 108 RAP A C13 1 
HETATM 838 C C14 . RAP B 2 .   ? -2.545  -10.717 -3.371  1.00 21.96 ? 108 RAP A C14 1 
HETATM 839 C C15 . RAP B 2 .   ? -2.609  -10.247 -4.819  1.00 21.18 ? 108 RAP A C15 1 
HETATM 840 C C16 . RAP B 2 .   ? -2.662  -11.353 -5.887  1.00 22.45 ? 108 RAP A C16 1 
HETATM 841 O O7  . RAP B 2 .   ? -1.513  -12.156 -5.730  1.00 25.05 ? 108 RAP A O7  1 
HETATM 842 C C17 . RAP B 2 .   ? -2.702  -10.780 -7.307  1.00 21.14 ? 108 RAP A C17 1 
HETATM 843 C C18 . RAP B 2 .   ? -3.844  -10.907 -8.006  1.00 21.86 ? 108 RAP A C18 1 
HETATM 844 C C19 . RAP B 2 .   ? -4.073  -10.435 -9.390  1.00 22.45 ? 108 RAP A C19 1 
HETATM 845 C C20 . RAP B 2 .   ? -5.261  -10.623 -9.969  1.00 22.43 ? 108 RAP A C20 1 
HETATM 846 C C21 . RAP B 2 .   ? -5.505  -10.174 -11.359 1.00 21.98 ? 108 RAP A C21 1 
HETATM 847 C C22 . RAP B 2 .   ? -6.716  -9.955  -11.845 1.00 20.08 ? 108 RAP A C22 1 
HETATM 848 C C23 . RAP B 2 .   ? -6.972  -9.290  -13.200 1.00 22.65 ? 108 RAP A C23 1 
HETATM 849 C C24 . RAP B 2 .   ? -7.858  -8.049  -12.984 1.00 24.48 ? 108 RAP A C24 1 
HETATM 850 C C25 . RAP B 2 .   ? -7.459  -7.029  -11.915 1.00 25.52 ? 108 RAP A C25 1 
HETATM 851 C C26 . RAP B 2 .   ? -8.648  -6.147  -11.515 1.00 28.64 ? 108 RAP A C26 1 
HETATM 852 O O8  . RAP B 2 .   ? -8.899  -5.082  -12.093 1.00 28.60 ? 108 RAP A O8  1 
HETATM 853 C C27 . RAP B 2 .   ? -9.528  -6.658  -10.355 1.00 27.45 ? 108 RAP A C27 1 
HETATM 854 O O9  . RAP B 2 .   ? -10.808 -6.093  -10.478 1.00 27.70 ? 108 RAP A O9  1 
HETATM 855 C C28 . RAP B 2 .   ? -9.024  -6.274  -8.909  1.00 27.08 ? 108 RAP A C28 1 
HETATM 856 O O10 . RAP B 2 .   ? -8.675  -4.881  -8.913  1.00 26.97 ? 108 RAP A O10 1 
HETATM 857 C C29 . RAP B 2 .   ? -7.807  -7.112  -8.422  1.00 26.25 ? 108 RAP A C29 1 
HETATM 858 C C30 . RAP B 2 .   ? -6.575  -6.589  -8.249  1.00 23.23 ? 108 RAP A C30 1 
HETATM 859 C C31 . RAP B 2 .   ? -5.263  -7.246  -7.780  1.00 23.05 ? 108 RAP A C31 1 
HETATM 860 C C32 . RAP B 2 .   ? -4.994  -6.856  -6.318  1.00 22.21 ? 108 RAP A C32 1 
HETATM 861 O O11 . RAP B 2 .   ? -4.221  -5.945  -6.003  1.00 22.39 ? 108 RAP A O11 1 
HETATM 862 C C33 . RAP B 2 .   ? -5.753  -7.668  -5.265  1.00 21.77 ? 108 RAP A C33 1 
HETATM 863 C C34 . RAP B 2 .   ? -6.360  -6.775  -4.193  1.00 22.40 ? 108 RAP A C34 1 
HETATM 864 C C35 . RAP B 2 .   ? -7.560  -7.311  -3.356  1.00 22.98 ? 108 RAP A C35 1 
HETATM 865 C C36 . RAP B 2 .   ? -8.873  -7.280  -4.172  1.00 23.68 ? 108 RAP A C36 1 
HETATM 866 C C37 . RAP B 2 .   ? -9.445  -5.907  -4.587  1.00 25.42 ? 108 RAP A C37 1 
HETATM 867 C C38 . RAP B 2 .   ? -10.758 -6.100  -5.402  1.00 26.77 ? 108 RAP A C38 1 
HETATM 868 C C39 . RAP B 2 .   ? -11.427 -4.759  -5.856  1.00 29.54 ? 108 RAP A C39 1 
HETATM 869 O O12 . RAP B 2 .   ? -12.708 -5.051  -6.425  1.00 31.98 ? 108 RAP A O12 1 
HETATM 870 C C40 . RAP B 2 .   ? -11.587 -3.752  -4.628  1.00 29.88 ? 108 RAP A C40 1 
HETATM 871 O O13 . RAP B 2 .   ? -11.966 -2.471  -5.145  1.00 30.12 ? 108 RAP A O13 1 
HETATM 872 C C41 . RAP B 2 .   ? -10.278 -3.588  -3.791  1.00 27.69 ? 108 RAP A C41 1 
HETATM 873 C C42 . RAP B 2 .   ? -9.698  -4.952  -3.390  1.00 25.46 ? 108 RAP A C42 1 
HETATM 874 C C43 . RAP B 2 .   ? -3.890  -10.377 0.843   1.00 20.26 ? 108 RAP A C43 1 
HETATM 875 C C44 . RAP B 2 .   ? -1.387  -10.109 -7.803  1.00 19.32 ? 108 RAP A C44 1 
HETATM 876 C C45 . RAP B 2 .   ? -7.665  -10.276 -14.136 1.00 18.79 ? 108 RAP A C45 1 
HETATM 877 C C46 . RAP B 2 .   ? -6.280  -6.159  -12.394 1.00 29.47 ? 108 RAP A C46 1 
HETATM 878 C C47 . RAP B 2 .   ? -8.136  -8.581  -8.158  1.00 24.84 ? 108 RAP A C47 1 
HETATM 879 C C48 . RAP B 2 .   ? -4.107  -6.778  -8.693  1.00 22.22 ? 108 RAP A C48 1 
HETATM 880 C C49 . RAP B 2 .   ? -7.311  -8.723  -2.847  1.00 22.46 ? 108 RAP A C49 1 
HETATM 881 C C50 . RAP B 2 .   ? -1.618  -13.507 -6.068  1.00 27.70 ? 108 RAP A C50 1 
HETATM 882 C C51 . RAP B 2 .   ? -11.788 -6.910  -11.035 1.00 32.25 ? 108 RAP A C51 1 
HETATM 883 C C52 . RAP B 2 .   ? -13.694 -5.696  -5.660  1.00 37.61 ? 108 RAP A C52 1 
HETATM 884 O O   . HOH C 3 .   ? -4.647  10.059  0.129   1.00 18.92 ? 109 HOH A O   1 
HETATM 885 O O   . HOH C 3 .   ? -17.962 -5.196  5.207   1.00 44.52 ? 110 HOH A O   1 
HETATM 886 O O   . HOH C 3 .   ? -10.092 -7.294  16.409  1.00 29.72 ? 111 HOH A O   1 
HETATM 887 O O   . HOH C 3 .   ? 13.802  -9.590  -0.665  1.00 40.07 ? 113 HOH A O   1 
HETATM 888 O O   . HOH C 3 .   ? -12.205 -3.029  -0.852  1.00 39.31 ? 115 HOH A O   1 
HETATM 889 O O   . HOH C 3 .   ? -10.234 -7.800  7.545   1.00 19.77 ? 116 HOH A O   1 
HETATM 890 O O   . HOH C 3 .   ? 1.819   11.620  4.794   1.00 32.59 ? 117 HOH A O   1 
HETATM 891 O O   . HOH C 3 .   ? -8.334  -6.022  6.785   1.00 17.30 ? 118 HOH A O   1 
HETATM 892 O O   . HOH C 3 .   ? -8.216  -9.953  13.128  1.00 24.66 ? 119 HOH A O   1 
HETATM 893 O O   . HOH C 3 .   ? 14.899  8.592   -0.378  1.00 29.89 ? 120 HOH A O   1 
HETATM 894 O O   . HOH C 3 .   ? -4.063  3.587   10.667  1.00 27.49 ? 121 HOH A O   1 
HETATM 895 O O   . HOH C 3 .   ? 2.150   3.583   9.869   1.00 20.23 ? 122 HOH A O   1 
HETATM 896 O O   . HOH C 3 .   ? 6.312   13.161  0.145   1.00 22.52 ? 123 HOH A O   1 
HETATM 897 O O   . HOH C 3 .   ? 12.589  10.575  -5.882  1.00 44.07 ? 124 HOH A O   1 
HETATM 898 O O   . HOH C 3 .   ? -15.806 -13.629 6.546   1.00 49.07 ? 125 HOH A O   1 
HETATM 899 O O   . HOH C 3 .   ? 13.930  6.444   -1.807  1.00 37.24 ? 126 HOH A O   1 
HETATM 900 O O   . HOH C 3 .   ? 9.641   -4.313  4.097   1.00 29.15 ? 127 HOH A O   1 
HETATM 901 O O   . HOH C 3 .   ? 12.172  -4.798  3.300   1.00 33.96 ? 129 HOH A O   1 
HETATM 902 O O   . HOH C 3 .   ? 14.379  3.011   1.167   1.00 27.90 ? 130 HOH A O   1 
HETATM 903 O O   . HOH C 3 .   ? -14.049 -2.427  9.093   1.00 26.26 ? 131 HOH A O   1 
HETATM 904 O O   . HOH C 3 .   ? 1.631   0.989   13.118  1.00 23.82 ? 133 HOH A O   1 
HETATM 905 O O   . HOH C 3 .   ? 8.833   12.516  1.307   1.00 25.80 ? 135 HOH A O   1 
HETATM 906 O O   . HOH C 3 .   ? 1.600   -5.552  -11.290 1.00 36.73 ? 136 HOH A O   1 
HETATM 907 O O   . HOH C 3 .   ? -12.728 -13.567 4.221   1.00 33.71 ? 137 HOH A O   1 
HETATM 908 O O   . HOH C 3 .   ? -12.903 -0.466  11.257  1.00 38.92 ? 138 HOH A O   1 
HETATM 909 O O   . HOH C 3 .   ? -15.716 -2.043  7.165   1.00 35.96 ? 139 HOH A O   1 
HETATM 910 O O   . HOH C 3 .   ? -7.507  -7.912  15.059  1.00 27.80 ? 140 HOH A O   1 
HETATM 911 O O   . HOH C 3 .   ? -11.105 5.235   9.054   1.00 32.44 ? 141 HOH A O   1 
HETATM 912 O O   . HOH C 3 .   ? -0.313  9.634   8.315   1.00 32.58 ? 142 HOH A O   1 
HETATM 913 O O   . HOH C 3 .   ? -7.014  10.342  1.564   1.00 31.75 ? 143 HOH A O   1 
HETATM 914 O O   . HOH C 3 .   ? -1.750  -8.837  -11.213 1.00 43.62 ? 144 HOH A O   1 
HETATM 915 O O   . HOH C 3 .   ? -3.867  9.355   5.434   1.00 27.30 ? 145 HOH A O   1 
HETATM 916 O O   . HOH C 3 .   ? -1.769  11.054  6.415   1.00 29.65 ? 146 HOH A O   1 
HETATM 917 O O   . HOH C 3 .   ? 2.781   -1.577  14.725  1.00 47.83 ? 147 HOH A O   1 
HETATM 918 O O   . HOH C 3 .   ? -7.985  -4.225  13.847  1.00 22.19 ? 148 HOH A O   1 
HETATM 919 O O   . HOH C 3 .   ? -0.177  -14.996 1.853   1.00 34.99 ? 149 HOH A O   1 
HETATM 920 O O   . HOH C 3 .   ? 3.357   19.210  -4.984  1.00 39.23 ? 150 HOH A O   1 
HETATM 921 O O   . HOH C 3 .   ? 0.703   -14.009 -2.269  1.00 57.45 ? 151 HOH A O   1 
HETATM 922 O O   . HOH C 3 .   ? -12.586 -2.078  13.434  1.00 40.93 ? 152 HOH A O   1 
HETATM 923 O O   . HOH C 3 .   ? -16.988 -11.253 10.272  1.00 26.76 ? 153 HOH A O   1 
HETATM 924 O O   . HOH C 3 .   ? 12.435  -7.253  1.810   1.00 27.14 ? 154 HOH A O   1 
HETATM 925 O O   . HOH C 3 .   ? -12.076 -3.666  16.763  1.00 36.16 ? 155 HOH A O   1 
HETATM 926 O O   . HOH C 3 .   ? 8.814   12.293  3.874   1.00 39.37 ? 156 HOH A O   1 
HETATM 927 O O   . HOH C 3 .   ? 16.902  9.561   -1.863  1.00 48.47 ? 157 HOH A O   1 
HETATM 928 O O   . HOH C 3 .   ? -16.780 -4.592  7.149   1.00 32.04 ? 158 HOH A O   1 
HETATM 929 O O   . HOH C 3 .   ? 11.596  -0.878  -0.700  1.00 44.54 ? 159 HOH A O   1 
HETATM 930 O O   . HOH C 3 .   ? -5.912  -0.460  14.283  1.00 29.84 ? 160 HOH A O   1 
HETATM 931 O O   . HOH C 3 .   ? -9.636  -2.171  14.461  1.00 32.64 ? 161 HOH A O   1 
HETATM 932 O O   . HOH C 3 .   ? -15.995 -6.525  4.828   1.00 37.81 ? 162 HOH A O   1 
HETATM 933 O O   . HOH C 3 .   ? -0.043  -7.203  -10.682 1.00 41.79 ? 163 HOH A O   1 
HETATM 934 O O   . HOH C 3 .   ? 12.137  4.900   -4.935  1.00 37.80 ? 164 HOH A O   1 
HETATM 935 O O   . HOH C 3 .   ? 1.058   -11.519 -4.675  1.00 30.30 ? 165 HOH A O   1 
HETATM 936 O O   . HOH C 3 .   ? 7.223   16.363  1.435   1.00 43.08 ? 166 HOH A O   1 
HETATM 937 O O   . HOH C 3 .   ? -10.391 7.055   6.079   1.00 36.57 ? 167 HOH A O   1 
HETATM 938 O O   . HOH C 3 .   ? 14.512  -3.445  2.291   1.00 46.81 ? 168 HOH A O   1 
HETATM 939 O O   . HOH C 3 .   ? 6.511   10.495  8.451   1.00 35.25 ? 170 HOH A O   1 
HETATM 940 O O   . HOH C 3 .   ? -3.107  -18.264 3.521   1.00 43.17 ? 171 HOH A O   1 
HETATM 941 O O   . HOH C 3 .   ? 2.844   -14.569 -1.012  1.00 56.11 ? 172 HOH A O   1 
HETATM 942 O O   . HOH C 3 .   ? -6.143  5.429   11.270  1.00 35.34 ? 173 HOH A O   1 
HETATM 943 O O   . HOH C 3 .   ? -11.187 -14.422 6.156   1.00 41.56 ? 174 HOH A O   1 
HETATM 944 O O   . HOH C 3 .   ? -0.843  -16.145 4.354   1.00 36.06 ? 175 HOH A O   1 
HETATM 945 O O   . HOH C 3 .   ? -7.130  -3.600  -14.552 1.00 43.70 ? 176 HOH A O   1 
HETATM 946 O O   . HOH C 3 .   ? -7.158  1.564   -7.942  1.00 32.78 ? 177 HOH A O   1 
HETATM 947 O O   . HOH C 3 .   ? -1.887  -14.453 6.409   1.00 47.18 ? 178 HOH A O   1 
HETATM 948 O O   . HOH C 3 .   ? 15.820  -1.260  3.239   1.00 48.95 ? 179 HOH A O   1 
HETATM 949 O O   . HOH C 3 .   ? 0.988   -18.760 9.249   1.00 62.86 ? 180 HOH A O   1 
HETATM 950 O O   . HOH C 3 .   ? -14.481 -4.950  10.954  1.00 24.00 ? 181 HOH A O   1 
HETATM 951 O O   . HOH C 3 .   ? -5.223  -6.359  13.539  1.00 23.55 ? 182 HOH A O   1 
HETATM 952 O O   . HOH C 3 .   ? -10.718 -1.165  1.246   1.00 26.99 ? 184 HOH A O   1 
HETATM 953 O O   . HOH C 3 .   ? -11.009 -9.634  -0.921  1.00 29.49 ? 186 HOH A O   1 
HETATM 954 O O   . HOH C 3 .   ? -9.711  4.051   -6.692  1.00 32.81 ? 187 HOH A O   1 
HETATM 955 O O   . HOH C 3 .   ? 9.844   -8.027  1.907   1.00 33.54 ? 188 HOH A O   1 
HETATM 956 O O   . HOH C 3 .   ? -0.557  -13.714 12.020  1.00 37.02 ? 190 HOH A O   1 
HETATM 957 O O   . HOH C 3 .   ? 12.023  15.806  -0.595  1.00 53.20 ? 191 HOH A O   1 
HETATM 958 O O   . HOH C 3 .   ? 13.644  -2.254  -7.085  1.00 40.60 ? 192 HOH A O   1 
HETATM 959 O O   . HOH C 3 .   ? 16.291  0.746   1.091   1.00 46.31 ? 193 HOH A O   1 
HETATM 960 O O   . HOH C 3 .   ? 3.607   11.310  2.350   1.00 45.79 ? 195 HOH A O   1 
HETATM 961 O O   . HOH C 3 .   ? -6.741  7.973   6.903   1.00 37.00 ? 196 HOH A O   1 
HETATM 962 O O   . HOH C 3 .   ? 0.700   -17.310 -0.963  1.00 51.79 ? 198 HOH A O   1 
HETATM 963 O O   . HOH C 3 .   ? -1.212  -13.441 -0.221  1.00 42.63 ? 199 HOH A O   1 
HETATM 964 O O   . HOH C 3 .   ? -0.909  -1.051  14.583  1.00 42.47 ? 200 HOH A O   1 
HETATM 965 O O   . HOH C 3 .   ? 4.218   -17.376 9.011   1.00 63.47 ? 201 HOH A O   1 
HETATM 966 O O   . HOH C 3 .   ? -4.614  1.897   13.545  1.00 49.98 ? 203 HOH A O   1 
HETATM 967 O O   . HOH C 3 .   ? -17.129 -0.167  8.218   1.00 41.33 ? 204 HOH A O   1 
HETATM 968 O O   . HOH C 3 .   ? -8.496  7.840   10.226  1.00 57.51 ? 205 HOH A O   1 
HETATM 969 O O   . HOH C 3 .   ? -14.952 -1.701  14.139  1.00 41.76 ? 206 HOH A O   1 
HETATM 970 O O   . HOH C 3 .   ? 18.590  1.040   -0.862  1.00 43.26 ? 210 HOH A O   1 
HETATM 971 O O   . HOH C 3 .   ? -2.642  0.852   14.837  1.00 44.81 ? 213 HOH A O   1 
HETATM 972 O O   . HOH C 3 .   ? -9.588  -16.234 6.920   1.00 49.46 ? 215 HOH A O   1 
HETATM 973 O O   . HOH C 3 .   ? -4.589  11.364  -7.273  1.00 52.43 ? 219 HOH A O   1 
HETATM 974 O O   . HOH C 3 .   ? 4.107   -14.829 2.520   1.00 63.12 ? 220 HOH A O   1 
HETATM 975 O O   . HOH C 3 .   ? -12.455 0.192   -12.708 1.00 45.48 ? 222 HOH A O   1 
HETATM 976 O O   . HOH C 3 .   ? 6.737   17.026  -10.515 1.00 41.80 ? 223 HOH A O   1 
HETATM 977 O O   . HOH C 3 .   ? 9.458   -10.394 3.232   1.00 33.98 ? 226 HOH A O   1 
HETATM 978 O O   . HOH C 3 .   ? 4.512   -8.490  13.305  1.00 70.59 ? 227 HOH A O   1 
HETATM 979 O O   . HOH C 3 .   ? 14.303  12.655  -3.951  1.00 50.54 ? 233 HOH A O   1 
HETATM 980 O O   . HOH C 3 .   ? 10.170  14.997  0.921   1.00 49.31 ? 234 HOH A O   1 
HETATM 981 O O   . HOH C 3 .   ? 7.983   8.688   -12.942 1.00 52.52 ? 235 HOH A O   1 
HETATM 982 O O   . HOH C 3 .   ? 7.464   11.279  -13.043 1.00 54.68 ? 239 HOH A O   1 
HETATM 983 O O   . HOH C 3 .   ? -13.676 3.878   5.757   1.00 50.56 ? 245 HOH A O   1 
HETATM 984 O O   . HOH C 3 .   ? -12.525 -6.451  -1.941  1.00 72.41 ? 257 HOH A O   1 
# 
